data_9KJ6
#
_entry.id   9KJ6
#
_cell.length_a   88.550
_cell.length_b   146.850
_cell.length_c   222.360
_cell.angle_alpha   90.000
_cell.angle_beta   90.000
_cell.angle_gamma   90.000
#
_symmetry.space_group_name_H-M   'P 21 21 21'
#
loop_
_entity.id
_entity.type
_entity.pdbx_description
1 polymer 'CRISPR-associated endonuclease Cas9/Csn1'
2 polymer 'single-guide RNA'
3 polymer 'Target Strand of double-stranded DNA'
4 polymer 'Non-target Strand of double-stranded DNA'
#
loop_
_entity_poly.entity_id
_entity_poly.type
_entity_poly.pdbx_seq_one_letter_code
_entity_poly.pdbx_strand_id
1 'polypeptide(L)'
;GAASMDKKYSIGLAIGTNSVGWAVITDEYKVPSKKFKVLGNTDRHSIKKNLIGALLFDSGETAEATRLKRTARRRYTRRK
NRICYLQEIFSNEMAKVDDSFFHRLEESFLVEEDKKHERHPIFGNIVDEVAYHEKYPTIYHLRKKLVDSTDKADLRLIYL
ALAHMIKFRGHFLIEGDLNPDNSDVDKLFIQLVQTYNQLFEENPINASGVDAKAILSARLSKSRRLENLIAQLPGEKKNG
LFGNLIALSLGLTPNFKSNFDLAEDAKLQLSKDTYDDDLDNLLAQIGDQYADLFLAAKNLSDAILLSDILRVNTEITKAP
LSASMIKRYDEHHQDLTLLKALVRQQLPEKYKEIFFDQSKNGYAGYIDGGASQEEFYKFIKPILEKMDGTEELLVKLNRE
DLLRKQRTFDNGSIPHQIHLGELHAILRRQEDFYPFLKDNREKIEKILTFRIPYYVGPLARGNSRFAWMTRKSEETITPW
NFEEVVDKGASAQSFIERMTNFDKNLPNEKVLPKHSLLYEYFTVYNELTKVKYVTEGMRKPAFLSGEQKKAIVDLLFKTN
RKVTVKQLKEDYFKKIECFDSVEISGVEDRFNASLGTYHDLLKIIKDKDFLDNEENEDILEDIVLTLTLFEDREMIEERL
KTYAHLFDDKVMKQLKRRRYTGWGRLSRKLINGIRDKQSGKTILDFLKSDGFANRNFMQLIHDDSLTFKEDIQKAQVSGQ
GDSLHEHIANLAGSPAIKKGILQTVKVVDELVKVMGRHKPENIVIEMARENQTTQKGQKNSRERMKRIEEGIKELGSQIL
KEHPVENTQLQNEKLYLYYLQNGRDMYVDQELDINRLSDYDVDAIVPQSFLKDDSIDNKVLTRSDKNRGKSDNVPSEEVV
KKMKNYWRQLLNAKLITQRKFDNLTKAERGGLSELDKAGFIKRQLVETRQITKHVAQILDSRMNTKYDENDKLIREVKVI
TLKSKLVSDFRKDFQFYKVREINNYHHAHDAYLNAVVGTALIKKYPKLESEFVYGDYKVYDVRKMIAKSEQEIGKATAKY
FFYSNIMNFFKTEITLANGEIRKRPLIETNGETGEIVWDKGRDFATVRKVLSMPQVNIVKKTEVQTGGFSKESILPKRNS
DKLIARKKDWDPKKYGGFDSPTVAYSVLVVAKVEKGKSKKLKSVKELLGITIMERSSFEKNPIDFLEAKGYKEVKKDLII
KLPKYSLFELENGRKRMLASAGELQKGNELALPSKYVNFLYLASHGSGSGSGHYLDEIIEQISEFSKRVILADANLDKVL
SAYNKHRDKPIREQAENIIHLFTLTNLGAPAAFKYFDTTIDRKRYTSTKEVLDATLIHQSITGLYETRIDLSQLGGD
;
A
2 'polyribonucleotide'
;GGUAAAAGGGCGAUCUAAUGAAGUUUUAGAGCUAGAAAUAGCAAGUUAAAAUAAGGCUAGUCCGUUAUCAACUUGAAAAA
GUGGCACCGAGUCGGUGCUUUU
;
B
3 'polydeoxyribonucleotide'
;(DT)(DT)(DG)(DA)(DT)(DT)(DC)(DT)(DT)(DA)(DC)(DA)(DG)(DC)(DG)(DG)(DT)(DC)(DG)(DA)
(DC)(DC)(DA)(DT)(DT)(DC)(DA)(DT)(DT)(DA)(DG)(DA)(DT)(DC)(DG)(DC)(DC)(DC)(DT)(DT)
(DT)(DT)(DA)
;
C
4 'polydeoxyribonucleotide'
;(DT)(DG)(DA)(DA)(DT)(DG)(DG)(DT)(DC)(DG)(DA)(DC)(DC)(DG)(DC)(DT)(DG)(DT)(DA)(DA)
(DG)(DA)(DA)(DT)(DC)(DA)(DA)
;
D
#
# COMPACT_ATOMS: atom_id res chain seq x y z
N ASP A 6 -44.14 -18.53 9.12
CA ASP A 6 -43.73 -18.63 7.74
C ASP A 6 -44.19 -17.43 6.91
N LYS A 7 -43.33 -16.97 6.01
CA LYS A 7 -43.61 -15.84 5.13
C LYS A 7 -42.56 -15.84 4.02
N LYS A 8 -42.69 -14.90 3.10
CA LYS A 8 -41.73 -14.69 2.02
C LYS A 8 -41.01 -13.38 2.29
N TYR A 9 -39.76 -13.47 2.75
CA TYR A 9 -39.01 -12.30 3.16
C TYR A 9 -37.72 -12.16 2.36
N SER A 10 -37.18 -10.95 2.35
CA SER A 10 -35.92 -10.66 1.69
C SER A 10 -34.97 -9.99 2.68
N ILE A 11 -33.67 -10.09 2.39
CA ILE A 11 -32.62 -9.53 3.23
C ILE A 11 -31.92 -8.41 2.47
N GLY A 12 -31.60 -7.34 3.18
CA GLY A 12 -30.84 -6.24 2.62
C GLY A 12 -29.57 -6.01 3.40
N LEU A 13 -28.46 -5.87 2.68
CA LEU A 13 -27.13 -5.79 3.28
C LEU A 13 -26.37 -4.60 2.71
N ALA A 14 -25.74 -3.84 3.60
CA ALA A 14 -24.81 -2.78 3.22
C ALA A 14 -23.46 -3.12 3.86
N ILE A 15 -22.49 -3.46 3.03
CA ILE A 15 -21.16 -3.88 3.49
C ILE A 15 -20.22 -2.68 3.51
N GLY A 16 -19.50 -2.51 4.62
CA GLY A 16 -18.54 -1.44 4.74
C GLY A 16 -17.26 -1.92 5.38
N THR A 17 -16.25 -1.04 5.35
CA THR A 17 -14.97 -1.37 5.97
C THR A 17 -15.05 -1.40 7.49
N ASN A 18 -16.03 -0.72 8.08
CA ASN A 18 -16.21 -0.70 9.52
C ASN A 18 -17.60 -1.10 9.99
N SER A 19 -18.56 -1.29 9.08
CA SER A 19 -19.93 -1.54 9.47
C SER A 19 -20.59 -2.49 8.48
N VAL A 20 -21.57 -3.24 8.97
CA VAL A 20 -22.39 -4.11 8.14
C VAL A 20 -23.84 -3.88 8.55
N GLY A 21 -24.61 -3.24 7.67
CA GLY A 21 -26.03 -3.01 7.94
C GLY A 21 -26.88 -4.12 7.37
N TRP A 22 -27.84 -4.57 8.17
CA TRP A 22 -28.72 -5.67 7.79
C TRP A 22 -30.17 -5.29 8.07
N ALA A 23 -31.06 -5.72 7.17
CA ALA A 23 -32.48 -5.45 7.35
C ALA A 23 -33.29 -6.57 6.70
N VAL A 24 -34.49 -6.78 7.23
CA VAL A 24 -35.38 -7.84 6.74
C VAL A 24 -36.68 -7.19 6.28
N ILE A 25 -37.09 -7.47 5.05
CA ILE A 25 -38.34 -6.95 4.51
C ILE A 25 -39.24 -8.11 4.14
N THR A 26 -40.51 -7.78 3.93
CA THR A 26 -41.52 -8.74 3.50
C THR A 26 -41.98 -8.39 2.10
N ASP A 27 -43.05 -9.05 1.66
CA ASP A 27 -43.59 -8.76 0.34
C ASP A 27 -44.27 -7.40 0.29
N GLU A 28 -44.56 -6.81 1.45
CA GLU A 28 -45.16 -5.49 1.54
C GLU A 28 -44.16 -4.41 1.90
N TYR A 29 -42.86 -4.70 1.76
CA TYR A 29 -41.78 -3.77 2.08
C TYR A 29 -41.83 -3.32 3.53
N LYS A 30 -42.30 -4.19 4.43
CA LYS A 30 -42.38 -3.91 5.84
C LYS A 30 -41.35 -4.74 6.60
N VAL A 31 -40.92 -4.22 7.75
CA VAL A 31 -39.87 -4.85 8.55
C VAL A 31 -40.54 -5.57 9.73
N PRO A 32 -40.40 -6.89 9.84
CA PRO A 32 -41.08 -7.61 10.91
C PRO A 32 -40.42 -7.39 12.27
N SER A 33 -41.24 -7.53 13.31
CA SER A 33 -40.79 -7.44 14.69
C SER A 33 -41.10 -8.74 15.41
N LYS A 34 -40.14 -9.25 16.18
CA LYS A 34 -40.31 -10.51 16.88
C LYS A 34 -39.82 -10.37 18.31
N LYS A 35 -40.32 -11.24 19.18
CA LYS A 35 -39.89 -11.32 20.57
C LYS A 35 -38.86 -12.43 20.72
N PHE A 36 -37.73 -12.11 21.33
CA PHE A 36 -36.61 -13.02 21.52
C PHE A 36 -36.41 -13.29 23.00
N LYS A 37 -36.09 -14.54 23.33
CA LYS A 37 -35.85 -14.91 24.72
C LYS A 37 -34.52 -14.33 25.20
N VAL A 38 -34.48 -13.89 26.45
CA VAL A 38 -33.29 -13.32 27.05
C VAL A 38 -32.88 -14.18 28.23
N LEU A 39 -31.69 -14.77 28.16
CA LEU A 39 -31.19 -15.64 29.20
C LEU A 39 -30.44 -14.83 30.27
N GLY A 40 -30.07 -15.52 31.35
CA GLY A 40 -29.36 -14.87 32.43
C GLY A 40 -30.04 -14.99 33.78
N ASN A 41 -29.74 -14.07 34.70
CA ASN A 41 -30.31 -14.11 36.03
C ASN A 41 -31.41 -13.07 36.26
N THR A 42 -31.51 -12.04 35.42
CA THR A 42 -32.54 -11.04 35.60
C THR A 42 -33.91 -11.61 35.24
N ASP A 43 -34.95 -10.91 35.68
CA ASP A 43 -36.31 -11.34 35.42
C ASP A 43 -36.74 -11.15 33.96
N ARG A 44 -35.98 -10.39 33.18
CA ARG A 44 -36.32 -10.17 31.78
C ARG A 44 -36.03 -11.45 30.99
N HIS A 45 -37.08 -12.10 30.48
CA HIS A 45 -36.93 -13.33 29.74
C HIS A 45 -37.34 -13.20 28.28
N SER A 46 -37.81 -12.02 27.85
CA SER A 46 -38.25 -11.82 26.48
C SER A 46 -38.23 -10.33 26.17
N ILE A 47 -37.68 -9.97 25.01
CA ILE A 47 -37.61 -8.59 24.56
C ILE A 47 -38.00 -8.55 23.09
N LYS A 48 -38.77 -7.54 22.71
CA LYS A 48 -39.22 -7.39 21.34
C LYS A 48 -38.24 -6.52 20.56
N LYS A 49 -37.95 -6.92 19.33
CA LYS A 49 -37.02 -6.19 18.48
C LYS A 49 -37.54 -6.15 17.05
N ASN A 50 -37.01 -5.22 16.27
CA ASN A 50 -37.55 -4.90 14.95
C ASN A 50 -36.83 -5.58 13.80
N LEU A 51 -35.86 -6.44 14.07
CA LEU A 51 -35.20 -7.22 13.00
C LEU A 51 -34.58 -6.30 11.94
N ILE A 52 -33.85 -5.28 12.40
CA ILE A 52 -33.12 -4.39 11.51
C ILE A 52 -32.05 -3.68 12.31
N GLY A 53 -30.82 -3.66 11.81
CA GLY A 53 -29.75 -3.03 12.56
C GLY A 53 -28.46 -2.97 11.78
N ALA A 54 -27.37 -2.79 12.53
CA ALA A 54 -26.04 -2.70 11.93
C ALA A 54 -25.01 -3.17 12.93
N LEU A 55 -24.07 -3.98 12.46
CA LEU A 55 -22.95 -4.45 13.27
C LEU A 55 -21.75 -3.56 13.01
N LEU A 56 -21.25 -2.94 14.07
CA LEU A 56 -20.07 -2.09 14.01
C LEU A 56 -18.85 -2.86 14.47
N PHE A 57 -17.71 -2.60 13.83
CA PHE A 57 -16.48 -3.31 14.13
C PHE A 57 -15.30 -2.45 13.70
N ASP A 58 -14.20 -2.57 14.43
CA ASP A 58 -12.97 -1.89 14.08
C ASP A 58 -12.43 -2.43 12.77
N SER A 59 -11.79 -1.55 12.00
CA SER A 59 -11.26 -1.93 10.70
C SER A 59 -10.15 -2.97 10.86
N GLY A 60 -10.12 -3.92 9.93
CA GLY A 60 -9.06 -4.91 9.92
C GLY A 60 -7.78 -4.32 9.34
N GLU A 61 -6.68 -4.49 10.04
CA GLU A 61 -5.39 -3.98 9.60
C GLU A 61 -4.63 -5.04 8.80
N THR A 62 -3.54 -4.60 8.18
CA THR A 62 -2.76 -5.44 7.27
C THR A 62 -1.55 -6.03 7.98
N ALA A 63 -0.89 -6.96 7.29
CA ALA A 63 0.31 -7.62 7.80
C ALA A 63 1.59 -6.88 7.43
N GLU A 64 1.48 -5.66 6.92
CA GLU A 64 2.68 -4.90 6.54
C GLU A 64 3.50 -4.53 7.77
N ALA A 65 2.85 -4.10 8.85
CA ALA A 65 3.57 -3.76 10.07
C ALA A 65 4.30 -4.98 10.62
N THR A 66 3.63 -6.13 10.65
CA THR A 66 4.26 -7.34 11.15
C THR A 66 5.46 -7.73 10.29
N ARG A 67 5.33 -7.59 8.96
CA ARG A 67 6.45 -7.89 8.09
C ARG A 67 7.63 -6.95 8.37
N LEU A 68 7.34 -5.67 8.58
CA LEU A 68 8.40 -4.73 8.93
C LEU A 68 9.06 -5.11 10.24
N LYS A 69 8.28 -5.53 11.23
CA LYS A 69 8.83 -5.97 12.51
C LYS A 69 9.75 -7.18 12.32
N ARG A 70 9.30 -8.16 11.52
CA ARG A 70 10.12 -9.34 11.26
C ARG A 70 11.44 -8.96 10.61
N THR A 71 11.38 -8.10 9.58
CA THR A 71 12.60 -7.69 8.89
C THR A 71 13.54 -6.96 9.85
N ALA A 72 13.01 -6.08 10.70
CA ALA A 72 13.85 -5.36 11.65
C ALA A 72 14.50 -6.31 12.65
N ARG A 73 13.72 -7.28 13.16
CA ARG A 73 14.27 -8.23 14.12
C ARG A 73 15.37 -9.06 13.50
N ARG A 74 15.15 -9.54 12.26
CA ARG A 74 16.17 -10.34 11.60
C ARG A 74 17.41 -9.52 11.30
N ARG A 75 17.24 -8.25 10.90
CA ARG A 75 18.38 -7.39 10.66
C ARG A 75 19.20 -7.18 11.93
N TYR A 76 18.52 -6.91 13.05
CA TYR A 76 19.22 -6.71 14.31
C TYR A 76 19.96 -7.97 14.73
N THR A 77 19.31 -9.14 14.65
CA THR A 77 19.96 -10.38 15.06
C THR A 77 21.15 -10.72 14.17
N ARG A 78 21.03 -10.45 12.86
CA ARG A 78 22.15 -10.74 11.98
C ARG A 78 23.31 -9.78 12.19
N ARG A 79 23.03 -8.52 12.53
CA ARG A 79 24.11 -7.60 12.90
C ARG A 79 24.80 -8.06 14.17
N LYS A 80 24.02 -8.47 15.18
CA LYS A 80 24.62 -8.99 16.41
C LYS A 80 25.46 -10.23 16.13
N ASN A 81 25.01 -11.07 15.21
CA ASN A 81 25.78 -12.27 14.88
C ASN A 81 27.05 -11.94 14.10
N ARG A 82 27.03 -10.90 13.26
CA ARG A 82 28.27 -10.47 12.61
C ARG A 82 29.26 -9.94 13.64
N ILE A 83 28.78 -9.17 14.61
CA ILE A 83 29.65 -8.71 15.69
C ILE A 83 30.20 -9.90 16.47
N CYS A 84 29.38 -10.91 16.71
CA CYS A 84 29.85 -12.11 17.41
C CYS A 84 30.86 -12.89 16.59
N TYR A 85 30.73 -12.88 15.27
CA TYR A 85 31.74 -13.51 14.42
C TYR A 85 33.07 -12.78 14.53
N LEU A 86 33.04 -11.46 14.48
CA LEU A 86 34.27 -10.68 14.67
C LEU A 86 34.89 -10.94 16.05
N GLN A 87 34.04 -11.05 17.08
CA GLN A 87 34.54 -11.34 18.41
C GLN A 87 35.16 -12.73 18.49
N GLU A 88 34.54 -13.72 17.84
CA GLU A 88 35.12 -15.06 17.83
C GLU A 88 36.45 -15.09 17.09
N ILE A 89 36.60 -14.23 16.08
CA ILE A 89 37.89 -14.15 15.39
C ILE A 89 38.94 -13.50 16.28
N PHE A 90 38.57 -12.42 16.98
CA PHE A 90 39.52 -11.67 17.79
C PHE A 90 39.73 -12.22 19.20
N SER A 91 39.00 -13.28 19.59
CA SER A 91 39.03 -13.73 20.97
C SER A 91 40.43 -14.21 21.38
N ASN A 92 40.93 -15.24 20.70
CA ASN A 92 42.18 -15.85 21.14
C ASN A 92 43.34 -14.86 21.10
N GLU A 93 43.32 -13.90 20.17
CA GLU A 93 44.38 -12.91 20.11
C GLU A 93 44.21 -11.82 21.17
N MET A 94 42.97 -11.47 21.50
CA MET A 94 42.73 -10.46 22.53
C MET A 94 43.02 -10.99 23.93
N ALA A 95 42.99 -12.31 24.12
CA ALA A 95 43.26 -12.87 25.44
C ALA A 95 44.69 -12.56 25.90
N LYS A 96 45.61 -12.36 24.95
CA LYS A 96 46.97 -11.99 25.29
C LYS A 96 47.12 -10.51 25.62
N VAL A 97 46.13 -9.69 25.31
CA VAL A 97 46.15 -8.25 25.61
C VAL A 97 45.26 -7.93 26.82
N ASP A 98 43.97 -8.28 26.75
CA ASP A 98 43.04 -7.99 27.83
C ASP A 98 42.03 -9.12 27.94
N ASP A 99 41.89 -9.68 29.14
CA ASP A 99 40.92 -10.76 29.35
C ASP A 99 39.52 -10.24 29.59
N SER A 100 39.38 -8.99 30.00
CA SER A 100 38.08 -8.41 30.33
C SER A 100 37.69 -7.28 29.35
N PHE A 101 38.20 -7.34 28.13
CA PHE A 101 37.85 -6.32 27.14
C PHE A 101 36.42 -6.49 26.65
N PHE A 102 36.13 -7.65 26.06
CA PHE A 102 34.77 -7.92 25.61
C PHE A 102 33.80 -7.98 26.79
N HIS A 103 34.27 -8.42 27.95
CA HIS A 103 33.42 -8.41 29.13
C HIS A 103 32.98 -7.01 29.49
N ARG A 104 33.89 -6.03 29.38
CA ARG A 104 33.52 -4.65 29.66
C ARG A 104 32.68 -4.06 28.54
N LEU A 105 32.92 -4.47 27.29
CA LEU A 105 32.09 -3.98 26.19
C LEU A 105 30.65 -4.46 26.31
N GLU A 106 30.45 -5.71 26.73
CA GLU A 106 29.10 -6.25 26.84
C GLU A 106 28.36 -5.66 28.03
N GLU A 107 29.09 -5.26 29.08
CA GLU A 107 28.49 -4.73 30.30
C GLU A 107 28.48 -3.20 30.34
N SER A 108 28.70 -2.55 29.19
CA SER A 108 28.69 -1.09 29.17
C SER A 108 27.33 -0.53 29.57
N PHE A 109 26.26 -1.27 29.34
CA PHE A 109 24.93 -0.78 29.65
C PHE A 109 24.66 -0.81 31.16
N LEU A 110 25.27 -1.74 31.88
CA LEU A 110 24.98 -1.90 33.29
C LEU A 110 25.60 -0.77 34.12
N VAL A 111 24.91 -0.40 35.20
CA VAL A 111 25.43 0.61 36.10
C VAL A 111 26.61 0.03 36.90
N GLU A 112 27.47 0.93 37.39
CA GLU A 112 28.62 0.51 38.19
C GLU A 112 28.21 -0.33 39.38
N GLU A 113 27.00 -0.13 39.90
CA GLU A 113 26.51 -0.97 40.97
C GLU A 113 26.33 -2.41 40.52
N ASP A 114 25.92 -2.61 39.27
CA ASP A 114 25.76 -3.94 38.70
C ASP A 114 26.91 -4.34 37.79
N LYS A 115 27.84 -3.43 37.52
CA LYS A 115 28.97 -3.73 36.64
C LYS A 115 29.98 -4.59 37.38
N LYS A 116 30.26 -5.78 36.83
CA LYS A 116 31.21 -6.70 37.46
C LYS A 116 32.66 -6.31 37.23
N HIS A 117 32.94 -5.52 36.20
CA HIS A 117 34.31 -5.06 35.95
C HIS A 117 34.40 -3.54 36.01
N GLU A 118 35.46 -2.99 35.42
CA GLU A 118 35.75 -1.56 35.49
C GLU A 118 34.82 -0.78 34.56
N ARG A 119 34.70 0.52 34.85
CA ARG A 119 33.77 1.37 34.12
C ARG A 119 34.18 1.55 32.66
N HIS A 120 35.38 2.06 32.43
CA HIS A 120 35.84 2.34 31.07
C HIS A 120 36.02 1.03 30.30
N PRO A 121 35.29 0.82 29.21
CA PRO A 121 35.35 -0.48 28.52
C PRO A 121 36.54 -0.61 27.59
N ILE A 122 36.99 0.50 27.00
CA ILE A 122 37.98 0.43 25.93
C ILE A 122 39.32 -0.06 26.46
N PHE A 123 39.75 0.46 27.61
CA PHE A 123 41.06 0.11 28.17
C PHE A 123 40.93 -0.47 29.56
N GLY A 124 40.67 0.35 30.58
CA GLY A 124 40.58 -0.12 31.95
C GLY A 124 41.25 0.80 32.93
N ASN A 125 41.59 2.01 32.48
CA ASN A 125 42.23 3.02 33.31
C ASN A 125 41.65 4.38 32.93
N ILE A 126 41.73 5.32 33.87
CA ILE A 126 41.20 6.65 33.60
C ILE A 126 42.18 7.47 32.76
N VAL A 127 43.49 7.30 33.02
CA VAL A 127 44.50 8.14 32.37
C VAL A 127 44.47 7.90 30.85
N ASP A 128 44.67 6.66 30.43
CA ASP A 128 44.72 6.37 29.01
C ASP A 128 43.36 6.54 28.35
N GLU A 129 42.27 6.38 29.10
CA GLU A 129 40.95 6.64 28.55
C GLU A 129 40.79 8.11 28.18
N VAL A 130 41.11 9.00 29.12
CA VAL A 130 41.03 10.43 28.83
C VAL A 130 42.02 10.80 27.73
N ALA A 131 43.19 10.15 27.70
CA ALA A 131 44.17 10.45 26.66
C ALA A 131 43.66 10.06 25.29
N TYR A 132 43.02 8.90 25.17
CA TYR A 132 42.47 8.47 23.89
C TYR A 132 41.31 9.36 23.46
N HIS A 133 40.44 9.73 24.41
CA HIS A 133 39.32 10.62 24.06
C HIS A 133 39.79 12.03 23.73
N GLU A 134 40.96 12.44 24.21
CA GLU A 134 41.50 13.74 23.83
C GLU A 134 42.21 13.69 22.48
N LYS A 135 42.98 12.63 22.23
CA LYS A 135 43.69 12.49 20.97
C LYS A 135 42.74 12.08 19.84
N TYR A 136 41.84 11.14 20.11
CA TYR A 136 40.84 10.68 19.15
C TYR A 136 39.46 10.94 19.74
N PRO A 137 38.88 12.13 19.52
CA PRO A 137 37.55 12.42 20.06
C PRO A 137 36.37 11.64 19.51
N THR A 138 36.34 11.44 18.20
CA THR A 138 35.32 10.65 17.54
C THR A 138 36.04 9.39 17.07
N ILE A 139 35.26 8.40 16.66
CA ILE A 139 35.85 7.17 16.17
C ILE A 139 36.42 7.33 14.76
N TYR A 140 36.02 8.37 14.04
CA TYR A 140 36.58 8.59 12.71
C TYR A 140 38.03 9.06 12.79
N HIS A 141 38.42 9.71 13.89
CA HIS A 141 39.82 10.00 14.11
C HIS A 141 40.65 8.72 14.16
N LEU A 142 40.16 7.72 14.91
CA LEU A 142 40.85 6.44 14.96
C LEU A 142 40.81 5.73 13.61
N ARG A 143 39.71 5.87 12.89
CA ARG A 143 39.64 5.32 11.53
C ARG A 143 40.75 5.87 10.65
N LYS A 144 40.86 7.21 10.59
CA LYS A 144 41.87 7.83 9.75
C LYS A 144 43.28 7.51 10.23
N LYS A 145 43.48 7.43 11.55
CA LYS A 145 44.81 7.12 12.07
C LYS A 145 45.22 5.70 11.72
N LEU A 146 44.28 4.75 11.76
CA LEU A 146 44.59 3.37 11.41
C LEU A 146 44.67 3.16 9.89
N VAL A 147 44.03 4.02 9.10
CA VAL A 147 44.13 3.89 7.65
C VAL A 147 45.43 4.50 7.13
N ASP A 148 45.74 5.72 7.58
CA ASP A 148 46.86 6.46 7.02
C ASP A 148 48.20 6.06 7.64
N SER A 149 48.28 6.04 8.98
CA SER A 149 49.54 5.81 9.66
C SER A 149 49.94 4.33 9.61
N THR A 150 51.25 4.08 9.67
CA THR A 150 51.79 2.72 9.57
C THR A 150 52.27 2.15 10.90
N ASP A 151 52.31 2.94 11.96
CA ASP A 151 52.76 2.46 13.25
C ASP A 151 51.78 1.44 13.82
N LYS A 152 52.32 0.43 14.50
CA LYS A 152 51.50 -0.60 15.12
C LYS A 152 50.65 0.00 16.24
N ALA A 153 49.33 -0.09 16.11
CA ALA A 153 48.42 0.42 17.12
C ALA A 153 47.91 -0.72 18.00
N ASP A 154 47.21 -0.35 19.07
CA ASP A 154 46.70 -1.33 20.01
C ASP A 154 45.64 -2.21 19.33
N LEU A 155 45.63 -3.49 19.69
CA LEU A 155 44.66 -4.41 19.12
C LEU A 155 43.23 -4.01 19.47
N ARG A 156 43.04 -3.38 20.63
CA ARG A 156 41.71 -2.94 21.03
C ARG A 156 41.17 -1.87 20.09
N LEU A 157 42.02 -0.92 19.72
CA LEU A 157 41.60 0.13 18.77
C LEU A 157 41.29 -0.46 17.41
N ILE A 158 42.09 -1.43 16.97
CA ILE A 158 41.84 -2.08 15.69
C ILE A 158 40.49 -2.78 15.71
N TYR A 159 40.22 -3.52 16.79
CA TYR A 159 38.93 -4.19 16.91
C TYR A 159 37.77 -3.19 16.94
N LEU A 160 37.96 -2.06 17.64
CA LEU A 160 36.91 -1.06 17.68
C LEU A 160 36.61 -0.50 16.30
N ALA A 161 37.65 -0.20 15.52
CA ALA A 161 37.45 0.31 14.18
C ALA A 161 36.75 -0.72 13.29
N LEU A 162 37.22 -1.98 13.34
CA LEU A 162 36.62 -3.01 12.51
C LEU A 162 35.18 -3.29 12.92
N ALA A 163 34.88 -3.22 14.22
CA ALA A 163 33.53 -3.47 14.68
C ALA A 163 32.60 -2.33 14.30
N HIS A 164 33.09 -1.08 14.35
CA HIS A 164 32.27 0.04 13.89
C HIS A 164 32.04 -0.02 12.39
N MET A 165 32.99 -0.57 11.63
CA MET A 165 32.79 -0.72 10.19
C MET A 165 31.81 -1.84 9.88
N ILE A 166 31.89 -2.96 10.60
CA ILE A 166 31.02 -4.09 10.31
C ILE A 166 29.61 -3.83 10.80
N LYS A 167 29.47 -3.17 11.95
CA LYS A 167 28.14 -2.94 12.53
C LYS A 167 27.30 -2.02 11.66
N PHE A 168 27.94 -1.01 11.05
CA PHE A 168 27.26 -0.06 10.16
C PHE A 168 28.01 -0.08 8.83
N ARG A 169 27.74 -1.10 8.01
CA ARG A 169 28.52 -1.29 6.80
C ARG A 169 28.13 -0.28 5.72
N GLY A 170 26.88 -0.32 5.27
CA GLY A 170 26.46 0.58 4.21
C GLY A 170 25.57 -0.10 3.20
N HIS A 171 24.89 0.68 2.37
CA HIS A 171 23.91 0.12 1.45
C HIS A 171 24.58 -0.68 0.34
N PHE A 172 23.99 -1.82 0.00
CA PHE A 172 24.46 -2.67 -1.08
C PHE A 172 23.78 -2.35 -2.41
N LEU A 173 23.43 -1.08 -2.63
CA LEU A 173 22.73 -0.69 -3.85
C LEU A 173 23.65 -0.52 -5.05
N ILE A 174 24.97 -0.58 -4.86
CA ILE A 174 25.93 -0.42 -5.93
C ILE A 174 26.64 -1.76 -6.15
N GLU A 175 26.63 -2.23 -7.40
CA GLU A 175 27.26 -3.49 -7.77
C GLU A 175 28.63 -3.22 -8.37
N GLY A 176 29.63 -3.96 -7.90
CA GLY A 176 30.98 -3.78 -8.39
C GLY A 176 31.89 -3.13 -7.37
N ASP A 177 32.64 -2.11 -7.81
CA ASP A 177 33.55 -1.39 -6.92
C ASP A 177 33.47 0.09 -7.26
N LEU A 178 32.99 0.89 -6.30
CA LEU A 178 32.97 2.34 -6.45
C LEU A 178 34.39 2.85 -6.26
N ASN A 179 35.09 3.09 -7.37
CA ASN A 179 36.49 3.49 -7.34
C ASN A 179 36.65 4.84 -6.66
N PRO A 180 37.35 4.92 -5.52
CA PRO A 180 37.50 6.20 -4.82
C PRO A 180 38.37 7.20 -5.57
N ASP A 181 39.24 6.74 -6.47
CA ASP A 181 40.10 7.66 -7.23
C ASP A 181 39.27 8.62 -8.07
N ASN A 182 38.08 8.20 -8.48
CA ASN A 182 37.17 9.06 -9.24
C ASN A 182 36.34 9.85 -8.23
N SER A 183 36.86 11.00 -7.82
CA SER A 183 36.22 11.82 -6.81
C SER A 183 35.72 13.16 -7.33
N ASP A 184 36.50 13.83 -8.17
CA ASP A 184 36.10 15.14 -8.68
C ASP A 184 35.21 15.02 -9.90
N VAL A 185 34.13 15.80 -9.91
CA VAL A 185 33.19 15.75 -11.03
C VAL A 185 33.66 16.61 -12.18
N ASP A 186 34.24 17.78 -11.88
CA ASP A 186 34.66 18.69 -12.94
C ASP A 186 35.81 18.11 -13.75
N LYS A 187 36.80 17.51 -13.09
CA LYS A 187 37.93 16.94 -13.82
C LYS A 187 37.48 15.79 -14.71
N LEU A 188 36.61 14.92 -14.21
CA LEU A 188 36.16 13.78 -15.01
C LEU A 188 35.25 14.24 -16.14
N PHE A 189 34.44 15.28 -15.93
CA PHE A 189 33.64 15.81 -17.03
C PHE A 189 34.53 16.43 -18.09
N ILE A 190 35.59 17.13 -17.68
CA ILE A 190 36.55 17.67 -18.64
C ILE A 190 37.20 16.53 -19.42
N GLN A 191 37.54 15.44 -18.74
CA GLN A 191 38.15 14.30 -19.43
C GLN A 191 37.18 13.65 -20.41
N LEU A 192 35.88 13.59 -20.05
CA LEU A 192 34.89 13.06 -20.96
C LEU A 192 34.75 13.94 -22.20
N VAL A 193 34.73 15.27 -22.01
CA VAL A 193 34.66 16.17 -23.15
C VAL A 193 35.91 16.04 -24.01
N GLN A 194 37.07 15.85 -23.39
CA GLN A 194 38.33 15.72 -24.13
C GLN A 194 38.33 14.44 -24.97
N THR A 195 37.91 13.32 -24.38
CA THR A 195 37.90 12.07 -25.13
C THR A 195 36.78 12.05 -26.16
N TYR A 196 35.73 12.85 -25.98
CA TYR A 196 34.72 13.01 -27.03
C TYR A 196 35.28 13.81 -28.20
N ASN A 197 36.06 14.85 -27.91
CA ASN A 197 36.71 15.62 -28.97
C ASN A 197 37.77 14.81 -29.69
N GLN A 198 38.47 13.93 -28.96
CA GLN A 198 39.47 13.07 -29.59
C GLN A 198 38.84 12.16 -30.65
N LEU A 199 37.60 11.72 -30.42
CA LEU A 199 36.98 10.79 -31.34
C LEU A 199 36.65 11.45 -32.68
N PHE A 200 36.04 12.62 -32.65
CA PHE A 200 35.61 13.32 -33.86
C PHE A 200 36.25 14.70 -33.89
N GLU A 201 37.21 14.89 -34.79
CA GLU A 201 37.87 16.18 -34.93
C GLU A 201 37.05 17.16 -35.77
N GLU A 202 36.18 16.65 -36.64
CA GLU A 202 35.40 17.52 -37.52
C GLU A 202 34.46 18.40 -36.71
N ASN A 203 33.60 17.80 -35.90
CA ASN A 203 32.64 18.52 -35.06
C ASN A 203 32.95 18.22 -33.61
N PRO A 204 33.83 19.00 -32.97
CA PRO A 204 34.14 18.74 -31.55
C PRO A 204 33.22 19.49 -30.60
N ILE A 205 32.41 18.75 -29.86
CA ILE A 205 31.47 19.35 -28.91
C ILE A 205 32.23 19.65 -27.62
N ASN A 206 32.49 20.93 -27.36
CA ASN A 206 33.23 21.35 -26.18
C ASN A 206 32.60 22.62 -25.62
N ALA A 207 32.66 22.77 -24.30
CA ALA A 207 32.09 23.94 -23.64
C ALA A 207 32.83 24.14 -22.32
N SER A 208 33.67 25.17 -22.25
CA SER A 208 34.41 25.45 -21.04
C SER A 208 33.60 26.26 -20.03
N GLY A 209 32.54 26.93 -20.47
CA GLY A 209 31.73 27.74 -19.59
C GLY A 209 30.69 26.98 -18.78
N VAL A 210 30.77 25.65 -18.76
CA VAL A 210 29.83 24.83 -18.01
C VAL A 210 30.46 24.44 -16.69
N ASP A 211 29.60 24.21 -15.69
CA ASP A 211 30.04 23.79 -14.35
C ASP A 211 29.26 22.53 -13.99
N ALA A 212 29.84 21.37 -14.28
CA ALA A 212 29.15 20.11 -14.05
C ALA A 212 29.00 19.81 -12.57
N LYS A 213 29.91 20.33 -11.73
CA LYS A 213 29.88 20.00 -10.31
C LYS A 213 28.61 20.49 -9.64
N ALA A 214 27.96 21.52 -10.19
CA ALA A 214 26.72 22.03 -9.63
C ALA A 214 25.49 21.54 -10.38
N ILE A 215 25.60 21.30 -11.69
CA ILE A 215 24.45 20.85 -12.46
C ILE A 215 24.17 19.38 -12.23
N LEU A 216 25.22 18.55 -12.18
CA LEU A 216 25.05 17.10 -12.12
C LEU A 216 24.89 16.58 -10.69
N SER A 217 25.39 17.30 -9.69
CA SER A 217 25.29 16.86 -8.30
C SER A 217 24.22 17.61 -7.52
N ALA A 218 23.23 18.17 -8.21
CA ALA A 218 22.15 18.90 -7.55
C ALA A 218 21.17 17.95 -6.89
N ARG A 219 20.25 18.52 -6.13
CA ARG A 219 19.22 17.74 -5.42
C ARG A 219 18.00 17.48 -6.28
N LEU A 220 18.02 17.86 -7.56
CA LEU A 220 16.90 17.65 -8.46
C LEU A 220 16.84 16.19 -8.91
N SER A 221 15.90 15.90 -9.79
CA SER A 221 15.82 14.57 -10.38
C SER A 221 16.93 14.37 -11.41
N LYS A 222 17.32 13.11 -11.61
CA LYS A 222 18.42 12.82 -12.51
C LYS A 222 18.13 13.28 -13.93
N SER A 223 16.91 13.04 -14.40
CA SER A 223 16.53 13.51 -15.74
C SER A 223 16.55 15.04 -15.79
N ARG A 224 16.15 15.69 -14.71
CA ARG A 224 16.19 17.15 -14.70
C ARG A 224 17.61 17.68 -14.74
N ARG A 225 18.53 17.02 -14.04
CA ARG A 225 19.93 17.42 -14.10
C ARG A 225 20.50 17.18 -15.49
N LEU A 226 20.11 16.08 -16.13
CA LEU A 226 20.51 15.84 -17.52
C LEU A 226 20.02 16.96 -18.43
N GLU A 227 18.74 17.34 -18.28
CA GLU A 227 18.19 18.40 -19.11
C GLU A 227 18.90 19.72 -18.86
N ASN A 228 19.22 20.02 -17.60
CA ASN A 228 19.92 21.27 -17.29
C ASN A 228 21.33 21.27 -17.87
N LEU A 229 22.02 20.13 -17.85
CA LEU A 229 23.36 20.09 -18.43
C LEU A 229 23.31 20.22 -19.94
N ILE A 230 22.37 19.51 -20.59
CA ILE A 230 22.29 19.58 -22.05
C ILE A 230 21.85 20.97 -22.49
N ALA A 231 21.04 21.66 -21.68
CA ALA A 231 20.61 23.01 -22.04
C ALA A 231 21.77 24.00 -21.97
N GLN A 232 22.78 23.72 -21.16
CA GLN A 232 23.95 24.59 -21.07
C GLN A 232 24.89 24.44 -22.27
N LEU A 233 24.81 23.33 -22.99
CA LEU A 233 25.64 23.13 -24.17
C LEU A 233 24.79 23.28 -25.41
N PRO A 234 25.07 24.26 -26.27
CA PRO A 234 24.19 24.45 -27.44
C PRO A 234 24.39 23.40 -28.52
N GLY A 235 25.62 22.95 -28.75
CA GLY A 235 25.86 21.99 -29.82
C GLY A 235 25.32 20.61 -29.54
N GLU A 236 25.18 20.25 -28.26
CA GLU A 236 24.73 18.92 -27.88
C GLU A 236 23.20 18.87 -27.79
N LYS A 237 22.67 17.65 -27.89
CA LYS A 237 21.24 17.40 -27.82
C LYS A 237 20.99 16.18 -26.93
N LYS A 238 19.72 15.96 -26.60
CA LYS A 238 19.36 14.83 -25.75
C LYS A 238 19.47 13.51 -26.50
N ASN A 239 19.06 13.49 -27.77
CA ASN A 239 19.18 12.30 -28.60
C ASN A 239 20.61 12.05 -29.06
N GLY A 240 21.50 13.02 -28.91
CA GLY A 240 22.87 12.85 -29.36
C GLY A 240 23.65 11.87 -28.50
N LEU A 241 24.84 11.52 -29.00
CA LEU A 241 25.67 10.54 -28.30
C LEU A 241 26.18 11.09 -26.98
N PHE A 242 26.52 12.38 -26.93
CA PHE A 242 26.98 12.96 -25.66
C PHE A 242 25.85 13.00 -24.64
N GLY A 243 24.61 13.22 -25.09
CA GLY A 243 23.48 13.16 -24.18
C GLY A 243 23.30 11.78 -23.58
N ASN A 244 23.44 10.74 -24.40
CA ASN A 244 23.39 9.38 -23.87
C ASN A 244 24.56 9.08 -22.95
N LEU A 245 25.73 9.66 -23.21
CA LEU A 245 26.86 9.47 -22.30
C LEU A 245 26.58 10.09 -20.95
N ILE A 246 26.01 11.30 -20.93
CA ILE A 246 25.66 11.95 -19.67
C ILE A 246 24.55 11.17 -18.97
N ALA A 247 23.60 10.64 -19.73
CA ALA A 247 22.57 9.80 -19.14
C ALA A 247 23.16 8.57 -18.46
N LEU A 248 24.11 7.91 -19.14
CA LEU A 248 24.79 6.77 -18.53
C LEU A 248 25.56 7.20 -17.28
N SER A 249 26.18 8.37 -17.33
CA SER A 249 26.88 8.89 -16.16
C SER A 249 25.92 9.10 -15.00
N LEU A 250 24.69 9.52 -15.31
CA LEU A 250 23.64 9.67 -14.30
C LEU A 250 22.87 8.39 -14.06
N GLY A 251 23.02 7.39 -14.94
CA GLY A 251 22.32 6.13 -14.77
C GLY A 251 20.89 6.13 -15.26
N LEU A 252 20.63 6.73 -16.42
CA LEU A 252 19.29 6.82 -16.96
C LEU A 252 18.98 5.72 -17.99
N THR A 253 19.90 4.77 -18.17
CA THR A 253 19.75 3.66 -19.11
C THR A 253 19.44 4.15 -20.51
N PRO A 254 20.38 4.83 -21.16
CA PRO A 254 20.13 5.28 -22.54
C PRO A 254 20.24 4.14 -23.54
N ASN A 255 19.73 4.41 -24.74
CA ASN A 255 19.79 3.46 -25.83
C ASN A 255 20.61 4.03 -26.97
N PHE A 256 21.48 3.21 -27.55
CA PHE A 256 22.39 3.69 -28.58
C PHE A 256 22.02 3.14 -29.96
N LYS A 257 20.75 3.23 -30.33
CA LYS A 257 20.35 2.74 -31.65
C LYS A 257 20.70 3.73 -32.74
N SER A 258 20.17 4.95 -32.65
CA SER A 258 20.40 5.96 -33.68
C SER A 258 21.79 6.57 -33.61
N ASN A 259 22.50 6.39 -32.49
CA ASN A 259 23.82 6.98 -32.35
C ASN A 259 24.88 6.22 -33.15
N PHE A 260 24.71 4.90 -33.30
CA PHE A 260 25.66 4.07 -34.01
C PHE A 260 25.05 3.42 -35.25
N ASP A 261 23.90 3.92 -35.71
CA ASP A 261 23.20 3.38 -36.88
C ASP A 261 22.91 1.89 -36.70
N LEU A 262 22.58 1.49 -35.48
CA LEU A 262 22.30 0.09 -35.19
C LEU A 262 20.89 -0.28 -35.62
N ALA A 263 20.70 -1.57 -35.88
CA ALA A 263 19.40 -2.13 -36.20
C ALA A 263 18.72 -2.79 -35.02
N GLU A 264 19.39 -2.85 -33.87
CA GLU A 264 18.83 -3.43 -32.66
C GLU A 264 18.96 -2.44 -31.51
N ASP A 265 18.40 -2.82 -30.37
CA ASP A 265 18.42 -1.97 -29.18
C ASP A 265 19.71 -2.23 -28.39
N ALA A 266 20.38 -1.15 -28.01
CA ALA A 266 21.63 -1.20 -27.25
C ALA A 266 21.47 -0.34 -26.00
N LYS A 267 20.72 -0.85 -25.03
CA LYS A 267 20.48 -0.15 -23.78
C LYS A 267 21.54 -0.57 -22.76
N LEU A 268 22.25 0.42 -22.21
CA LEU A 268 23.30 0.19 -21.24
C LEU A 268 22.93 0.88 -19.93
N GLN A 269 23.06 0.15 -18.82
CA GLN A 269 22.75 0.68 -17.49
C GLN A 269 23.87 0.30 -16.54
N LEU A 270 24.54 1.30 -15.96
CA LEU A 270 25.70 1.03 -15.13
C LEU A 270 25.32 0.32 -13.83
N SER A 271 24.08 0.48 -13.37
CA SER A 271 23.67 -0.18 -12.13
C SER A 271 23.37 -1.66 -12.36
N LYS A 272 22.97 -2.04 -13.56
CA LYS A 272 22.63 -3.42 -13.84
C LYS A 272 23.88 -4.30 -13.82
N ASP A 273 23.66 -5.60 -13.68
CA ASP A 273 24.77 -6.54 -13.62
C ASP A 273 25.24 -6.94 -15.01
N THR A 274 24.31 -7.06 -15.97
CA THR A 274 24.65 -7.46 -17.31
C THR A 274 25.36 -6.38 -18.12
N TYR A 275 25.50 -5.17 -17.55
CA TYR A 275 26.07 -4.03 -18.25
C TYR A 275 27.31 -4.40 -19.07
N ASP A 276 28.33 -4.93 -18.39
CA ASP A 276 29.56 -5.34 -19.06
C ASP A 276 29.26 -6.14 -20.32
N ASP A 277 28.51 -7.24 -20.16
CA ASP A 277 28.11 -8.05 -21.31
C ASP A 277 27.45 -7.19 -22.38
N ASP A 278 26.42 -6.44 -22.01
CA ASP A 278 25.78 -5.52 -22.93
C ASP A 278 26.81 -4.59 -23.57
N LEU A 279 27.69 -4.02 -22.73
CA LEU A 279 28.76 -3.16 -23.24
C LEU A 279 29.58 -3.90 -24.29
N ASP A 280 29.98 -5.13 -23.99
CA ASP A 280 30.73 -5.92 -24.95
C ASP A 280 29.94 -6.08 -26.25
N ASN A 281 28.63 -6.32 -26.13
CA ASN A 281 27.80 -6.42 -27.33
C ASN A 281 27.90 -5.14 -28.15
N LEU A 282 27.83 -3.99 -27.48
CA LEU A 282 28.04 -2.72 -28.17
C LEU A 282 29.44 -2.66 -28.76
N LEU A 283 30.45 -3.10 -28.00
CA LEU A 283 31.80 -3.13 -28.52
C LEU A 283 31.95 -4.17 -29.64
N ALA A 284 30.99 -5.08 -29.77
CA ALA A 284 30.99 -6.01 -30.90
C ALA A 284 30.35 -5.41 -32.15
N GLN A 285 29.60 -4.32 -32.00
CA GLN A 285 28.94 -3.67 -33.12
C GLN A 285 29.59 -2.36 -33.51
N ILE A 286 30.17 -1.64 -32.56
CA ILE A 286 30.89 -0.41 -32.83
C ILE A 286 32.38 -0.66 -32.64
N GLY A 287 33.19 0.33 -33.04
CA GLY A 287 34.62 0.20 -32.87
C GLY A 287 35.03 0.20 -31.40
N ASP A 288 36.06 -0.60 -31.11
CA ASP A 288 36.57 -0.68 -29.74
C ASP A 288 37.19 0.64 -29.27
N GLN A 289 37.57 1.52 -30.21
CA GLN A 289 38.15 2.80 -29.84
C GLN A 289 37.19 3.65 -29.02
N TYR A 290 35.89 3.44 -29.14
CA TYR A 290 34.92 4.17 -28.34
C TYR A 290 34.86 3.69 -26.90
N ALA A 291 35.40 2.50 -26.61
CA ALA A 291 35.26 1.91 -25.28
C ALA A 291 35.74 2.87 -24.19
N ASP A 292 36.91 3.47 -24.40
CA ASP A 292 37.46 4.40 -23.41
C ASP A 292 36.44 5.46 -23.01
N LEU A 293 35.69 5.98 -23.99
CA LEU A 293 34.64 6.95 -23.70
C LEU A 293 33.72 6.45 -22.60
N PHE A 294 33.13 5.27 -22.80
CA PHE A 294 32.27 4.69 -21.78
C PHE A 294 33.00 4.58 -20.44
N LEU A 295 34.27 4.15 -20.49
CA LEU A 295 35.08 4.10 -19.28
C LEU A 295 35.06 5.44 -18.57
N ALA A 296 35.37 6.52 -19.31
CA ALA A 296 35.30 7.86 -18.75
C ALA A 296 33.91 8.12 -18.16
N ALA A 297 32.86 7.80 -18.91
CA ALA A 297 31.51 7.95 -18.40
C ALA A 297 31.35 7.20 -17.09
N LYS A 298 31.82 5.95 -17.06
CA LYS A 298 31.77 5.17 -15.83
C LYS A 298 32.46 5.92 -14.69
N ASN A 299 33.65 6.46 -14.96
CA ASN A 299 34.34 7.23 -13.94
C ASN A 299 33.48 8.38 -13.44
N LEU A 300 32.80 9.07 -14.36
CA LEU A 300 31.90 10.14 -13.95
C LEU A 300 30.83 9.63 -13.02
N SER A 301 30.23 8.47 -13.34
CA SER A 301 29.22 7.89 -12.48
C SER A 301 29.78 7.53 -11.11
N ASP A 302 31.09 7.29 -11.02
CA ASP A 302 31.69 7.03 -9.73
C ASP A 302 31.97 8.31 -8.95
N ALA A 303 32.12 9.44 -9.64
CA ALA A 303 32.39 10.72 -8.99
C ALA A 303 31.13 11.53 -8.74
N ILE A 304 30.05 11.26 -9.47
CA ILE A 304 28.82 12.01 -9.27
C ILE A 304 28.12 11.54 -7.99
N LEU A 305 28.37 10.31 -7.56
CA LEU A 305 27.77 9.84 -6.30
C LEU A 305 28.64 10.23 -5.12
N LEU A 306 29.92 9.87 -5.16
CA LEU A 306 30.83 10.21 -4.07
C LEU A 306 30.92 11.70 -3.81
N SER A 307 30.49 12.54 -4.76
CA SER A 307 30.46 13.99 -4.52
C SER A 307 29.62 14.33 -3.29
N ASP A 308 28.58 13.53 -3.02
CA ASP A 308 27.82 13.70 -1.79
C ASP A 308 28.39 12.89 -0.63
N ILE A 309 29.09 11.80 -0.94
CA ILE A 309 29.58 10.90 0.11
C ILE A 309 30.91 11.42 0.67
N LEU A 310 31.91 11.58 -0.19
CA LEU A 310 33.23 12.04 0.21
C LEU A 310 33.44 13.46 -0.32
N ARG A 311 33.73 14.39 0.58
CA ARG A 311 33.93 15.78 0.22
C ARG A 311 35.40 16.19 0.21
N VAL A 312 36.32 15.22 0.26
CA VAL A 312 37.74 15.49 0.26
C VAL A 312 38.39 14.75 -0.89
N ASN A 313 39.57 15.22 -1.30
CA ASN A 313 40.32 14.59 -2.37
C ASN A 313 40.84 13.24 -1.90
N THR A 314 40.50 12.18 -2.64
CA THR A 314 40.92 10.83 -2.26
C THR A 314 42.42 10.62 -2.38
N GLU A 315 43.13 11.50 -3.07
CA GLU A 315 44.58 11.40 -3.17
C GLU A 315 45.29 11.85 -1.90
N ILE A 316 44.61 12.63 -1.05
CA ILE A 316 45.24 13.12 0.18
C ILE A 316 45.38 11.98 1.18
N THR A 317 44.34 11.16 1.33
CA THR A 317 44.37 10.06 2.28
C THR A 317 43.50 8.92 1.76
N LYS A 318 43.80 7.72 2.24
CA LYS A 318 43.07 6.52 1.84
C LYS A 318 41.78 6.31 2.63
N ALA A 319 41.36 7.30 3.43
CA ALA A 319 40.12 7.24 4.20
C ALA A 319 39.31 8.48 3.86
N PRO A 320 38.68 8.51 2.68
CA PRO A 320 37.95 9.72 2.28
C PRO A 320 36.74 10.02 3.16
N LEU A 321 35.97 9.00 3.53
CA LEU A 321 34.81 9.24 4.39
C LEU A 321 35.23 9.62 5.79
N SER A 322 36.25 8.94 6.33
CA SER A 322 36.75 9.31 7.64
C SER A 322 37.31 10.74 7.63
N ALA A 323 37.99 11.11 6.53
CA ALA A 323 38.51 12.47 6.43
C ALA A 323 37.38 13.49 6.33
N SER A 324 36.30 13.15 5.62
CA SER A 324 35.16 14.05 5.56
C SER A 324 34.49 14.19 6.93
N MET A 325 34.47 13.11 7.71
CA MET A 325 33.91 13.20 9.06
C MET A 325 34.80 14.05 9.97
N ILE A 326 36.12 13.92 9.81
CA ILE A 326 37.03 14.75 10.60
C ILE A 326 36.88 16.22 10.22
N LYS A 327 36.67 16.50 8.92
CA LYS A 327 36.41 17.86 8.48
C LYS A 327 35.11 18.37 9.09
N ARG A 328 34.07 17.52 9.14
CA ARG A 328 32.84 17.88 9.82
C ARG A 328 33.10 18.25 11.27
N TYR A 329 33.89 17.43 11.97
CA TYR A 329 34.16 17.68 13.38
C TYR A 329 34.92 18.99 13.58
N ASP A 330 35.94 19.23 12.76
CA ASP A 330 36.74 20.44 12.90
C ASP A 330 35.92 21.70 12.58
N GLU A 331 35.11 21.64 11.52
CA GLU A 331 34.24 22.77 11.18
C GLU A 331 33.22 23.00 12.28
N HIS A 332 32.67 21.92 12.86
CA HIS A 332 31.74 22.07 13.97
C HIS A 332 32.41 22.76 15.16
N HIS A 333 33.63 22.34 15.49
CA HIS A 333 34.34 22.94 16.62
C HIS A 333 34.62 24.43 16.37
N GLN A 334 35.14 24.76 15.18
CA GLN A 334 35.47 26.15 14.87
C GLN A 334 34.22 27.03 14.86
N ASP A 335 33.14 26.53 14.25
CA ASP A 335 31.91 27.31 14.18
C ASP A 335 31.26 27.45 15.56
N LEU A 336 31.37 26.43 16.42
CA LEU A 336 30.84 26.56 17.77
C LEU A 336 31.62 27.59 18.57
N THR A 337 32.95 27.59 18.42
CA THR A 337 33.77 28.60 19.10
C THR A 337 33.41 30.00 18.60
N LEU A 338 33.29 30.17 17.28
CA LEU A 338 32.95 31.47 16.71
C LEU A 338 31.56 31.92 17.16
N LEU A 339 30.60 30.99 17.23
CA LEU A 339 29.26 31.35 17.67
C LEU A 339 29.25 31.74 19.14
N LYS A 340 29.99 31.01 19.98
CA LYS A 340 30.09 31.38 21.38
C LYS A 340 30.71 32.77 21.54
N ALA A 341 31.74 33.06 20.75
CA ALA A 341 32.37 34.38 20.81
C ALA A 341 31.40 35.47 20.36
N LEU A 342 30.68 35.24 19.26
CA LEU A 342 29.73 36.24 18.76
C LEU A 342 28.57 36.45 19.72
N VAL A 343 28.15 35.40 20.43
CA VAL A 343 27.07 35.55 21.40
C VAL A 343 27.58 36.31 22.63
N ARG A 344 28.74 35.93 23.15
CA ARG A 344 29.31 36.63 24.30
C ARG A 344 29.77 38.04 23.97
N GLN A 345 29.87 38.40 22.69
CA GLN A 345 30.31 39.72 22.29
C GLN A 345 29.17 40.67 21.95
N GLN A 346 28.08 40.17 21.39
CA GLN A 346 26.98 41.02 20.94
C GLN A 346 25.73 40.88 21.81
N LEU A 347 25.14 39.70 21.89
CA LEU A 347 23.91 39.46 22.64
C LEU A 347 24.14 38.35 23.66
N PRO A 348 24.83 38.63 24.76
CA PRO A 348 25.04 37.59 25.78
C PRO A 348 23.79 37.25 26.57
N GLU A 349 22.78 38.12 26.56
CA GLU A 349 21.59 37.89 27.39
C GLU A 349 20.86 36.63 27.00
N LYS A 350 20.99 36.20 25.74
CA LYS A 350 20.33 35.00 25.26
C LYS A 350 21.24 33.76 25.33
N TYR A 351 22.47 33.91 25.84
CA TYR A 351 23.39 32.78 25.87
C TYR A 351 22.82 31.60 26.65
N LYS A 352 22.30 31.88 27.85
CA LYS A 352 21.70 30.81 28.66
C LYS A 352 20.52 30.15 27.97
N GLU A 353 19.93 30.81 26.97
CA GLU A 353 18.82 30.23 26.22
C GLU A 353 19.28 29.38 25.04
N ILE A 354 20.53 29.55 24.59
CA ILE A 354 21.02 28.84 23.42
C ILE A 354 22.06 27.78 23.77
N PHE A 355 22.85 27.97 24.81
CA PHE A 355 23.89 27.03 25.20
C PHE A 355 23.62 26.35 26.54
N PHE A 356 22.41 26.48 27.08
CA PHE A 356 22.17 25.94 28.42
C PHE A 356 20.78 25.34 28.63
N ASP A 357 19.84 25.50 27.71
CA ASP A 357 18.48 25.00 27.88
C ASP A 357 18.27 23.78 26.99
N GLN A 358 17.88 22.67 27.59
CA GLN A 358 17.62 21.45 26.85
C GLN A 358 16.18 21.38 26.33
N SER A 359 15.22 21.97 27.05
CA SER A 359 13.84 21.95 26.59
C SER A 359 13.67 22.75 25.31
N LYS A 360 13.97 24.05 25.36
CA LYS A 360 13.92 24.87 24.16
C LYS A 360 15.04 24.49 23.20
N ASN A 361 14.84 24.82 21.93
CA ASN A 361 15.83 24.51 20.91
C ASN A 361 17.10 25.32 21.14
N GLY A 362 18.18 24.86 20.51
CA GLY A 362 19.49 25.46 20.70
C GLY A 362 20.56 24.42 20.84
N TYR A 363 21.82 24.85 20.99
CA TYR A 363 22.91 23.89 21.07
C TYR A 363 22.81 22.99 22.29
N ALA A 364 22.11 23.42 23.34
CA ALA A 364 21.90 22.55 24.50
C ALA A 364 20.72 21.60 24.29
N GLY A 365 19.75 21.98 23.47
CA GLY A 365 18.63 21.11 23.17
C GLY A 365 18.89 20.24 21.97
N TYR A 366 19.80 20.67 21.09
CA TYR A 366 20.14 19.88 19.92
C TYR A 366 21.10 18.75 20.25
N ILE A 367 21.95 18.95 21.26
CA ILE A 367 22.94 17.94 21.64
C ILE A 367 22.38 17.05 22.74
N ASP A 368 22.08 17.66 23.89
CA ASP A 368 21.61 16.88 25.04
C ASP A 368 20.11 16.66 25.04
N GLY A 369 19.34 17.62 24.54
CA GLY A 369 17.89 17.46 24.49
C GLY A 369 17.39 16.59 23.36
N GLY A 370 18.24 16.32 22.37
CA GLY A 370 17.85 15.48 21.25
C GLY A 370 16.88 16.12 20.29
N ALA A 371 16.99 17.43 20.06
CA ALA A 371 16.11 18.11 19.12
C ALA A 371 16.53 17.83 17.69
N SER A 372 15.68 18.26 16.76
CA SER A 372 15.92 18.01 15.35
C SER A 372 16.85 19.09 14.77
N GLN A 373 17.52 18.72 13.67
CA GLN A 373 18.40 19.67 12.99
C GLN A 373 17.60 20.78 12.32
N GLU A 374 16.43 20.45 11.78
CA GLU A 374 15.55 21.47 11.20
C GLU A 374 15.06 22.43 12.27
N GLU A 375 14.69 21.91 13.44
CA GLU A 375 14.30 22.78 14.55
C GLU A 375 15.45 23.67 14.98
N PHE A 376 16.66 23.10 15.01
CA PHE A 376 17.86 23.87 15.36
C PHE A 376 18.07 25.03 14.40
N TYR A 377 18.01 24.75 13.10
CA TYR A 377 18.21 25.80 12.11
C TYR A 377 17.10 26.84 12.16
N LYS A 378 15.85 26.41 12.32
CA LYS A 378 14.74 27.35 12.39
C LYS A 378 14.81 28.21 13.64
N PHE A 379 15.40 27.69 14.72
CA PHE A 379 15.55 28.48 15.94
C PHE A 379 16.71 29.45 15.86
N ILE A 380 17.79 29.09 15.15
CA ILE A 380 18.95 29.96 15.07
C ILE A 380 18.87 30.98 13.92
N LYS A 381 18.04 30.72 12.91
CA LYS A 381 17.93 31.65 11.78
C LYS A 381 17.61 33.09 12.19
N PRO A 382 16.63 33.38 13.04
CA PRO A 382 16.41 34.79 13.43
C PRO A 382 17.57 35.36 14.23
N ILE A 383 18.23 34.55 15.05
CA ILE A 383 19.37 35.03 15.82
C ILE A 383 20.53 35.39 14.90
N LEU A 384 20.78 34.55 13.88
CA LEU A 384 21.83 34.86 12.92
C LEU A 384 21.45 36.06 12.06
N GLU A 385 20.15 36.26 11.80
CA GLU A 385 19.71 37.43 11.06
C GLU A 385 19.87 38.71 11.87
N LYS A 386 19.66 38.64 13.19
CA LYS A 386 19.80 39.79 14.07
C LYS A 386 21.20 39.84 14.70
N MET A 387 22.23 39.73 13.87
CA MET A 387 23.60 39.81 14.35
C MET A 387 24.45 40.44 13.25
N ASP A 388 25.72 40.70 13.57
CA ASP A 388 26.65 41.36 12.65
C ASP A 388 27.66 40.41 12.04
N GLY A 389 28.39 39.66 12.85
CA GLY A 389 29.41 38.77 12.36
C GLY A 389 28.90 37.38 11.99
N THR A 390 27.60 37.27 11.72
CA THR A 390 26.99 36.00 11.36
C THR A 390 26.48 35.99 9.93
N GLU A 391 26.83 36.99 9.12
CA GLU A 391 26.41 37.02 7.73
C GLU A 391 27.06 35.93 6.90
N GLU A 392 28.17 35.36 7.37
CA GLU A 392 28.83 34.27 6.67
C GLU A 392 28.36 32.90 7.16
N LEU A 393 27.97 32.79 8.43
CA LEU A 393 27.46 31.52 8.93
C LEU A 393 26.10 31.18 8.33
N LEU A 394 25.35 32.19 7.90
CA LEU A 394 24.07 31.94 7.23
C LEU A 394 24.29 31.26 5.89
N VAL A 395 25.44 31.46 5.26
CA VAL A 395 25.77 30.77 4.01
C VAL A 395 25.85 29.26 4.26
N LYS A 396 26.45 28.86 5.38
CA LYS A 396 26.52 27.45 5.72
C LYS A 396 25.19 26.93 6.25
N LEU A 397 24.41 27.77 6.93
CA LEU A 397 23.12 27.34 7.44
C LEU A 397 22.10 27.16 6.33
N ASN A 398 22.25 27.89 5.22
CA ASN A 398 21.33 27.74 4.10
C ASN A 398 21.54 26.41 3.37
N ARG A 399 22.76 25.87 3.40
CA ARG A 399 23.06 24.59 2.80
C ARG A 399 22.93 23.44 3.79
N GLU A 400 22.32 23.68 4.95
CA GLU A 400 22.15 22.66 5.99
C GLU A 400 23.49 22.04 6.40
N ASP A 401 24.47 22.92 6.63
CA ASP A 401 25.82 22.48 7.00
C ASP A 401 26.43 23.49 7.97
N LEU A 402 25.71 23.80 9.05
CA LEU A 402 26.22 24.75 10.06
C LEU A 402 26.95 24.00 11.16
N LEU A 403 26.22 23.31 12.03
CA LEU A 403 26.79 22.51 13.11
C LEU A 403 26.39 21.06 12.87
N ARG A 404 27.05 20.42 11.91
CA ARG A 404 26.70 19.06 11.52
C ARG A 404 27.33 18.05 12.46
N LYS A 405 26.55 17.03 12.83
CA LYS A 405 27.07 15.90 13.58
C LYS A 405 27.67 14.87 12.63
N GLN A 406 28.29 13.84 13.21
CA GLN A 406 28.91 12.80 12.41
C GLN A 406 27.94 11.67 12.06
N ARG A 407 26.88 11.49 12.84
CA ARG A 407 25.89 10.43 12.63
C ARG A 407 24.54 11.10 12.38
N THR A 408 24.29 11.48 11.14
CA THR A 408 23.05 12.10 10.72
C THR A 408 22.33 11.20 9.72
N PHE A 409 21.21 11.69 9.20
CA PHE A 409 20.44 10.93 8.22
C PHE A 409 21.16 10.84 6.88
N ASP A 410 21.96 11.86 6.53
CA ASP A 410 22.69 11.83 5.27
C ASP A 410 23.59 10.60 5.16
N ASN A 411 24.04 10.06 6.29
CA ASN A 411 24.86 8.86 6.30
C ASN A 411 24.18 7.66 5.66
N GLY A 412 22.88 7.75 5.39
CA GLY A 412 22.23 6.69 4.64
C GLY A 412 22.80 6.52 3.24
N SER A 413 23.32 7.61 2.67
CA SER A 413 23.87 7.58 1.32
C SER A 413 25.27 6.96 1.26
N ILE A 414 25.75 6.41 2.37
CA ILE A 414 27.09 5.84 2.44
C ILE A 414 27.00 4.39 1.98
N PRO A 415 27.65 4.02 0.87
CA PRO A 415 27.68 2.62 0.45
C PRO A 415 28.70 1.82 1.26
N HIS A 416 28.52 0.50 1.22
CA HIS A 416 29.44 -0.37 1.95
C HIS A 416 30.81 -0.47 1.31
N GLN A 417 30.98 0.07 0.09
CA GLN A 417 32.26 -0.03 -0.58
C GLN A 417 33.33 0.82 0.11
N ILE A 418 32.95 2.01 0.59
CA ILE A 418 33.92 2.86 1.27
C ILE A 418 34.36 2.24 2.58
N HIS A 419 33.42 1.71 3.35
CA HIS A 419 33.77 1.04 4.60
C HIS A 419 34.61 -0.20 4.32
N LEU A 420 34.29 -0.94 3.26
CA LEU A 420 35.10 -2.10 2.90
C LEU A 420 36.53 -1.68 2.55
N GLY A 421 36.68 -0.57 1.81
CA GLY A 421 38.01 -0.10 1.47
C GLY A 421 38.79 0.35 2.69
N GLU A 422 38.15 1.06 3.60
CA GLU A 422 38.84 1.47 4.83
C GLU A 422 39.23 0.26 5.67
N LEU A 423 38.35 -0.75 5.74
CA LEU A 423 38.67 -1.96 6.48
C LEU A 423 39.83 -2.71 5.85
N HIS A 424 39.84 -2.79 4.52
CA HIS A 424 40.95 -3.45 3.82
C HIS A 424 42.26 -2.69 4.05
N ALA A 425 42.20 -1.36 4.06
CA ALA A 425 43.39 -0.57 4.32
C ALA A 425 43.92 -0.83 5.72
N ILE A 426 43.03 -0.79 6.72
CA ILE A 426 43.46 -1.05 8.09
C ILE A 426 44.03 -2.46 8.23
N LEU A 427 43.41 -3.43 7.55
CA LEU A 427 43.89 -4.81 7.63
C LEU A 427 45.27 -4.94 7.01
N ARG A 428 45.48 -4.33 5.84
CA ARG A 428 46.80 -4.41 5.20
C ARG A 428 47.86 -3.64 5.98
N ARG A 429 47.47 -2.61 6.73
CA ARG A 429 48.44 -1.88 7.54
C ARG A 429 48.81 -2.64 8.81
N GLN A 430 47.84 -3.29 9.45
CA GLN A 430 48.07 -3.93 10.74
C GLN A 430 48.32 -5.44 10.63
N GLU A 431 48.34 -6.00 9.43
CA GLU A 431 48.62 -7.43 9.29
C GLU A 431 50.12 -7.73 9.36
N ASP A 432 50.96 -6.73 9.14
CA ASP A 432 52.40 -6.93 9.24
C ASP A 432 52.88 -7.11 10.67
N PHE A 433 52.01 -6.92 11.65
CA PHE A 433 52.35 -7.11 13.06
C PHE A 433 51.63 -8.27 13.70
N TYR A 434 50.46 -8.65 13.20
CA TYR A 434 49.67 -9.72 13.77
C TYR A 434 49.56 -10.87 12.77
N PRO A 435 49.77 -12.12 13.19
CA PRO A 435 49.66 -13.23 12.24
C PRO A 435 48.21 -13.54 11.86
N PHE A 436 47.30 -13.56 12.85
CA PHE A 436 45.91 -13.91 12.56
C PHE A 436 45.24 -12.85 11.68
N LEU A 437 45.66 -11.60 11.80
CA LEU A 437 45.09 -10.55 10.94
C LEU A 437 45.53 -10.74 9.49
N LYS A 438 46.77 -11.18 9.27
CA LYS A 438 47.22 -11.45 7.91
C LYS A 438 46.63 -12.75 7.37
N ASP A 439 46.33 -13.70 8.25
CA ASP A 439 45.79 -14.99 7.83
C ASP A 439 44.28 -14.97 7.65
N ASN A 440 43.57 -14.15 8.43
CA ASN A 440 42.11 -14.11 8.40
C ASN A 440 41.59 -12.79 7.83
N ARG A 441 42.23 -12.30 6.75
CA ARG A 441 41.73 -11.09 6.10
C ARG A 441 40.45 -11.37 5.32
N GLU A 442 40.42 -12.48 4.58
CA GLU A 442 39.21 -12.84 3.85
C GLU A 442 38.04 -13.07 4.79
N LYS A 443 38.29 -13.56 6.01
CA LYS A 443 37.20 -13.79 6.95
C LYS A 443 36.49 -12.49 7.31
N ILE A 444 37.25 -11.47 7.71
CA ILE A 444 36.64 -10.19 8.07
C ILE A 444 36.06 -9.50 6.84
N GLU A 445 36.74 -9.63 5.69
CA GLU A 445 36.21 -9.06 4.46
C GLU A 445 34.85 -9.66 4.11
N LYS A 446 34.69 -10.97 4.33
CA LYS A 446 33.42 -11.62 4.04
C LYS A 446 32.37 -11.27 5.09
N ILE A 447 32.78 -11.12 6.36
CA ILE A 447 31.86 -10.71 7.41
C ILE A 447 31.24 -9.37 7.07
N LEU A 448 32.04 -8.43 6.57
CA LEU A 448 31.51 -7.13 6.19
C LEU A 448 30.83 -7.14 4.82
N THR A 449 31.18 -8.09 3.95
CA THR A 449 30.67 -8.09 2.58
C THR A 449 29.43 -8.97 2.40
N PHE A 450 29.30 -10.03 3.20
CA PHE A 450 28.24 -11.01 2.98
C PHE A 450 26.86 -10.36 3.12
N ARG A 451 25.95 -10.78 2.25
CA ARG A 451 24.57 -10.30 2.26
C ARG A 451 23.68 -11.42 1.77
N ILE A 452 22.73 -11.86 2.60
CA ILE A 452 21.89 -12.99 2.22
C ILE A 452 21.04 -12.59 1.02
N PRO A 453 21.00 -13.39 -0.04
CA PRO A 453 20.18 -13.02 -1.21
C PRO A 453 18.70 -13.06 -0.89
N TYR A 454 17.95 -12.20 -1.60
CA TYR A 454 16.51 -12.13 -1.38
C TYR A 454 15.82 -13.45 -1.71
N TYR A 455 16.37 -14.20 -2.67
CA TYR A 455 15.72 -15.43 -3.10
C TYR A 455 16.03 -16.62 -2.20
N VAL A 456 16.65 -16.41 -1.04
CA VAL A 456 16.96 -17.47 -0.11
C VAL A 456 16.06 -17.42 1.11
N GLY A 457 15.78 -16.23 1.63
CA GLY A 457 14.92 -16.08 2.78
C GLY A 457 15.62 -16.42 4.08
N PRO A 458 14.85 -16.61 5.13
CA PRO A 458 15.43 -16.97 6.42
C PRO A 458 16.13 -18.32 6.35
N LEU A 459 17.16 -18.48 7.17
CA LEU A 459 17.97 -19.69 7.18
C LEU A 459 17.46 -20.62 8.28
N ALA A 460 16.31 -21.23 8.00
CA ALA A 460 15.62 -22.08 8.95
C ALA A 460 15.72 -23.54 8.56
N ARG A 461 15.47 -24.41 9.53
CA ARG A 461 15.48 -25.86 9.33
C ARG A 461 14.09 -26.45 9.53
N GLY A 462 13.05 -25.72 9.14
CA GLY A 462 11.69 -26.21 9.26
C GLY A 462 10.89 -25.64 10.42
N ASN A 463 11.38 -24.58 11.07
CA ASN A 463 10.68 -23.92 12.16
C ASN A 463 10.19 -22.53 11.79
N SER A 464 10.21 -22.18 10.50
CA SER A 464 9.78 -20.86 10.03
C SER A 464 8.80 -21.06 8.89
N ARG A 465 7.59 -20.51 9.04
CA ARG A 465 6.60 -20.61 7.98
C ARG A 465 6.90 -19.70 6.80
N PHE A 466 7.90 -18.82 6.92
CA PHE A 466 8.29 -17.94 5.83
C PHE A 466 9.45 -18.46 5.01
N ALA A 467 10.21 -19.42 5.53
CA ALA A 467 11.42 -19.87 4.87
C ALA A 467 11.11 -20.83 3.73
N TRP A 468 12.04 -20.95 2.80
CA TRP A 468 11.92 -21.90 1.69
C TRP A 468 13.25 -22.44 1.21
N MET A 469 14.36 -22.10 1.86
CA MET A 469 15.67 -22.50 1.38
C MET A 469 15.86 -24.00 1.49
N THR A 470 16.35 -24.61 0.41
CA THR A 470 16.70 -26.03 0.42
C THR A 470 18.18 -26.15 0.76
N ARG A 471 18.49 -26.92 1.80
CA ARG A 471 19.85 -27.08 2.27
C ARG A 471 20.55 -28.23 1.56
N LYS A 472 21.83 -28.05 1.26
CA LYS A 472 22.66 -29.12 0.74
C LYS A 472 23.24 -30.00 1.83
N SER A 473 23.29 -29.50 3.07
CA SER A 473 23.79 -30.28 4.20
C SER A 473 23.27 -29.64 5.48
N GLU A 474 22.68 -30.44 6.35
CA GLU A 474 22.05 -29.94 7.58
C GLU A 474 23.15 -29.56 8.58
N GLU A 475 23.80 -28.43 8.31
CA GLU A 475 24.88 -27.92 9.14
C GLU A 475 24.65 -26.44 9.44
N THR A 476 25.43 -25.92 10.36
CA THR A 476 25.31 -24.50 10.74
C THR A 476 25.83 -23.62 9.61
N ILE A 477 24.98 -22.71 9.15
CA ILE A 477 25.31 -21.84 8.02
C ILE A 477 26.07 -20.63 8.54
N THR A 478 27.20 -20.34 7.91
CA THR A 478 28.04 -19.20 8.25
C THR A 478 28.26 -18.35 6.99
N PRO A 479 28.67 -17.09 7.15
CA PRO A 479 28.93 -16.25 5.96
C PRO A 479 30.03 -16.76 5.07
N TRP A 480 30.75 -17.81 5.47
CA TRP A 480 31.86 -18.33 4.68
C TRP A 480 31.49 -19.59 3.90
N ASN A 481 30.67 -20.47 4.47
CA ASN A 481 30.23 -21.69 3.80
C ASN A 481 28.83 -21.58 3.23
N PHE A 482 28.39 -20.36 2.92
CA PHE A 482 27.02 -20.16 2.44
C PHE A 482 26.81 -20.84 1.10
N GLU A 483 27.73 -20.63 0.15
CA GLU A 483 27.59 -21.21 -1.18
C GLU A 483 27.73 -22.72 -1.19
N GLU A 484 28.19 -23.32 -0.08
CA GLU A 484 28.37 -24.77 -0.01
C GLU A 484 27.29 -25.48 0.78
N VAL A 485 26.53 -24.75 1.60
CA VAL A 485 25.49 -25.36 2.43
C VAL A 485 24.12 -25.06 1.84
N VAL A 486 23.99 -23.88 1.23
CA VAL A 486 22.72 -23.41 0.67
C VAL A 486 22.73 -23.64 -0.83
N ASP A 487 21.71 -24.34 -1.33
CA ASP A 487 21.54 -24.54 -2.76
C ASP A 487 20.84 -23.30 -3.31
N LYS A 488 21.63 -22.36 -3.84
CA LYS A 488 21.08 -21.07 -4.23
C LYS A 488 20.15 -21.19 -5.44
N GLY A 489 20.47 -22.08 -6.38
CA GLY A 489 19.59 -22.27 -7.52
C GLY A 489 18.23 -22.83 -7.12
N ALA A 490 18.24 -23.92 -6.34
CA ALA A 490 16.97 -24.49 -5.88
C ALA A 490 16.23 -23.53 -4.97
N SER A 491 16.96 -22.76 -4.16
CA SER A 491 16.31 -21.77 -3.31
C SER A 491 15.61 -20.70 -4.13
N ALA A 492 16.26 -20.24 -5.20
CA ALA A 492 15.63 -19.23 -6.05
C ALA A 492 14.45 -19.79 -6.81
N GLN A 493 14.55 -21.05 -7.27
CA GLN A 493 13.41 -21.68 -7.92
C GLN A 493 12.23 -21.82 -6.96
N SER A 494 12.52 -22.18 -5.71
CA SER A 494 11.45 -22.27 -4.71
C SER A 494 10.87 -20.88 -4.43
N PHE A 495 11.71 -19.86 -4.40
CA PHE A 495 11.22 -18.49 -4.19
C PHE A 495 10.24 -18.09 -5.28
N ILE A 496 10.58 -18.35 -6.55
CA ILE A 496 9.71 -17.92 -7.63
C ILE A 496 8.45 -18.78 -7.70
N GLU A 497 8.60 -20.10 -7.62
CA GLU A 497 7.45 -21.00 -7.72
C GLU A 497 6.55 -20.93 -6.49
N ARG A 498 7.05 -20.41 -5.38
CA ARG A 498 6.27 -20.28 -4.15
C ARG A 498 5.14 -19.27 -4.30
N MET A 499 5.25 -18.35 -5.26
CA MET A 499 4.33 -17.24 -5.41
C MET A 499 3.57 -17.24 -6.72
N THR A 500 3.86 -18.18 -7.62
CA THR A 500 3.15 -18.25 -8.89
C THR A 500 1.86 -19.03 -8.73
N ASN A 501 0.97 -18.86 -9.70
CA ASN A 501 -0.34 -19.52 -9.66
C ASN A 501 -0.25 -20.93 -10.21
N PHE A 502 -1.24 -21.75 -9.86
CA PHE A 502 -1.42 -23.06 -10.43
C PHE A 502 -2.55 -23.05 -11.46
N ASP A 503 -2.61 -24.10 -12.27
CA ASP A 503 -3.61 -24.18 -13.31
C ASP A 503 -5.01 -24.28 -12.70
N LYS A 504 -5.92 -23.44 -13.18
CA LYS A 504 -7.29 -23.46 -12.65
C LYS A 504 -7.99 -24.76 -12.96
N ASN A 505 -7.62 -25.43 -14.06
CA ASN A 505 -8.21 -26.70 -14.41
C ASN A 505 -7.49 -27.88 -13.78
N LEU A 506 -6.16 -27.81 -13.65
CA LEU A 506 -5.36 -28.83 -12.98
C LEU A 506 -4.72 -28.21 -11.75
N PRO A 507 -5.38 -28.28 -10.59
CA PRO A 507 -4.86 -27.59 -9.40
C PRO A 507 -3.52 -28.13 -8.90
N ASN A 508 -3.17 -29.37 -9.24
CA ASN A 508 -1.93 -29.96 -8.77
C ASN A 508 -0.77 -29.75 -9.77
N GLU A 509 -0.94 -28.86 -10.74
CA GLU A 509 0.07 -28.62 -11.76
C GLU A 509 0.42 -27.14 -11.81
N LYS A 510 1.70 -26.85 -12.06
CA LYS A 510 2.15 -25.48 -12.17
C LYS A 510 1.84 -24.92 -13.56
N VAL A 511 2.03 -23.61 -13.72
CA VAL A 511 1.70 -22.91 -14.95
C VAL A 511 3.01 -22.50 -15.63
N LEU A 512 3.13 -22.84 -16.91
CA LEU A 512 4.32 -22.48 -17.65
C LEU A 512 4.34 -20.97 -17.93
N PRO A 513 5.51 -20.38 -18.15
CA PRO A 513 5.57 -18.94 -18.39
C PRO A 513 4.84 -18.54 -19.66
N LYS A 514 4.46 -17.27 -19.72
CA LYS A 514 3.74 -16.75 -20.88
C LYS A 514 4.59 -16.80 -22.13
N HIS A 515 5.92 -16.74 -21.98
CA HIS A 515 6.83 -16.79 -23.11
C HIS A 515 7.25 -18.21 -23.48
N SER A 516 6.52 -19.21 -23.00
CA SER A 516 6.80 -20.59 -23.38
C SER A 516 6.43 -20.84 -24.83
N LEU A 517 7.28 -21.58 -25.54
CA LEU A 517 6.99 -21.92 -26.92
C LEU A 517 5.72 -22.74 -27.03
N LEU A 518 5.44 -23.59 -26.04
CA LEU A 518 4.22 -24.38 -26.05
C LEU A 518 2.98 -23.49 -25.94
N TYR A 519 3.03 -22.49 -25.06
CA TYR A 519 1.91 -21.57 -24.92
C TYR A 519 1.67 -20.79 -26.21
N GLU A 520 2.74 -20.39 -26.89
CA GLU A 520 2.58 -19.64 -28.13
C GLU A 520 2.05 -20.53 -29.24
N TYR A 521 2.52 -21.77 -29.33
CA TYR A 521 1.94 -22.73 -30.26
C TYR A 521 0.45 -22.91 -29.99
N PHE A 522 0.08 -23.03 -28.72
CA PHE A 522 -1.32 -23.21 -28.35
C PHE A 522 -2.16 -22.02 -28.76
N THR A 523 -1.67 -20.81 -28.50
CA THR A 523 -2.42 -19.61 -28.86
C THR A 523 -2.57 -19.50 -30.37
N VAL A 524 -1.51 -19.78 -31.12
CA VAL A 524 -1.58 -19.70 -32.58
C VAL A 524 -2.59 -20.71 -33.12
N TYR A 525 -2.58 -21.94 -32.57
CA TYR A 525 -3.49 -22.96 -33.06
C TYR A 525 -4.93 -22.69 -32.65
N ASN A 526 -5.16 -22.20 -31.44
CA ASN A 526 -6.51 -21.85 -31.01
C ASN A 526 -7.05 -20.67 -31.80
N GLU A 527 -6.17 -19.74 -32.18
CA GLU A 527 -6.61 -18.58 -32.93
C GLU A 527 -6.84 -18.91 -34.40
N LEU A 528 -6.09 -19.88 -34.94
CA LEU A 528 -6.19 -20.20 -36.36
C LEU A 528 -7.30 -21.20 -36.68
N THR A 529 -7.90 -21.84 -35.67
CA THR A 529 -8.90 -22.87 -35.93
C THR A 529 -10.17 -22.31 -36.53
N LYS A 530 -10.45 -21.02 -36.33
CA LYS A 530 -11.65 -20.38 -36.84
C LYS A 530 -11.25 -19.45 -37.98
N VAL A 531 -11.56 -19.84 -39.21
CA VAL A 531 -11.21 -19.07 -40.39
C VAL A 531 -12.28 -19.30 -41.46
N LYS A 532 -12.68 -18.21 -42.12
CA LYS A 532 -13.65 -18.30 -43.20
C LYS A 532 -13.03 -18.94 -44.43
N TYR A 533 -12.10 -18.25 -45.08
CA TYR A 533 -11.37 -18.76 -46.24
C TYR A 533 -12.34 -19.24 -47.32
N VAL A 534 -13.22 -18.33 -47.72
CA VAL A 534 -14.27 -18.63 -48.70
C VAL A 534 -13.88 -17.99 -50.03
N THR A 535 -13.65 -18.82 -51.04
CA THR A 535 -13.37 -18.36 -52.38
C THR A 535 -14.68 -18.31 -53.17
N GLU A 536 -14.57 -18.10 -54.49
CA GLU A 536 -15.75 -18.03 -55.33
C GLU A 536 -16.36 -19.42 -55.50
N GLY A 537 -17.63 -19.56 -55.11
CA GLY A 537 -18.32 -20.84 -55.23
C GLY A 537 -17.94 -21.82 -54.15
N MET A 538 -17.31 -22.93 -54.54
CA MET A 538 -16.84 -23.95 -53.62
C MET A 538 -17.97 -24.50 -52.75
N ALA A 542 -12.99 -22.54 -44.91
CA ALA A 542 -13.69 -23.02 -43.72
C ALA A 542 -13.34 -24.47 -43.42
N PHE A 543 -12.63 -25.11 -44.36
CA PHE A 543 -12.23 -26.50 -44.15
C PHE A 543 -11.22 -26.62 -43.02
N LEU A 544 -10.27 -25.68 -42.94
CA LEU A 544 -9.24 -25.65 -41.91
C LEU A 544 -8.51 -26.99 -41.80
N SER A 545 -7.86 -27.37 -42.90
CA SER A 545 -7.12 -28.62 -42.93
C SER A 545 -5.91 -28.54 -42.00
N GLY A 546 -5.71 -29.62 -41.22
CA GLY A 546 -4.59 -29.63 -40.30
C GLY A 546 -3.25 -29.50 -41.00
N GLU A 547 -3.09 -30.19 -42.14
CA GLU A 547 -1.88 -30.02 -42.93
C GLU A 547 -1.77 -28.61 -43.47
N GLN A 548 -2.90 -28.01 -43.84
CA GLN A 548 -2.89 -26.63 -44.30
C GLN A 548 -2.48 -25.67 -43.19
N LYS A 549 -2.97 -25.90 -41.98
CA LYS A 549 -2.58 -25.06 -40.85
C LYS A 549 -1.09 -25.21 -40.54
N LYS A 550 -0.59 -26.45 -40.59
CA LYS A 550 0.85 -26.67 -40.37
C LYS A 550 1.68 -25.97 -41.44
N ALA A 551 1.22 -26.01 -42.69
CA ALA A 551 1.95 -25.33 -43.75
C ALA A 551 1.91 -23.81 -43.56
N ILE A 552 0.77 -23.28 -43.09
CA ILE A 552 0.69 -21.84 -42.83
C ILE A 552 1.64 -21.45 -41.72
N VAL A 553 1.72 -22.27 -40.67
CA VAL A 553 2.64 -21.99 -39.57
C VAL A 553 4.09 -22.05 -40.04
N ASP A 554 4.42 -23.05 -40.86
CA ASP A 554 5.80 -23.19 -41.31
C ASP A 554 6.21 -22.11 -42.30
N LEU A 555 5.26 -21.61 -43.11
CA LEU A 555 5.58 -20.64 -44.15
C LEU A 555 5.37 -19.20 -43.71
N LEU A 556 4.47 -18.95 -42.78
CA LEU A 556 4.17 -17.58 -42.34
C LEU A 556 4.50 -17.37 -40.87
N PHE A 557 3.98 -18.21 -39.97
CA PHE A 557 4.18 -18.01 -38.55
C PHE A 557 5.62 -18.26 -38.13
N LYS A 558 6.35 -19.10 -38.86
CA LYS A 558 7.74 -19.41 -38.57
C LYS A 558 8.71 -18.55 -39.35
N THR A 559 8.25 -17.79 -40.34
CA THR A 559 9.10 -16.92 -41.14
C THR A 559 8.99 -15.45 -40.73
N ASN A 560 7.78 -14.97 -40.50
CA ASN A 560 7.55 -13.60 -40.05
C ASN A 560 6.98 -13.62 -38.64
N ARG A 561 7.26 -12.54 -37.89
CA ARG A 561 6.77 -12.46 -36.51
C ARG A 561 5.29 -12.15 -36.46
N LYS A 562 4.89 -11.01 -37.02
CA LYS A 562 3.49 -10.64 -37.13
C LYS A 562 2.98 -11.04 -38.50
N VAL A 563 2.04 -11.97 -38.52
CA VAL A 563 1.37 -12.41 -39.73
C VAL A 563 0.14 -11.51 -39.94
N THR A 564 0.22 -10.54 -40.90
CA THR A 564 -0.92 -9.67 -41.27
C THR A 564 -1.81 -10.29 -42.35
N VAL A 565 -3.10 -9.95 -42.31
CA VAL A 565 -4.07 -10.74 -43.08
C VAL A 565 -3.94 -10.47 -44.58
N LYS A 566 -3.54 -9.25 -44.93
CA LYS A 566 -3.30 -8.92 -46.34
C LYS A 566 -2.11 -9.71 -46.90
N GLN A 567 -1.05 -9.84 -46.15
CA GLN A 567 0.03 -10.71 -46.60
C GLN A 567 -0.36 -12.18 -46.53
N LEU A 568 -1.27 -12.53 -45.63
CA LEU A 568 -1.73 -13.90 -45.55
C LEU A 568 -2.46 -14.31 -46.81
N LYS A 569 -3.43 -13.48 -47.24
CA LYS A 569 -4.22 -13.83 -48.41
C LYS A 569 -3.40 -13.86 -49.69
N GLU A 570 -2.22 -13.23 -49.71
CA GLU A 570 -1.38 -13.16 -50.89
C GLU A 570 -0.23 -14.15 -50.89
N ASP A 571 0.05 -14.79 -49.75
CA ASP A 571 1.17 -15.73 -49.64
C ASP A 571 0.73 -17.19 -49.71
N TYR A 572 -0.36 -17.56 -49.05
CA TYR A 572 -0.87 -18.93 -49.09
C TYR A 572 -2.17 -19.07 -49.88
N PHE A 573 -3.12 -18.15 -49.69
CA PHE A 573 -4.37 -18.20 -50.42
C PHE A 573 -4.23 -17.77 -51.87
N LYS A 574 -3.05 -17.31 -52.28
CA LYS A 574 -2.82 -16.87 -53.65
C LYS A 574 -1.63 -17.56 -54.31
N LYS A 575 -0.52 -17.70 -53.59
CA LYS A 575 0.68 -18.31 -54.16
C LYS A 575 0.68 -19.83 -54.00
N ILE A 576 0.49 -20.32 -52.78
CA ILE A 576 0.45 -21.76 -52.54
C ILE A 576 -0.73 -22.38 -53.28
N GLU A 577 -1.92 -21.86 -53.03
CA GLU A 577 -3.14 -22.23 -53.76
C GLU A 577 -3.58 -21.03 -54.58
N CYS A 578 -3.71 -21.21 -55.89
CA CYS A 578 -4.01 -20.11 -56.79
C CYS A 578 -5.47 -19.68 -56.62
N PHE A 579 -5.68 -18.44 -56.19
CA PHE A 579 -7.01 -17.87 -56.04
C PHE A 579 -6.88 -16.36 -55.99
N ASP A 580 -8.00 -15.69 -56.25
CA ASP A 580 -8.04 -14.23 -56.24
C ASP A 580 -9.28 -13.71 -55.50
N ILE A 584 -12.18 -14.69 -47.73
CA ILE A 584 -11.46 -14.92 -46.48
C ILE A 584 -11.82 -13.85 -45.45
N SER A 585 -12.34 -14.30 -44.31
CA SER A 585 -12.73 -13.39 -43.24
C SER A 585 -12.81 -14.13 -41.91
N GLY A 586 -11.73 -14.79 -41.52
CA GLY A 586 -11.68 -15.50 -40.25
C GLY A 586 -11.36 -14.59 -39.09
N VAL A 587 -10.25 -13.86 -39.18
CA VAL A 587 -9.81 -12.96 -38.11
C VAL A 587 -9.25 -11.70 -38.74
N GLU A 588 -9.70 -10.54 -38.26
CA GLU A 588 -9.32 -9.26 -38.84
C GLU A 588 -7.83 -8.95 -38.66
N ARG A 590 -4.24 -8.79 -38.40
CA ARG A 590 -3.35 -9.68 -37.66
C ARG A 590 -4.13 -10.74 -36.90
N PHE A 591 -3.41 -11.69 -36.30
CA PHE A 591 -4.03 -12.77 -35.55
C PHE A 591 -3.88 -12.62 -34.04
N ASN A 592 -3.09 -11.66 -33.57
CA ASN A 592 -2.88 -11.44 -32.13
C ASN A 592 -2.31 -12.68 -31.44
N ALA A 593 -1.51 -13.47 -32.18
CA ALA A 593 -0.90 -14.69 -31.65
C ALA A 593 0.38 -14.93 -32.45
N SER A 594 1.45 -14.25 -32.05
CA SER A 594 2.73 -14.33 -32.73
C SER A 594 3.68 -15.27 -31.99
N LEU A 595 4.55 -15.93 -32.76
CA LEU A 595 5.59 -16.79 -32.19
C LEU A 595 6.82 -15.95 -31.89
N GLY A 596 6.66 -15.05 -30.92
CA GLY A 596 7.71 -14.09 -30.64
C GLY A 596 8.98 -14.73 -30.09
N THR A 597 8.81 -15.63 -29.12
CA THR A 597 9.98 -16.31 -28.55
C THR A 597 10.63 -17.24 -29.56
N TYR A 598 9.84 -17.82 -30.47
CA TYR A 598 10.42 -18.61 -31.54
C TYR A 598 11.40 -17.79 -32.36
N HIS A 599 10.97 -16.61 -32.83
CA HIS A 599 11.84 -15.76 -33.62
C HIS A 599 12.99 -15.20 -32.80
N ASP A 600 12.75 -14.95 -31.51
CA ASP A 600 13.84 -14.48 -30.64
C ASP A 600 14.95 -15.53 -30.52
N LEU A 601 14.56 -16.76 -30.20
CA LEU A 601 15.54 -17.84 -30.12
C LEU A 601 16.18 -18.13 -31.46
N LEU A 602 15.43 -17.94 -32.56
CA LEU A 602 16.01 -18.14 -33.88
C LEU A 602 17.09 -17.10 -34.16
N LYS A 603 16.78 -15.82 -33.92
CA LYS A 603 17.78 -14.77 -34.11
C LYS A 603 18.95 -14.93 -33.15
N ILE A 604 18.74 -15.57 -31.99
CA ILE A 604 19.83 -15.78 -31.05
C ILE A 604 20.76 -16.90 -31.53
N ILE A 605 20.18 -18.05 -31.86
CA ILE A 605 20.99 -19.24 -32.17
C ILE A 605 21.20 -19.45 -33.67
N LYS A 606 20.39 -18.83 -34.53
CA LYS A 606 20.53 -18.95 -35.99
C LYS A 606 20.52 -20.42 -36.42
N ASP A 607 19.54 -21.18 -35.91
CA ASP A 607 19.41 -22.59 -36.23
C ASP A 607 17.93 -22.94 -36.22
N LYS A 608 17.30 -22.91 -37.39
CA LYS A 608 15.88 -23.23 -37.48
C LYS A 608 15.64 -24.72 -37.29
N ASP A 609 16.58 -25.57 -37.73
CA ASP A 609 16.39 -27.00 -37.57
C ASP A 609 16.39 -27.42 -36.09
N PHE A 610 17.14 -26.70 -35.25
CA PHE A 610 17.14 -27.02 -33.83
C PHE A 610 15.81 -26.66 -33.19
N LEU A 611 15.17 -25.58 -33.64
CA LEU A 611 13.87 -25.20 -33.10
C LEU A 611 12.78 -26.12 -33.61
N ASP A 612 12.86 -26.52 -34.88
CA ASP A 612 11.86 -27.41 -35.49
C ASP A 612 12.05 -28.87 -35.09
N ASN A 613 13.11 -29.19 -34.35
CA ASN A 613 13.31 -30.55 -33.88
C ASN A 613 12.36 -30.83 -32.71
N GLU A 614 11.56 -31.89 -32.84
CA GLU A 614 10.62 -32.24 -31.79
C GLU A 614 11.33 -32.75 -30.55
N GLU A 615 12.51 -33.34 -30.71
CA GLU A 615 13.24 -33.87 -29.55
C GLU A 615 13.85 -32.75 -28.71
N ASN A 616 14.21 -31.65 -29.34
CA ASN A 616 14.84 -30.54 -28.65
C ASN A 616 13.84 -29.55 -28.05
N GLU A 617 12.55 -29.79 -28.21
CA GLU A 617 11.57 -28.85 -27.68
C GLU A 617 11.56 -28.86 -26.15
N ASP A 618 11.86 -30.00 -25.54
CA ASP A 618 11.91 -30.05 -24.07
C ASP A 618 13.05 -29.19 -23.53
N ILE A 619 14.21 -29.24 -24.19
CA ILE A 619 15.32 -28.38 -23.80
C ILE A 619 14.97 -26.91 -23.98
N LEU A 620 14.25 -26.59 -25.06
CA LEU A 620 13.84 -25.21 -25.28
C LEU A 620 12.88 -24.73 -24.20
N GLU A 621 11.93 -25.58 -23.81
CA GLU A 621 11.01 -25.23 -22.73
C GLU A 621 11.76 -25.02 -21.41
N ASP A 622 12.76 -25.87 -21.14
CA ASP A 622 13.54 -25.69 -19.92
C ASP A 622 14.36 -24.40 -19.96
N ILE A 623 14.91 -24.06 -21.14
CA ILE A 623 15.67 -22.82 -21.27
C ILE A 623 14.77 -21.61 -21.02
N VAL A 624 13.58 -21.62 -21.62
CA VAL A 624 12.65 -20.49 -21.44
C VAL A 624 12.22 -20.40 -19.98
N LEU A 625 11.93 -21.53 -19.34
CA LEU A 625 11.55 -21.50 -17.94
C LEU A 625 12.68 -20.97 -17.07
N THR A 626 13.92 -21.34 -17.41
CA THR A 626 15.06 -20.83 -16.65
C THR A 626 15.22 -19.33 -16.84
N LEU A 627 15.03 -18.85 -18.07
CA LEU A 627 15.11 -17.41 -18.33
C LEU A 627 13.99 -16.65 -17.61
N THR A 628 12.83 -17.27 -17.45
CA THR A 628 11.73 -16.59 -16.78
C THR A 628 11.91 -16.59 -15.26
N LEU A 629 12.40 -17.71 -14.70
CA LEU A 629 12.55 -17.86 -13.26
C LEU A 629 13.43 -16.78 -12.63
N PHE A 630 14.72 -16.81 -12.93
CA PHE A 630 15.69 -15.99 -12.22
C PHE A 630 15.89 -14.65 -12.89
N GLU A 631 16.29 -13.66 -12.09
CA GLU A 631 16.67 -12.35 -12.58
C GLU A 631 18.17 -12.10 -12.52
N ASP A 632 18.85 -12.67 -11.53
CA ASP A 632 20.30 -12.54 -11.42
C ASP A 632 20.99 -13.31 -12.54
N ARG A 633 22.13 -12.77 -12.99
CA ARG A 633 22.85 -13.38 -14.10
C ARG A 633 23.60 -14.63 -13.67
N GLU A 634 24.13 -14.67 -12.44
CA GLU A 634 24.85 -15.85 -11.99
C GLU A 634 23.94 -17.08 -11.92
N MET A 635 22.69 -16.88 -11.49
CA MET A 635 21.75 -17.99 -11.42
C MET A 635 21.47 -18.57 -12.79
N ILE A 636 21.23 -17.71 -13.78
CA ILE A 636 20.92 -18.22 -15.12
C ILE A 636 22.17 -18.80 -15.77
N GLU A 637 23.36 -18.32 -15.39
CA GLU A 637 24.58 -18.93 -15.91
C GLU A 637 24.80 -20.32 -15.32
N GLU A 638 24.53 -20.47 -14.02
CA GLU A 638 24.66 -21.77 -13.39
C GLU A 638 23.60 -22.74 -13.89
N ARG A 639 22.41 -22.25 -14.24
CA ARG A 639 21.33 -23.11 -14.69
C ARG A 639 21.34 -23.33 -16.20
N LEU A 640 22.23 -22.67 -16.94
CA LEU A 640 22.38 -22.90 -18.37
C LEU A 640 23.70 -23.54 -18.74
N LYS A 641 24.55 -23.88 -17.76
CA LYS A 641 25.79 -24.58 -18.06
C LYS A 641 25.54 -25.99 -18.58
N THR A 642 24.41 -26.60 -18.22
CA THR A 642 24.10 -27.94 -18.71
C THR A 642 23.86 -27.96 -20.21
N TYR A 643 23.49 -26.83 -20.80
CA TYR A 643 23.30 -26.71 -22.24
C TYR A 643 24.42 -25.93 -22.89
N ALA A 644 25.53 -25.73 -22.17
CA ALA A 644 26.64 -24.95 -22.71
C ALA A 644 27.28 -25.64 -23.90
N HIS A 645 27.33 -26.97 -23.88
CA HIS A 645 27.95 -27.70 -24.98
C HIS A 645 27.12 -27.67 -26.25
N LEU A 646 25.86 -27.26 -26.18
CA LEU A 646 25.01 -27.30 -27.37
C LEU A 646 25.26 -26.13 -28.30
N PHE A 647 25.61 -24.97 -27.76
CA PHE A 647 25.72 -23.75 -28.55
C PHE A 647 27.14 -23.24 -28.57
N ASP A 648 27.38 -22.31 -29.49
CA ASP A 648 28.63 -21.57 -29.53
C ASP A 648 28.73 -20.62 -28.34
N ASP A 649 29.95 -20.21 -28.03
CA ASP A 649 30.16 -19.31 -26.88
C ASP A 649 29.48 -17.96 -27.10
N LYS A 650 29.51 -17.44 -28.34
CA LYS A 650 28.81 -16.20 -28.65
C LYS A 650 27.31 -16.39 -28.53
N VAL A 651 26.79 -17.49 -29.07
CA VAL A 651 25.37 -17.80 -28.93
C VAL A 651 25.00 -17.98 -27.46
N MET A 652 25.90 -18.58 -26.68
CA MET A 652 25.65 -18.76 -25.25
C MET A 652 25.56 -17.41 -24.54
N LYS A 653 26.46 -16.48 -24.87
CA LYS A 653 26.39 -15.15 -24.28
C LYS A 653 25.10 -14.43 -24.68
N GLN A 654 24.71 -14.56 -25.96
CA GLN A 654 23.49 -13.90 -26.42
C GLN A 654 22.25 -14.48 -25.76
N LEU A 655 22.24 -15.79 -25.51
CA LEU A 655 21.10 -16.41 -24.85
C LEU A 655 21.07 -16.10 -23.36
N LYS A 656 22.24 -15.96 -22.72
CA LYS A 656 22.28 -15.53 -21.33
C LYS A 656 21.91 -14.06 -21.19
N ARG A 657 22.06 -13.27 -22.26
CA ARG A 657 21.63 -11.88 -22.20
C ARG A 657 20.11 -11.76 -22.27
N ARG A 658 19.44 -12.68 -22.96
CA ARG A 658 17.99 -12.65 -23.07
C ARG A 658 17.34 -12.92 -21.73
N ARG A 659 16.22 -12.23 -21.47
CA ARG A 659 15.52 -12.37 -20.21
C ARG A 659 14.03 -12.19 -20.46
N TYR A 660 13.22 -13.10 -19.91
CA TYR A 660 11.78 -13.05 -20.05
C TYR A 660 11.12 -12.88 -18.68
N THR A 661 9.89 -12.39 -18.70
CA THR A 661 9.14 -12.20 -17.48
C THR A 661 7.65 -12.37 -17.77
N GLY A 662 6.93 -12.83 -16.77
CA GLY A 662 5.51 -13.06 -16.92
C GLY A 662 5.19 -14.54 -16.98
N TRP A 663 3.97 -14.88 -16.58
CA TRP A 663 3.52 -16.27 -16.53
C TRP A 663 2.17 -16.40 -17.21
N GLY A 664 1.97 -17.56 -17.85
CA GLY A 664 0.75 -17.82 -18.58
C GLY A 664 -0.39 -18.18 -17.66
N ARG A 665 -1.40 -18.84 -18.23
CA ARG A 665 -2.60 -19.20 -17.50
C ARG A 665 -2.87 -20.70 -17.44
N LEU A 666 -2.27 -21.50 -18.32
CA LEU A 666 -2.56 -22.92 -18.41
C LEU A 666 -1.30 -23.73 -18.14
N SER A 667 -1.50 -24.95 -17.65
CA SER A 667 -0.39 -25.84 -17.33
C SER A 667 0.15 -26.48 -18.60
N ARG A 668 1.21 -27.29 -18.45
CA ARG A 668 1.76 -28.02 -19.58
C ARG A 668 0.92 -29.25 -19.93
N LYS A 669 0.30 -29.88 -18.93
CA LYS A 669 -0.52 -31.06 -19.20
C LYS A 669 -1.85 -30.67 -19.84
N LEU A 670 -2.35 -29.46 -19.55
CA LEU A 670 -3.59 -29.02 -20.16
C LEU A 670 -3.41 -28.64 -21.63
N ILE A 671 -2.18 -28.33 -22.05
CA ILE A 671 -1.92 -27.94 -23.43
C ILE A 671 -1.63 -29.15 -24.30
N ASN A 672 -0.92 -30.14 -23.76
CA ASN A 672 -0.50 -31.29 -24.55
C ASN A 672 -0.53 -32.62 -23.80
N GLY A 673 -0.46 -32.64 -22.47
CA GLY A 673 -0.40 -33.90 -21.74
C GLY A 673 -1.72 -34.63 -21.65
N ILE A 674 -2.84 -33.90 -21.73
CA ILE A 674 -4.16 -34.51 -21.61
C ILE A 674 -4.56 -35.11 -22.95
N ARG A 675 -5.25 -36.25 -22.89
CA ARG A 675 -5.73 -36.92 -24.09
C ARG A 675 -6.92 -37.79 -23.71
N ASP A 676 -8.04 -37.61 -24.41
CA ASP A 676 -9.23 -38.40 -24.12
C ASP A 676 -9.04 -39.85 -24.53
N LYS A 677 -9.61 -40.76 -23.74
CA LYS A 677 -9.46 -42.19 -24.01
C LYS A 677 -10.15 -42.58 -25.31
N GLN A 678 -11.41 -42.19 -25.47
CA GLN A 678 -12.15 -42.57 -26.68
C GLN A 678 -11.60 -41.86 -27.91
N SER A 679 -11.18 -40.59 -27.76
CA SER A 679 -10.63 -39.87 -28.89
C SER A 679 -9.25 -40.39 -29.26
N GLY A 680 -8.45 -40.77 -28.26
CA GLY A 680 -7.11 -41.25 -28.52
C GLY A 680 -6.18 -40.21 -29.11
N LYS A 681 -6.38 -38.94 -28.77
CA LYS A 681 -5.54 -37.87 -29.29
C LYS A 681 -5.38 -36.80 -28.22
N THR A 682 -4.27 -36.09 -28.28
CA THR A 682 -4.00 -35.01 -27.34
C THR A 682 -4.83 -33.77 -27.71
N ILE A 683 -4.94 -32.87 -26.74
CA ILE A 683 -5.73 -31.65 -26.96
C ILE A 683 -5.05 -30.74 -27.97
N LEU A 684 -3.72 -30.64 -27.91
CA LEU A 684 -2.98 -29.84 -28.89
C LEU A 684 -3.18 -30.38 -30.29
N ASP A 685 -3.13 -31.71 -30.45
CA ASP A 685 -3.42 -32.31 -31.75
C ASP A 685 -4.85 -32.07 -32.18
N PHE A 686 -5.78 -31.98 -31.22
CA PHE A 686 -7.17 -31.68 -31.56
C PHE A 686 -7.32 -30.24 -32.06
N LEU A 687 -6.56 -29.31 -31.47
CA LEU A 687 -6.52 -27.95 -31.97
C LEU A 687 -5.86 -27.88 -33.34
N LYS A 688 -4.86 -28.72 -33.59
CA LYS A 688 -4.18 -28.72 -34.88
C LYS A 688 -5.07 -29.29 -35.99
N SER A 689 -5.84 -30.34 -35.68
CA SER A 689 -6.73 -30.95 -36.66
C SER A 689 -7.86 -31.67 -35.92
N ASP A 690 -9.09 -31.45 -36.37
CA ASP A 690 -10.27 -32.07 -35.76
C ASP A 690 -11.28 -32.45 -36.85
N GLY A 691 -10.79 -32.87 -38.00
CA GLY A 691 -11.67 -33.27 -39.09
C GLY A 691 -12.33 -32.07 -39.76
N PHE A 692 -13.59 -32.27 -40.15
CA PHE A 692 -14.33 -31.20 -40.82
C PHE A 692 -14.79 -30.12 -39.87
N ALA A 693 -14.96 -30.45 -38.58
CA ALA A 693 -15.40 -29.51 -37.56
C ALA A 693 -14.20 -29.16 -36.68
N ASN A 694 -13.57 -28.03 -36.97
CA ASN A 694 -12.40 -27.58 -36.22
C ASN A 694 -12.89 -26.89 -34.94
N ARG A 695 -12.94 -27.65 -33.84
CA ARG A 695 -13.46 -27.12 -32.60
C ARG A 695 -12.43 -26.24 -31.90
N ASN A 696 -12.88 -25.50 -30.90
CA ASN A 696 -12.07 -24.53 -30.19
C ASN A 696 -11.62 -25.11 -28.85
N PHE A 697 -10.82 -24.34 -28.12
CA PHE A 697 -10.33 -24.77 -26.82
C PHE A 697 -11.46 -24.86 -25.81
N MET A 698 -12.31 -23.83 -25.74
CA MET A 698 -13.47 -23.90 -24.87
C MET A 698 -14.42 -25.01 -25.30
N GLN A 699 -14.52 -25.25 -26.61
CA GLN A 699 -15.33 -26.36 -27.09
C GLN A 699 -14.74 -27.70 -26.65
N LEU A 700 -13.41 -27.80 -26.64
CA LEU A 700 -12.74 -29.00 -26.16
C LEU A 700 -12.85 -29.15 -24.64
N ILE A 701 -13.03 -28.06 -23.91
CA ILE A 701 -13.15 -28.15 -22.46
C ILE A 701 -14.58 -28.54 -22.06
N HIS A 702 -15.58 -27.83 -22.60
CA HIS A 702 -16.96 -28.06 -22.22
C HIS A 702 -17.73 -28.82 -23.28
N ASP A 703 -17.28 -30.03 -23.61
CA ASP A 703 -17.97 -30.92 -24.53
C ASP A 703 -18.43 -32.15 -23.78
N ASP A 704 -19.70 -32.53 -23.96
CA ASP A 704 -20.23 -33.71 -23.31
C ASP A 704 -19.58 -34.99 -23.80
N SER A 705 -18.94 -34.96 -24.97
CA SER A 705 -18.25 -36.12 -25.51
C SER A 705 -16.78 -36.18 -25.14
N LEU A 706 -16.19 -35.05 -24.73
CA LEU A 706 -14.79 -35.01 -24.37
C LEU A 706 -14.59 -35.51 -22.95
N THR A 707 -13.66 -36.46 -22.78
CA THR A 707 -13.29 -36.94 -21.45
C THR A 707 -12.55 -35.87 -20.64
N PHE A 708 -12.25 -34.73 -21.25
CA PHE A 708 -11.49 -33.68 -20.57
C PHE A 708 -12.24 -33.13 -19.37
N LYS A 709 -13.51 -32.76 -19.56
CA LYS A 709 -14.26 -32.08 -18.50
C LYS A 709 -14.41 -32.96 -17.27
N GLU A 710 -14.64 -34.26 -17.47
CA GLU A 710 -14.79 -35.17 -16.34
C GLU A 710 -13.50 -35.27 -15.53
N ASP A 711 -12.37 -35.41 -16.22
CA ASP A 711 -11.09 -35.48 -15.51
C ASP A 711 -10.75 -34.16 -14.84
N ILE A 712 -11.13 -33.03 -15.44
CA ILE A 712 -10.87 -31.74 -14.82
C ILE A 712 -11.70 -31.59 -13.54
N GLN A 713 -12.96 -32.03 -13.57
CA GLN A 713 -13.78 -32.00 -12.37
C GLN A 713 -13.26 -32.97 -11.32
N LYS A 714 -12.71 -34.11 -11.74
CA LYS A 714 -12.18 -35.09 -10.79
C LYS A 714 -10.91 -34.59 -10.13
N ALA A 715 -10.08 -33.86 -10.88
CA ALA A 715 -8.83 -33.32 -10.34
C ALA A 715 -9.08 -32.26 -9.27
N GLN A 716 -10.28 -31.67 -9.23
CA GLN A 716 -10.65 -30.69 -8.22
C GLN A 716 -11.32 -31.43 -7.07
N VAL A 717 -10.49 -32.08 -6.24
CA VAL A 717 -11.01 -32.84 -5.11
C VAL A 717 -11.57 -31.91 -4.04
N SER A 718 -10.76 -30.97 -3.58
CA SER A 718 -11.19 -30.03 -2.56
C SER A 718 -12.12 -28.97 -3.15
N ASP A 722 -12.06 -24.75 0.45
CA ASP A 722 -12.13 -25.53 1.67
C ASP A 722 -13.02 -24.86 2.71
N SER A 723 -12.40 -24.19 3.67
CA SER A 723 -13.13 -23.53 4.74
C SER A 723 -13.64 -22.17 4.29
N LEU A 724 -14.52 -21.59 5.11
CA LEU A 724 -15.05 -20.26 4.82
C LEU A 724 -13.99 -19.20 4.99
N HIS A 725 -13.27 -19.23 6.11
CA HIS A 725 -12.22 -18.24 6.36
C HIS A 725 -11.09 -18.35 5.33
N GLU A 726 -10.78 -19.59 4.91
CA GLU A 726 -9.75 -19.76 3.88
C GLU A 726 -10.21 -19.19 2.55
N HIS A 727 -11.49 -19.36 2.20
CA HIS A 727 -11.99 -18.82 0.95
C HIS A 727 -12.06 -17.29 1.00
N ILE A 728 -12.38 -16.73 2.16
CA ILE A 728 -12.41 -15.28 2.32
C ILE A 728 -11.01 -14.71 2.21
N ALA A 729 -10.03 -15.39 2.81
CA ALA A 729 -8.65 -14.91 2.75
C ALA A 729 -8.09 -14.93 1.34
N ASN A 730 -8.47 -15.92 0.53
CA ASN A 730 -7.97 -16.00 -0.83
C ASN A 730 -8.53 -14.90 -1.74
N LEU A 731 -9.59 -14.21 -1.32
CA LEU A 731 -10.18 -13.18 -2.15
C LEU A 731 -9.27 -11.96 -2.25
N ALA A 732 -9.29 -11.33 -3.43
CA ALA A 732 -8.44 -10.18 -3.71
C ALA A 732 -9.10 -8.90 -3.20
N GLY A 733 -8.45 -8.24 -2.25
CA GLY A 733 -8.97 -7.01 -1.71
C GLY A 733 -8.32 -6.69 -0.38
N SER A 734 -8.69 -5.51 0.13
CA SER A 734 -8.16 -5.06 1.41
C SER A 734 -8.69 -5.93 2.54
N PRO A 735 -7.89 -6.13 3.59
CA PRO A 735 -8.36 -6.97 4.71
C PRO A 735 -9.61 -6.42 5.38
N ALA A 736 -9.81 -5.10 5.36
CA ALA A 736 -11.02 -4.52 5.94
C ALA A 736 -12.25 -5.02 5.21
N ILE A 737 -12.22 -5.01 3.87
CA ILE A 737 -13.35 -5.49 3.09
C ILE A 737 -13.60 -6.96 3.37
N LYS A 738 -12.54 -7.75 3.51
CA LYS A 738 -12.71 -9.17 3.76
C LYS A 738 -13.32 -9.41 5.14
N LYS A 739 -12.92 -8.62 6.14
CA LYS A 739 -13.51 -8.73 7.46
C LYS A 739 -14.99 -8.35 7.43
N GLY A 740 -15.33 -7.28 6.71
CA GLY A 740 -16.72 -6.93 6.54
C GLY A 740 -17.52 -8.02 5.86
N ILE A 741 -16.92 -8.69 4.87
CA ILE A 741 -17.60 -9.76 4.17
C ILE A 741 -17.85 -10.94 5.10
N LEU A 742 -16.86 -11.29 5.91
CA LEU A 742 -17.02 -12.37 6.87
C LEU A 742 -18.11 -12.06 7.88
N GLN A 743 -18.10 -10.84 8.42
CA GLN A 743 -19.17 -10.44 9.31
C GLN A 743 -20.51 -10.45 8.60
N THR A 744 -20.52 -10.17 7.30
CA THR A 744 -21.78 -10.16 6.54
C THR A 744 -22.34 -11.58 6.40
N VAL A 745 -21.49 -12.54 6.08
CA VAL A 745 -22.01 -13.91 5.96
C VAL A 745 -22.43 -14.45 7.32
N LYS A 746 -21.74 -14.04 8.39
CA LYS A 746 -22.19 -14.40 9.73
C LYS A 746 -23.57 -13.82 10.04
N VAL A 747 -23.78 -12.55 9.68
CA VAL A 747 -25.08 -11.91 9.89
C VAL A 747 -26.16 -12.64 9.09
N VAL A 748 -25.86 -13.02 7.85
CA VAL A 748 -26.84 -13.71 7.03
C VAL A 748 -27.19 -15.06 7.64
N ASP A 749 -26.18 -15.79 8.12
CA ASP A 749 -26.45 -17.08 8.76
C ASP A 749 -27.35 -16.91 9.97
N GLU A 750 -27.04 -15.91 10.82
CA GLU A 750 -27.87 -15.71 12.02
C GLU A 750 -29.27 -15.27 11.65
N LEU A 751 -29.42 -14.47 10.58
CA LEU A 751 -30.74 -14.05 10.15
C LEU A 751 -31.57 -15.24 9.67
N VAL A 752 -30.97 -16.13 8.88
CA VAL A 752 -31.68 -17.34 8.47
C VAL A 752 -32.04 -18.17 9.68
N LYS A 753 -31.16 -18.20 10.69
CA LYS A 753 -31.47 -18.94 11.91
C LYS A 753 -32.65 -18.33 12.65
N VAL A 754 -32.78 -17.00 12.62
CA VAL A 754 -33.90 -16.35 13.30
C VAL A 754 -35.22 -16.75 12.64
N MET A 755 -35.23 -16.89 11.33
CA MET A 755 -36.42 -17.28 10.59
C MET A 755 -36.72 -18.77 10.68
N GLY A 756 -36.10 -19.48 11.62
CA GLY A 756 -36.35 -20.90 11.75
C GLY A 756 -35.87 -21.69 10.56
N ARG A 757 -34.65 -21.40 10.11
CA ARG A 757 -34.02 -22.10 9.00
C ARG A 757 -34.84 -21.97 7.73
N HIS A 758 -35.43 -20.79 7.52
CA HIS A 758 -36.16 -20.49 6.30
C HIS A 758 -35.29 -19.61 5.41
N LYS A 759 -35.18 -19.98 4.14
CA LYS A 759 -34.30 -19.19 3.28
C LYS A 759 -35.04 -18.00 2.70
N PRO A 760 -34.38 -16.86 2.56
CA PRO A 760 -35.03 -15.69 1.96
C PRO A 760 -35.27 -15.90 0.47
N GLU A 761 -36.18 -15.08 -0.07
CA GLU A 761 -36.42 -15.09 -1.51
C GLU A 761 -35.43 -14.20 -2.26
N ASN A 762 -34.92 -13.15 -1.63
CA ASN A 762 -33.94 -12.27 -2.24
C ASN A 762 -32.97 -11.78 -1.19
N ILE A 763 -31.73 -11.53 -1.60
CA ILE A 763 -30.71 -10.91 -0.76
C ILE A 763 -30.07 -9.81 -1.60
N VAL A 764 -30.45 -8.56 -1.34
CA VAL A 764 -29.92 -7.42 -2.06
C VAL A 764 -28.74 -6.87 -1.25
N ILE A 765 -27.54 -6.99 -1.80
CA ILE A 765 -26.31 -6.61 -1.11
C ILE A 765 -25.65 -5.49 -1.89
N GLU A 766 -25.09 -4.52 -1.17
CA GLU A 766 -24.41 -3.39 -1.76
C GLU A 766 -23.19 -3.04 -0.94
N MET A 767 -22.05 -2.83 -1.60
CA MET A 767 -20.82 -2.46 -0.93
C MET A 767 -20.52 -0.98 -1.08
N ALA A 768 -19.60 -0.49 -0.25
CA ALA A 768 -19.15 0.89 -0.29
C ALA A 768 -17.83 0.98 -1.02
N ARG A 769 -17.59 2.13 -1.63
CA ARG A 769 -16.36 2.36 -2.38
C ARG A 769 -15.18 2.57 -1.43
N GLY A 777 -6.38 13.46 6.79
CA GLY A 777 -5.39 12.60 7.42
C GLY A 777 -3.97 13.07 7.27
N GLN A 778 -3.15 12.79 8.30
CA GLN A 778 -1.76 13.20 8.26
C GLN A 778 -0.97 12.41 7.22
N LYS A 779 -1.30 11.13 7.01
CA LYS A 779 -0.61 10.34 6.00
C LYS A 779 -0.92 10.85 4.60
N ASN A 780 -2.19 11.17 4.33
CA ASN A 780 -2.54 11.75 3.03
C ASN A 780 -1.86 13.09 2.83
N SER A 781 -1.79 13.91 3.88
CA SER A 781 -1.11 15.20 3.77
C SER A 781 0.37 15.02 3.47
N ARG A 782 1.03 14.07 4.15
CA ARG A 782 2.45 13.84 3.89
C ARG A 782 2.67 13.33 2.48
N GLU A 783 1.81 12.43 2.00
CA GLU A 783 1.94 11.93 0.63
C GLU A 783 1.75 13.05 -0.38
N ARG A 784 0.78 13.94 -0.14
CA ARG A 784 0.56 15.06 -1.04
C ARG A 784 1.75 16.01 -1.03
N MET A 785 2.32 16.28 0.15
CA MET A 785 3.50 17.12 0.23
C MET A 785 4.65 16.50 -0.54
N LYS A 786 4.87 15.20 -0.40
CA LYS A 786 5.94 14.51 -1.13
C LYS A 786 5.71 14.63 -2.64
N ARG A 787 4.49 14.37 -3.10
CA ARG A 787 4.21 14.44 -4.53
C ARG A 787 4.44 15.84 -5.07
N ILE A 788 3.98 16.87 -4.35
CA ILE A 788 4.15 18.24 -4.81
C ILE A 788 5.63 18.61 -4.85
N GLU A 789 6.38 18.27 -3.80
CA GLU A 789 7.80 18.58 -3.76
C GLU A 789 8.53 17.90 -4.91
N GLU A 790 8.25 16.62 -5.15
CA GLU A 790 8.94 15.90 -6.22
C GLU A 790 8.57 16.47 -7.58
N GLY A 791 7.30 16.79 -7.79
CA GLY A 791 6.88 17.34 -9.08
C GLY A 791 7.48 18.70 -9.35
N ILE A 792 7.54 19.57 -8.33
CA ILE A 792 8.13 20.89 -8.53
C ILE A 792 9.65 20.77 -8.70
N LYS A 793 10.29 19.82 -8.02
CA LYS A 793 11.73 19.64 -8.17
C LYS A 793 12.07 19.16 -9.59
N GLU A 794 11.33 18.18 -10.09
CA GLU A 794 11.59 17.71 -11.46
C GLU A 794 11.09 18.70 -12.50
N LEU A 795 10.20 19.61 -12.13
CA LEU A 795 9.75 20.66 -13.04
C LEU A 795 10.65 21.87 -13.02
N GLY A 796 11.48 22.03 -11.99
CA GLY A 796 12.38 23.16 -11.91
C GLY A 796 11.71 24.49 -11.64
N SER A 797 10.53 24.47 -11.03
CA SER A 797 9.81 25.69 -10.73
C SER A 797 10.15 26.20 -9.34
N GLN A 798 10.00 27.51 -9.15
CA GLN A 798 10.26 28.16 -7.87
C GLN A 798 8.97 28.48 -7.10
N ILE A 799 7.89 27.75 -7.39
CA ILE A 799 6.60 28.06 -6.77
C ILE A 799 6.62 27.72 -5.28
N LEU A 800 7.34 26.67 -4.89
CA LEU A 800 7.45 26.32 -3.47
C LEU A 800 8.31 27.31 -2.71
N LYS A 801 9.13 28.10 -3.40
CA LYS A 801 9.95 29.10 -2.73
C LYS A 801 9.28 30.47 -2.73
N GLU A 802 8.64 30.85 -3.84
CA GLU A 802 7.92 32.12 -3.90
C GLU A 802 6.75 32.13 -2.92
N HIS A 803 5.85 31.17 -3.05
CA HIS A 803 4.73 31.03 -2.12
C HIS A 803 5.04 29.87 -1.17
N PRO A 804 5.45 30.14 0.07
CA PRO A 804 5.76 29.05 0.99
C PRO A 804 4.53 28.23 1.32
N VAL A 805 4.63 26.92 1.13
CA VAL A 805 3.54 25.99 1.41
C VAL A 805 3.91 25.14 2.61
N GLU A 806 2.95 24.94 3.50
CA GLU A 806 3.14 24.14 4.70
C GLU A 806 2.25 22.91 4.64
N ASN A 807 2.57 21.93 5.48
CA ASN A 807 1.83 20.68 5.48
C ASN A 807 0.45 20.88 6.11
N THR A 808 -0.43 19.88 5.91
CA THR A 808 -1.80 19.87 6.39
C THR A 808 -2.63 21.01 5.83
N GLN A 809 -2.03 21.84 4.97
CA GLN A 809 -2.77 22.87 4.26
C GLN A 809 -3.22 22.41 2.89
N LEU A 810 -2.62 21.35 2.36
CA LEU A 810 -2.98 20.81 1.05
C LEU A 810 -4.30 20.04 1.07
N GLN A 811 -4.95 19.91 2.22
CA GLN A 811 -6.25 19.25 2.25
C GLN A 811 -7.28 20.05 1.46
N ASN A 812 -7.14 21.37 1.39
CA ASN A 812 -8.03 22.19 0.59
C ASN A 812 -7.82 21.90 -0.89
N GLU A 813 -8.91 21.57 -1.59
CA GLU A 813 -8.79 21.15 -2.98
C GLU A 813 -8.30 22.28 -3.88
N LYS A 814 -8.76 23.51 -3.62
CA LYS A 814 -8.33 24.64 -4.44
C LYS A 814 -6.82 24.83 -4.37
N LEU A 815 -6.28 24.94 -3.14
CA LEU A 815 -4.85 25.15 -2.98
C LEU A 815 -4.05 23.94 -3.45
N TYR A 816 -4.59 22.73 -3.26
CA TYR A 816 -3.90 21.53 -3.73
C TYR A 816 -3.78 21.53 -5.25
N LEU A 817 -4.88 21.85 -5.94
CA LEU A 817 -4.83 21.92 -7.40
C LEU A 817 -3.95 23.08 -7.87
N TYR A 818 -3.89 24.17 -7.11
CA TYR A 818 -2.97 25.25 -7.44
C TYR A 818 -1.53 24.75 -7.42
N TYR A 819 -1.12 24.18 -6.28
CA TYR A 819 0.24 23.68 -6.19
C TYR A 819 0.50 22.48 -7.09
N LEU A 820 -0.55 21.84 -7.61
CA LEU A 820 -0.36 20.74 -8.55
C LEU A 820 -0.24 21.21 -9.99
N GLN A 821 -0.81 22.37 -10.31
CA GLN A 821 -0.78 22.91 -11.66
C GLN A 821 0.27 24.02 -11.81
N ASN A 822 1.23 24.09 -10.88
CA ASN A 822 2.29 25.10 -10.91
C ASN A 822 1.72 26.51 -10.89
N GLY A 823 0.52 26.67 -10.35
CA GLY A 823 -0.11 27.98 -10.27
C GLY A 823 -0.65 28.52 -11.58
N ARG A 824 -0.99 27.65 -12.53
CA ARG A 824 -1.52 28.09 -13.81
C ARG A 824 -2.69 27.20 -14.19
N ASP A 825 -3.61 27.77 -14.98
CA ASP A 825 -4.75 27.02 -15.47
C ASP A 825 -4.32 25.90 -16.41
N MET A 826 -5.12 24.83 -16.46
CA MET A 826 -4.89 23.75 -17.41
C MET A 826 -5.79 23.83 -18.63
N TYR A 827 -6.79 24.71 -18.61
CA TYR A 827 -7.64 24.95 -19.76
C TYR A 827 -7.20 26.16 -20.59
N VAL A 828 -6.49 27.11 -19.98
CA VAL A 828 -5.90 28.24 -20.70
C VAL A 828 -4.52 28.50 -20.11
N ASP A 829 -3.76 29.38 -20.80
CA ASP A 829 -2.38 29.65 -20.47
C ASP A 829 -2.21 30.80 -19.47
N GLN A 830 -3.24 31.11 -18.70
CA GLN A 830 -3.13 32.16 -17.70
C GLN A 830 -2.60 31.59 -16.39
N GLU A 831 -2.15 32.48 -15.52
CA GLU A 831 -1.65 32.09 -14.20
C GLU A 831 -2.73 32.28 -13.14
N LEU A 832 -2.65 31.45 -12.09
CA LEU A 832 -3.60 31.51 -10.98
C LEU A 832 -3.00 32.32 -9.84
N ASP A 833 -3.87 33.04 -9.13
CA ASP A 833 -3.45 33.93 -8.05
C ASP A 833 -3.79 33.29 -6.70
N ILE A 834 -2.81 33.26 -5.80
CA ILE A 834 -3.05 32.80 -4.44
C ILE A 834 -4.07 33.73 -3.78
N ASN A 835 -4.85 33.17 -2.85
CA ASN A 835 -5.88 33.84 -2.06
C ASN A 835 -7.00 34.42 -2.92
N ARG A 836 -6.93 34.21 -4.23
CA ARG A 836 -8.06 34.43 -5.12
C ARG A 836 -8.71 33.13 -5.55
N LEU A 837 -8.39 32.03 -4.88
CA LEU A 837 -8.86 30.71 -5.29
C LEU A 837 -10.36 30.54 -5.06
N SER A 838 -10.96 31.32 -4.15
CA SER A 838 -12.39 31.23 -3.93
C SER A 838 -13.17 31.69 -5.16
N ASP A 839 -12.66 32.71 -5.84
CA ASP A 839 -13.28 33.15 -7.09
C ASP A 839 -13.06 32.13 -8.20
N TYR A 840 -11.92 31.43 -8.19
CA TYR A 840 -11.67 30.39 -9.17
C TYR A 840 -12.52 29.16 -8.88
N ASP A 841 -12.81 28.39 -9.93
CA ASP A 841 -13.73 27.26 -9.84
C ASP A 841 -13.02 25.96 -10.23
N VAL A 842 -13.48 24.85 -9.66
CA VAL A 842 -13.03 23.51 -10.03
C VAL A 842 -14.00 22.92 -11.02
N ASP A 843 -13.47 22.34 -12.10
CA ASP A 843 -14.27 21.79 -13.19
C ASP A 843 -13.91 20.33 -13.38
N ALA A 844 -14.92 19.51 -13.70
CA ALA A 844 -14.67 18.11 -14.00
C ALA A 844 -14.26 17.96 -15.46
N ILE A 845 -13.27 17.09 -15.70
CA ILE A 845 -12.79 16.89 -17.06
C ILE A 845 -13.86 16.21 -17.91
N VAL A 846 -14.48 15.16 -17.37
CA VAL A 846 -15.65 14.57 -17.99
C VAL A 846 -16.87 15.13 -17.27
N PRO A 847 -18.00 15.31 -17.96
CA PRO A 847 -19.18 15.90 -17.29
C PRO A 847 -19.59 15.08 -16.07
N GLN A 848 -19.90 15.78 -14.98
CA GLN A 848 -20.37 15.11 -13.78
C GLN A 848 -21.66 14.35 -14.01
N SER A 849 -22.43 14.74 -15.03
CA SER A 849 -23.64 13.99 -15.37
C SER A 849 -23.30 12.61 -15.91
N PHE A 850 -22.18 12.48 -16.62
CA PHE A 850 -21.80 11.19 -17.20
C PHE A 850 -21.09 10.33 -16.16
N LEU A 851 -19.88 10.74 -15.75
CA LEU A 851 -19.10 10.02 -14.75
C LEU A 851 -19.13 10.79 -13.44
N LYS A 852 -19.45 10.09 -12.36
CA LYS A 852 -19.50 10.69 -11.02
C LYS A 852 -18.19 10.42 -10.28
N ASP A 853 -17.11 10.96 -10.83
CA ASP A 853 -15.78 10.86 -10.24
C ASP A 853 -15.37 12.24 -9.74
N ASP A 854 -15.07 12.33 -8.45
CA ASP A 854 -14.65 13.58 -7.83
C ASP A 854 -13.20 13.54 -7.37
N SER A 855 -12.39 12.65 -7.95
CA SER A 855 -10.99 12.55 -7.59
C SER A 855 -10.18 13.62 -8.31
N ILE A 856 -8.88 13.68 -8.01
CA ILE A 856 -8.01 14.64 -8.66
C ILE A 856 -7.80 14.31 -10.13
N ASP A 857 -7.94 13.03 -10.51
CA ASP A 857 -7.85 12.62 -11.90
C ASP A 857 -8.97 13.18 -12.77
N ASN A 858 -9.94 13.86 -12.17
CA ASN A 858 -11.05 14.44 -12.93
C ASN A 858 -11.29 15.91 -12.61
N LYS A 859 -10.63 16.48 -11.61
CA LYS A 859 -10.87 17.86 -11.20
C LYS A 859 -9.71 18.75 -11.61
N VAL A 860 -10.05 19.93 -12.15
CA VAL A 860 -9.07 20.90 -12.64
C VAL A 860 -9.46 22.28 -12.11
N LEU A 861 -8.51 22.98 -11.49
CA LEU A 861 -8.75 24.32 -10.98
C LEU A 861 -8.50 25.34 -12.08
N THR A 862 -9.55 26.10 -12.44
CA THR A 862 -9.46 27.10 -13.49
C THR A 862 -10.11 28.39 -13.01
N ARG A 863 -9.88 29.47 -13.75
CA ARG A 863 -10.49 30.74 -13.40
C ARG A 863 -12.00 30.70 -13.63
N SER A 864 -12.42 30.22 -14.79
CA SER A 864 -13.82 30.13 -15.13
C SER A 864 -14.09 28.80 -15.83
N ASP A 865 -15.31 28.30 -15.67
CA ASP A 865 -15.69 27.06 -16.34
C ASP A 865 -15.84 27.25 -17.84
N LYS A 866 -16.04 28.49 -18.30
CA LYS A 866 -16.24 28.72 -19.73
C LYS A 866 -14.97 28.47 -20.53
N ASN A 867 -13.81 28.37 -19.87
CA ASN A 867 -12.58 28.04 -20.58
C ASN A 867 -12.66 26.66 -21.21
N ARG A 868 -13.43 25.75 -20.60
CA ARG A 868 -13.70 24.46 -21.20
C ARG A 868 -14.63 24.63 -22.40
N GLY A 869 -14.44 23.77 -23.41
CA GLY A 869 -15.17 23.94 -24.66
C GLY A 869 -16.67 23.89 -24.51
N LYS A 870 -17.19 22.85 -23.84
CA LYS A 870 -18.63 22.70 -23.72
C LYS A 870 -18.95 21.72 -22.59
N SER A 871 -20.12 21.90 -22.00
CA SER A 871 -20.58 20.99 -20.95
C SER A 871 -21.01 19.62 -21.48
N ASP A 872 -21.07 19.45 -22.80
CA ASP A 872 -21.50 18.18 -23.37
C ASP A 872 -20.42 17.12 -23.26
N ASN A 873 -19.14 17.52 -23.28
CA ASN A 873 -18.03 16.62 -23.54
C ASN A 873 -16.76 17.16 -22.89
N VAL A 874 -15.65 16.48 -23.14
CA VAL A 874 -14.29 16.88 -22.76
C VAL A 874 -14.02 18.29 -23.25
N PRO A 875 -13.13 19.06 -22.62
CA PRO A 875 -12.71 20.34 -23.21
C PRO A 875 -12.29 20.19 -24.66
N SER A 876 -12.78 21.13 -25.49
CA SER A 876 -12.68 21.01 -26.93
C SER A 876 -11.22 20.93 -27.37
N GLU A 877 -11.02 20.44 -28.60
CA GLU A 877 -9.68 20.29 -29.14
C GLU A 877 -8.98 21.63 -29.31
N GLU A 878 -9.74 22.74 -29.33
CA GLU A 878 -9.10 24.05 -29.34
C GLU A 878 -8.35 24.31 -28.04
N VAL A 879 -8.77 23.66 -26.95
CA VAL A 879 -8.06 23.76 -25.69
C VAL A 879 -6.87 22.80 -25.67
N VAL A 880 -7.07 21.59 -26.21
CA VAL A 880 -6.01 20.59 -26.19
C VAL A 880 -4.84 21.02 -27.05
N LYS A 881 -5.13 21.51 -28.26
CA LYS A 881 -4.06 21.91 -29.18
C LYS A 881 -3.20 23.02 -28.60
N LYS A 882 -3.68 23.72 -27.58
CA LYS A 882 -2.91 24.78 -26.93
C LYS A 882 -2.27 24.34 -25.63
N MET A 883 -2.90 23.42 -24.88
CA MET A 883 -2.42 23.04 -23.56
C MET A 883 -1.76 21.68 -23.53
N LYS A 884 -1.59 21.02 -24.68
CA LYS A 884 -1.03 19.67 -24.68
C LYS A 884 0.42 19.67 -24.20
N ASN A 885 1.19 20.70 -24.55
CA ASN A 885 2.57 20.76 -24.09
C ASN A 885 2.63 20.92 -22.58
N TYR A 886 1.78 21.79 -22.02
CA TYR A 886 1.77 21.95 -20.57
C TYR A 886 1.30 20.69 -19.87
N TRP A 887 0.30 20.01 -20.45
CA TRP A 887 -0.16 18.75 -19.88
C TRP A 887 0.93 17.69 -19.92
N ARG A 888 1.70 17.64 -21.01
CA ARG A 888 2.80 16.68 -21.10
C ARG A 888 3.89 17.01 -20.08
N GLN A 889 4.18 18.30 -19.88
CA GLN A 889 5.17 18.68 -18.89
C GLN A 889 4.70 18.33 -17.48
N LEU A 890 3.39 18.45 -17.23
CA LEU A 890 2.86 18.06 -15.93
C LEU A 890 2.90 16.55 -15.75
N LEU A 891 2.61 15.80 -16.81
CA LEU A 891 2.63 14.35 -16.71
C LEU A 891 4.05 13.83 -16.49
N ASN A 892 5.02 14.37 -17.22
CA ASN A 892 6.41 13.93 -17.07
C ASN A 892 6.96 14.27 -15.69
N ALA A 893 6.37 15.23 -14.99
CA ALA A 893 6.79 15.59 -13.63
C ALA A 893 6.05 14.80 -12.56
N LYS A 894 5.26 13.80 -12.95
CA LYS A 894 4.48 12.98 -12.03
C LYS A 894 3.50 13.82 -11.21
N LEU A 895 3.03 14.93 -11.77
CA LEU A 895 2.06 15.78 -11.10
C LEU A 895 0.62 15.42 -11.46
N ILE A 896 0.40 14.83 -12.63
CA ILE A 896 -0.92 14.35 -13.03
C ILE A 896 -0.79 12.92 -13.51
N THR A 897 -1.85 12.14 -13.31
CA THR A 897 -1.88 10.78 -13.79
C THR A 897 -2.04 10.75 -15.31
N GLN A 898 -1.61 9.64 -15.92
CA GLN A 898 -1.77 9.49 -17.35
C GLN A 898 -3.25 9.35 -17.72
N ARG A 899 -4.07 8.84 -16.81
CA ARG A 899 -5.50 8.80 -17.06
C ARG A 899 -6.05 10.21 -17.23
N LYS A 900 -5.58 11.16 -16.42
CA LYS A 900 -6.03 12.54 -16.56
C LYS A 900 -5.55 13.14 -17.87
N PHE A 901 -4.33 12.81 -18.29
CA PHE A 901 -3.85 13.26 -19.60
C PHE A 901 -4.72 12.71 -20.72
N ASP A 902 -5.09 11.43 -20.64
CA ASP A 902 -5.93 10.82 -21.66
C ASP A 902 -7.31 11.47 -21.69
N ASN A 903 -7.90 11.68 -20.51
CA ASN A 903 -9.22 12.28 -20.44
C ASN A 903 -9.22 13.72 -20.91
N LEU A 904 -8.11 14.43 -20.73
CA LEU A 904 -8.01 15.80 -21.22
C LEU A 904 -7.83 15.84 -22.74
N THR A 905 -6.95 14.99 -23.28
CA THR A 905 -6.63 15.00 -24.69
C THR A 905 -7.59 14.18 -25.54
N LYS A 906 -8.61 13.56 -24.93
CA LYS A 906 -9.57 12.78 -25.70
C LYS A 906 -10.29 13.60 -26.78
N ALA A 907 -10.32 14.92 -26.65
CA ALA A 907 -10.93 15.74 -27.69
C ALA A 907 -10.25 15.56 -29.04
N GLU A 908 -8.92 15.38 -29.04
CA GLU A 908 -8.22 15.14 -30.30
C GLU A 908 -8.63 13.80 -30.92
N ARG A 909 -9.07 12.85 -30.10
CA ARG A 909 -9.52 11.54 -30.58
C ARG A 909 -11.04 11.49 -30.73
N GLY A 910 -11.66 12.61 -31.10
CA GLY A 910 -13.09 12.65 -31.25
C GLY A 910 -13.86 12.94 -29.97
N GLY A 911 -13.21 12.93 -28.82
CA GLY A 911 -13.92 13.26 -27.60
C GLY A 911 -14.72 12.06 -27.10
N LEU A 912 -15.93 12.32 -26.61
CA LEU A 912 -16.83 11.27 -26.16
C LEU A 912 -17.95 11.12 -27.18
N SER A 913 -18.22 9.89 -27.59
CA SER A 913 -19.30 9.63 -28.52
C SER A 913 -20.58 9.33 -27.74
N GLU A 914 -21.51 8.61 -28.34
CA GLU A 914 -22.71 8.19 -27.65
C GLU A 914 -22.54 6.83 -26.98
N LEU A 915 -21.58 6.03 -27.44
CA LEU A 915 -21.36 4.72 -26.84
C LEU A 915 -20.76 4.86 -25.45
N ASP A 916 -19.68 5.63 -25.33
CA ASP A 916 -19.02 5.79 -24.03
C ASP A 916 -19.89 6.55 -23.05
N LYS A 917 -20.77 7.42 -23.54
CA LYS A 917 -21.72 8.08 -22.64
C LYS A 917 -22.69 7.06 -22.02
N ALA A 918 -23.24 6.18 -22.86
CA ALA A 918 -24.10 5.11 -22.34
C ALA A 918 -23.33 4.19 -21.40
N GLY A 919 -22.06 3.94 -21.69
CA GLY A 919 -21.25 3.12 -20.81
C GLY A 919 -21.04 3.76 -19.45
N PHE A 920 -20.76 5.06 -19.44
CA PHE A 920 -20.59 5.78 -18.18
C PHE A 920 -21.89 5.82 -17.39
N ILE A 921 -23.02 5.95 -18.08
CA ILE A 921 -24.30 5.96 -17.38
C ILE A 921 -24.61 4.58 -16.79
N LYS A 922 -24.30 3.52 -17.54
CA LYS A 922 -24.56 2.18 -17.02
C LYS A 922 -23.61 1.81 -15.89
N ARG A 923 -22.40 2.38 -15.88
CA ARG A 923 -21.47 2.12 -14.78
C ARG A 923 -22.02 2.60 -13.45
N GLN A 924 -22.84 3.65 -13.47
CA GLN A 924 -23.40 4.22 -12.25
C GLN A 924 -24.52 3.39 -11.66
N LEU A 925 -25.05 2.41 -12.40
CA LEU A 925 -26.12 1.56 -11.91
C LEU A 925 -25.69 0.11 -11.77
N VAL A 926 -25.18 -0.51 -12.84
CA VAL A 926 -24.67 -1.87 -12.75
C VAL A 926 -23.34 -1.87 -11.99
N GLU A 927 -23.11 -2.94 -11.24
CA GLU A 927 -21.92 -3.02 -10.39
C GLU A 927 -20.63 -3.19 -11.19
N THR A 928 -20.51 -4.33 -11.88
CA THR A 928 -19.32 -4.66 -12.67
C THR A 928 -18.04 -4.56 -11.84
N ARG A 929 -18.08 -5.11 -10.63
CA ARG A 929 -16.94 -5.12 -9.73
C ARG A 929 -16.69 -6.56 -9.30
N GLN A 930 -15.43 -6.99 -9.37
CA GLN A 930 -15.13 -8.40 -9.19
C GLN A 930 -15.32 -8.83 -7.73
N ILE A 931 -14.99 -7.97 -6.78
CA ILE A 931 -15.18 -8.31 -5.37
C ILE A 931 -16.65 -8.55 -5.08
N THR A 932 -17.53 -7.71 -5.65
CA THR A 932 -18.95 -7.90 -5.48
C THR A 932 -19.41 -9.21 -6.13
N LYS A 933 -18.86 -9.53 -7.32
CA LYS A 933 -19.21 -10.79 -7.96
C LYS A 933 -18.80 -11.97 -7.08
N HIS A 934 -17.64 -11.88 -6.44
CA HIS A 934 -17.18 -12.99 -5.60
C HIS A 934 -18.01 -13.13 -4.35
N VAL A 935 -18.37 -12.02 -3.71
CA VAL A 935 -19.19 -12.14 -2.51
C VAL A 935 -20.59 -12.61 -2.87
N ALA A 936 -21.10 -12.25 -4.05
CA ALA A 936 -22.39 -12.77 -4.50
C ALA A 936 -22.31 -14.26 -4.77
N GLN A 937 -21.20 -14.72 -5.36
CA GLN A 937 -20.99 -16.15 -5.56
C GLN A 937 -20.95 -16.88 -4.22
N ILE A 938 -20.32 -16.27 -3.22
CA ILE A 938 -20.26 -16.90 -1.90
C ILE A 938 -21.67 -17.03 -1.32
N LEU A 939 -22.44 -15.96 -1.38
CA LEU A 939 -23.80 -15.99 -0.83
C LEU A 939 -24.67 -16.99 -1.58
N ASP A 940 -24.52 -17.06 -2.90
CA ASP A 940 -25.31 -18.01 -3.68
C ASP A 940 -24.92 -19.45 -3.36
N SER A 941 -23.62 -19.73 -3.25
CA SER A 941 -23.18 -21.08 -2.93
C SER A 941 -23.54 -21.48 -1.51
N ARG A 942 -23.70 -20.50 -0.61
CA ARG A 942 -24.10 -20.84 0.75
C ARG A 942 -25.61 -21.03 0.85
N MET A 943 -26.39 -20.22 0.13
CA MET A 943 -27.85 -20.31 0.22
C MET A 943 -28.38 -21.45 -0.66
N ASN A 944 -28.14 -21.38 -1.96
CA ASN A 944 -28.63 -22.38 -2.90
C ASN A 944 -27.68 -23.58 -2.92
N THR A 945 -28.11 -24.68 -2.31
CA THR A 945 -27.29 -25.88 -2.20
C THR A 945 -28.00 -27.14 -2.65
N LYS A 946 -29.19 -27.03 -3.22
CA LYS A 946 -29.98 -28.18 -3.63
C LYS A 946 -30.01 -28.28 -5.14
N TYR A 947 -29.93 -29.52 -5.65
CA TYR A 947 -30.02 -29.79 -7.07
C TYR A 947 -31.26 -30.66 -7.34
N ASP A 948 -31.85 -30.48 -8.51
CA ASP A 948 -33.11 -31.13 -8.85
C ASP A 948 -32.82 -32.50 -9.47
N GLU A 949 -33.81 -33.05 -10.18
CA GLU A 949 -33.66 -34.38 -10.77
C GLU A 949 -32.62 -34.37 -11.89
N ASN A 950 -32.60 -33.30 -12.69
CA ASN A 950 -31.69 -33.19 -13.82
C ASN A 950 -30.31 -32.67 -13.42
N ASP A 951 -29.97 -32.74 -12.13
CA ASP A 951 -28.69 -32.25 -11.63
C ASP A 951 -28.47 -30.77 -11.99
N LYS A 952 -29.53 -29.98 -11.88
CA LYS A 952 -29.48 -28.54 -12.09
C LYS A 952 -29.68 -27.84 -10.75
N LEU A 953 -28.94 -26.75 -10.55
CA LEU A 953 -29.02 -26.03 -9.28
C LEU A 953 -30.38 -25.39 -9.12
N ILE A 954 -31.01 -25.60 -7.96
CA ILE A 954 -32.30 -25.01 -7.65
C ILE A 954 -32.02 -23.66 -6.98
N ARG A 955 -32.15 -22.59 -7.76
CA ARG A 955 -31.87 -21.25 -7.25
C ARG A 955 -33.11 -20.74 -6.53
N GLU A 956 -33.08 -20.81 -5.20
CA GLU A 956 -34.17 -20.29 -4.37
C GLU A 956 -33.92 -18.85 -3.93
N VAL A 957 -32.66 -18.50 -3.68
CA VAL A 957 -32.30 -17.18 -3.17
C VAL A 957 -31.62 -16.42 -4.30
N LYS A 958 -32.21 -15.30 -4.72
CA LYS A 958 -31.62 -14.44 -5.73
C LYS A 958 -30.69 -13.45 -5.03
N VAL A 959 -29.40 -13.52 -5.34
CA VAL A 959 -28.41 -12.63 -4.74
C VAL A 959 -28.25 -11.44 -5.67
N ILE A 960 -28.88 -10.33 -5.32
CA ILE A 960 -28.89 -9.12 -6.12
C ILE A 960 -27.75 -8.22 -5.66
N THR A 961 -27.02 -7.65 -6.62
CA THR A 961 -25.93 -6.74 -6.32
C THR A 961 -26.34 -5.33 -6.74
N LEU A 962 -26.43 -4.43 -5.76
CA LEU A 962 -26.88 -3.07 -5.99
C LEU A 962 -25.74 -2.08 -5.75
N LYS A 963 -25.87 -0.91 -6.37
CA LYS A 963 -24.87 0.14 -6.26
C LYS A 963 -25.38 1.27 -5.38
N SER A 964 -24.44 1.94 -4.71
CA SER A 964 -24.81 2.97 -3.75
C SER A 964 -25.54 4.14 -4.41
N LYS A 965 -25.20 4.44 -5.67
CA LYS A 965 -25.80 5.59 -6.35
C LYS A 965 -27.32 5.45 -6.42
N LEU A 966 -27.82 4.23 -6.56
CA LEU A 966 -29.26 4.03 -6.70
C LEU A 966 -30.02 4.45 -5.45
N VAL A 967 -29.58 3.95 -4.30
CA VAL A 967 -30.24 4.28 -3.04
C VAL A 967 -30.02 5.75 -2.70
N SER A 968 -28.84 6.30 -3.00
CA SER A 968 -28.62 7.71 -2.75
C SER A 968 -29.58 8.58 -3.55
N ASP A 969 -29.76 8.26 -4.84
CA ASP A 969 -30.71 9.00 -5.66
C ASP A 969 -32.14 8.82 -5.15
N PHE A 970 -32.47 7.62 -4.67
CA PHE A 970 -33.80 7.40 -4.10
C PHE A 970 -34.05 8.31 -2.90
N ARG A 971 -33.09 8.36 -1.98
CA ARG A 971 -33.20 9.25 -0.83
C ARG A 971 -33.36 10.70 -1.28
N LYS A 972 -32.47 11.15 -2.17
CA LYS A 972 -32.50 12.55 -2.60
C LYS A 972 -33.79 12.90 -3.33
N ASP A 973 -34.39 11.95 -4.02
CA ASP A 973 -35.59 12.22 -4.80
C ASP A 973 -36.87 12.11 -3.98
N PHE A 974 -36.90 11.30 -2.93
CA PHE A 974 -38.13 11.07 -2.20
C PHE A 974 -38.05 11.54 -0.75
N GLN A 975 -37.24 12.57 -0.49
CA GLN A 975 -37.21 13.25 0.81
C GLN A 975 -36.81 12.33 1.95
N PHE A 976 -36.11 11.24 1.67
CA PHE A 976 -35.61 10.33 2.71
C PHE A 976 -34.17 10.67 3.05
N TYR A 977 -33.95 11.93 3.42
CA TYR A 977 -32.62 12.40 3.76
C TYR A 977 -32.13 11.75 5.04
N LYS A 978 -30.80 11.60 5.13
CA LYS A 978 -30.17 11.02 6.31
C LYS A 978 -28.84 11.70 6.57
N VAL A 979 -28.66 12.18 7.79
CA VAL A 979 -27.42 12.82 8.23
C VAL A 979 -26.55 11.77 8.92
N ARG A 980 -25.32 11.61 8.44
CA ARG A 980 -24.44 10.59 8.99
C ARG A 980 -24.02 10.92 10.42
N GLU A 981 -23.83 12.21 10.71
CA GLU A 981 -23.30 12.61 12.01
C GLU A 981 -24.28 12.39 13.15
N ILE A 982 -25.56 12.10 12.86
CA ILE A 982 -26.55 12.00 13.92
C ILE A 982 -26.38 10.72 14.72
N ASN A 983 -26.51 9.57 14.05
CA ASN A 983 -26.42 8.28 14.72
C ASN A 983 -25.93 7.24 13.70
N ASN A 984 -25.98 5.98 14.10
CA ASN A 984 -25.58 4.87 13.24
C ASN A 984 -26.76 4.18 12.58
N TYR A 985 -27.96 4.73 12.73
CA TYR A 985 -29.13 4.11 12.12
C TYR A 985 -29.08 4.14 10.61
N HIS A 986 -28.28 5.03 10.03
CA HIS A 986 -28.29 5.18 8.57
C HIS A 986 -27.78 3.92 7.88
N HIS A 987 -26.92 3.13 8.55
CA HIS A 987 -26.47 1.88 7.96
C HIS A 987 -27.63 0.92 7.77
N ALA A 988 -28.40 0.69 8.85
CA ALA A 988 -29.57 -0.17 8.75
C ALA A 988 -30.57 0.37 7.75
N HIS A 989 -30.78 1.69 7.76
CA HIS A 989 -31.73 2.29 6.83
C HIS A 989 -31.30 2.11 5.38
N ASP A 990 -30.00 2.24 5.11
CA ASP A 990 -29.49 2.01 3.76
C ASP A 990 -29.63 0.56 3.37
N ALA A 991 -29.42 -0.37 4.30
CA ALA A 991 -29.66 -1.78 4.00
C ALA A 991 -31.12 -2.02 3.64
N TYR A 992 -32.04 -1.46 4.42
CA TYR A 992 -33.46 -1.61 4.13
C TYR A 992 -33.81 -1.02 2.77
N LEU A 993 -33.30 0.17 2.47
CA LEU A 993 -33.59 0.79 1.19
C LEU A 993 -33.01 -0.02 0.03
N ASN A 994 -31.80 -0.57 0.21
CA ASN A 994 -31.23 -1.44 -0.82
C ASN A 994 -32.13 -2.64 -1.07
N ALA A 995 -32.58 -3.30 0.00
CA ALA A 995 -33.49 -4.43 -0.15
C ALA A 995 -34.75 -4.03 -0.93
N VAL A 996 -35.36 -2.90 -0.53
CA VAL A 996 -36.61 -2.48 -1.16
C VAL A 996 -36.40 -2.19 -2.64
N VAL A 997 -35.35 -1.44 -2.97
CA VAL A 997 -35.11 -1.03 -4.34
C VAL A 997 -34.75 -2.23 -5.21
N GLY A 998 -33.91 -3.14 -4.69
CA GLY A 998 -33.56 -4.31 -5.47
C GLY A 998 -34.77 -5.19 -5.74
N THR A 999 -35.56 -5.47 -4.70
CA THR A 999 -36.76 -6.28 -4.89
C THR A 999 -37.71 -5.64 -5.90
N ALA A 1000 -37.92 -4.32 -5.79
CA ALA A 1000 -38.82 -3.64 -6.71
C ALA A 1000 -38.27 -3.61 -8.13
N LEU A 1001 -36.95 -3.52 -8.28
CA LEU A 1001 -36.36 -3.53 -9.62
C LEU A 1001 -36.51 -4.90 -10.27
N ILE A 1002 -36.23 -5.96 -9.53
CA ILE A 1002 -36.40 -7.30 -10.08
C ILE A 1002 -37.86 -7.57 -10.39
N LYS A 1003 -38.78 -7.03 -9.58
CA LYS A 1003 -40.20 -7.23 -9.87
C LYS A 1003 -40.65 -6.42 -11.09
N LYS A 1004 -40.08 -5.23 -11.28
CA LYS A 1004 -40.52 -4.37 -12.39
C LYS A 1004 -39.86 -4.77 -13.71
N TYR A 1005 -38.56 -5.09 -13.67
CA TYR A 1005 -37.80 -5.42 -14.87
C TYR A 1005 -37.09 -6.75 -14.67
N PRO A 1006 -37.78 -7.88 -14.89
CA PRO A 1006 -37.10 -9.17 -14.75
C PRO A 1006 -36.08 -9.41 -15.86
N LYS A 1007 -36.25 -8.77 -17.02
CA LYS A 1007 -35.28 -8.94 -18.10
C LYS A 1007 -33.90 -8.41 -17.72
N LEU A 1008 -33.80 -7.62 -16.66
CA LEU A 1008 -32.53 -7.12 -16.17
C LEU A 1008 -31.90 -8.01 -15.10
N GLU A 1009 -32.49 -9.19 -14.86
CA GLU A 1009 -31.93 -10.10 -13.86
C GLU A 1009 -30.51 -10.54 -14.20
N SER A 1010 -30.12 -10.45 -15.46
CA SER A 1010 -28.75 -10.79 -15.85
C SER A 1010 -27.74 -9.78 -15.34
N GLU A 1011 -28.17 -8.56 -15.02
CA GLU A 1011 -27.28 -7.51 -14.52
C GLU A 1011 -27.38 -7.31 -13.03
N PHE A 1012 -28.22 -8.07 -12.32
CA PHE A 1012 -28.34 -7.91 -10.88
C PHE A 1012 -28.30 -9.27 -10.17
N VAL A 1013 -29.23 -10.15 -10.52
CA VAL A 1013 -29.28 -11.46 -9.89
C VAL A 1013 -28.12 -12.31 -10.38
N TYR A 1014 -27.40 -12.92 -9.44
CA TYR A 1014 -26.26 -13.77 -9.78
C TYR A 1014 -26.76 -15.06 -10.39
N GLY A 1015 -26.39 -15.32 -11.64
CA GLY A 1015 -26.83 -16.51 -12.32
C GLY A 1015 -26.00 -16.73 -13.57
N ASP A 1016 -26.37 -17.79 -14.31
CA ASP A 1016 -25.65 -18.11 -15.54
C ASP A 1016 -25.80 -17.01 -16.57
N TYR A 1017 -26.93 -16.31 -16.58
CA TYR A 1017 -27.14 -15.21 -17.50
C TYR A 1017 -26.34 -13.98 -17.08
N ILE A 1033 -26.21 4.44 -33.42
CA ILE A 1033 -24.97 3.72 -33.19
C ILE A 1033 -25.20 2.52 -32.28
N GLY A 1034 -25.86 1.50 -32.82
CA GLY A 1034 -26.16 0.32 -32.03
C GLY A 1034 -27.10 0.58 -30.87
N LYS A 1035 -28.06 1.50 -31.05
CA LYS A 1035 -29.01 1.88 -29.99
C LYS A 1035 -28.28 2.37 -28.76
N ALA A 1036 -27.21 3.14 -28.96
CA ALA A 1036 -26.46 3.69 -27.84
C ALA A 1036 -27.32 4.67 -27.04
N THR A 1037 -28.03 5.56 -27.74
CA THR A 1037 -28.94 6.47 -27.07
C THR A 1037 -30.03 5.71 -26.33
N ALA A 1038 -30.44 4.55 -26.86
CA ALA A 1038 -31.47 3.75 -26.18
C ALA A 1038 -30.99 3.31 -24.80
N LYS A 1039 -29.81 2.71 -24.73
CA LYS A 1039 -29.27 2.31 -23.43
C LYS A 1039 -29.01 3.51 -22.54
N TYR A 1040 -28.49 4.60 -23.12
CA TYR A 1040 -28.22 5.81 -22.35
C TYR A 1040 -29.47 6.31 -21.67
N PHE A 1041 -30.60 6.33 -22.39
CA PHE A 1041 -31.83 6.84 -21.81
C PHE A 1041 -32.52 5.81 -20.92
N PHE A 1042 -32.31 4.51 -21.18
CA PHE A 1042 -32.90 3.50 -20.32
C PHE A 1042 -32.24 3.51 -18.95
N TYR A 1043 -30.91 3.54 -18.91
CA TYR A 1043 -30.22 3.55 -17.63
C TYR A 1043 -30.23 4.91 -16.96
N SER A 1044 -30.93 5.90 -17.53
CA SER A 1044 -30.98 7.23 -16.97
C SER A 1044 -32.20 7.46 -16.09
N ASN A 1045 -33.36 6.92 -16.46
CA ASN A 1045 -34.58 7.09 -15.68
C ASN A 1045 -35.16 5.74 -15.27
N ILE A 1046 -34.28 4.79 -14.93
CA ILE A 1046 -34.73 3.47 -14.46
C ILE A 1046 -35.72 3.63 -13.33
N MET A 1047 -35.38 4.48 -12.36
CA MET A 1047 -36.16 4.68 -11.15
C MET A 1047 -37.32 5.65 -11.34
N ASN A 1048 -37.59 6.10 -12.57
CA ASN A 1048 -38.66 7.06 -12.77
C ASN A 1048 -40.04 6.45 -12.57
N PHE A 1049 -40.16 5.12 -12.54
CA PHE A 1049 -41.45 4.52 -12.23
C PHE A 1049 -41.82 4.67 -10.76
N PHE A 1050 -40.85 4.98 -9.90
CA PHE A 1050 -41.15 5.33 -8.51
C PHE A 1050 -41.73 6.73 -8.36
N LYS A 1051 -41.44 7.62 -9.32
CA LYS A 1051 -41.93 8.99 -9.27
C LYS A 1051 -43.45 9.02 -9.37
N THR A 1052 -44.04 10.15 -8.97
CA THR A 1052 -45.48 10.33 -8.98
C THR A 1052 -45.94 11.33 -10.03
N GLU A 1053 -45.05 11.80 -10.91
CA GLU A 1053 -45.44 12.77 -11.93
C GLU A 1053 -44.41 12.74 -13.05
N ILE A 1054 -44.81 13.29 -14.19
CA ILE A 1054 -43.93 13.41 -15.35
C ILE A 1054 -43.90 14.88 -15.77
N THR A 1055 -42.77 15.29 -16.35
CA THR A 1055 -42.57 16.67 -16.78
C THR A 1055 -42.45 16.68 -18.31
N LEU A 1056 -43.59 16.67 -18.98
CA LEU A 1056 -43.59 16.72 -20.43
C LEU A 1056 -43.43 18.17 -20.89
N ALA A 1057 -43.15 18.34 -22.18
CA ALA A 1057 -43.00 19.68 -22.74
C ALA A 1057 -44.28 20.51 -22.60
N ASN A 1058 -45.44 19.84 -22.52
CA ASN A 1058 -46.69 20.55 -22.29
C ASN A 1058 -46.82 21.05 -20.85
N GLY A 1059 -46.19 20.37 -19.91
CA GLY A 1059 -46.26 20.79 -18.52
C GLY A 1059 -46.02 19.63 -17.58
N GLU A 1060 -46.36 19.85 -16.31
CA GLU A 1060 -46.20 18.86 -15.27
C GLU A 1060 -47.48 18.02 -15.20
N ILE A 1061 -47.46 16.86 -15.84
CA ILE A 1061 -48.61 15.97 -15.87
C ILE A 1061 -48.48 14.99 -14.70
N ARG A 1062 -49.43 15.06 -13.77
CA ARG A 1062 -49.45 14.19 -12.60
C ARG A 1062 -50.14 12.86 -12.88
N LYS A 1063 -50.26 12.47 -14.15
CA LYS A 1063 -50.95 11.24 -14.52
C LYS A 1063 -49.99 10.05 -14.51
N ARG A 1064 -49.33 9.87 -13.35
CA ARG A 1064 -48.43 8.74 -13.15
C ARG A 1064 -49.19 7.59 -12.50
N PRO A 1065 -49.04 6.36 -12.99
CA PRO A 1065 -49.79 5.23 -12.42
C PRO A 1065 -49.48 5.04 -10.94
N LEU A 1066 -50.53 5.11 -10.12
CA LEU A 1066 -50.38 4.94 -8.68
C LEU A 1066 -50.03 3.50 -8.30
N ILE A 1067 -50.31 2.54 -9.18
CA ILE A 1067 -49.96 1.14 -8.96
C ILE A 1067 -49.08 0.72 -10.12
N GLU A 1068 -47.76 0.78 -9.92
CA GLU A 1068 -46.81 0.35 -10.94
C GLU A 1068 -46.70 -1.18 -10.91
N THR A 1069 -47.04 -1.82 -12.02
CA THR A 1069 -47.05 -3.26 -12.15
C THR A 1069 -46.06 -3.70 -13.22
N ASN A 1070 -45.87 -5.00 -13.32
CA ASN A 1070 -44.97 -5.60 -14.29
C ASN A 1070 -45.73 -6.02 -15.54
N GLY A 1071 -45.11 -5.80 -16.70
CA GLY A 1071 -45.71 -6.18 -17.96
C GLY A 1071 -45.93 -7.68 -18.08
N GLU A 1072 -47.13 -8.07 -18.52
CA GLU A 1072 -47.50 -9.48 -18.68
C GLU A 1072 -47.34 -10.25 -17.38
N THR A 1073 -47.55 -9.58 -16.25
CA THR A 1073 -47.48 -10.22 -14.94
C THR A 1073 -48.42 -9.49 -14.00
N GLY A 1074 -49.41 -10.22 -13.47
CA GLY A 1074 -50.40 -9.63 -12.60
C GLY A 1074 -49.90 -9.17 -11.25
N GLU A 1075 -48.60 -9.31 -10.97
CA GLU A 1075 -48.05 -8.91 -9.69
C GLU A 1075 -47.85 -7.40 -9.64
N ILE A 1076 -48.19 -6.82 -8.49
CA ILE A 1076 -47.99 -5.39 -8.27
C ILE A 1076 -46.55 -5.16 -7.82
N VAL A 1077 -45.87 -4.20 -8.44
CA VAL A 1077 -44.48 -3.91 -8.12
C VAL A 1077 -44.37 -2.83 -7.06
N TRP A 1078 -45.10 -1.73 -7.23
CA TRP A 1078 -44.98 -0.60 -6.31
C TRP A 1078 -46.32 0.11 -6.20
N ASP A 1079 -46.63 0.58 -4.98
CA ASP A 1079 -47.86 1.30 -4.69
C ASP A 1079 -47.50 2.65 -4.11
N LYS A 1080 -47.88 3.72 -4.82
CA LYS A 1080 -47.52 5.06 -4.38
C LYS A 1080 -48.27 5.50 -3.13
N GLY A 1081 -49.38 4.83 -2.80
CA GLY A 1081 -50.20 5.26 -1.68
C GLY A 1081 -49.84 4.63 -0.36
N ARG A 1082 -49.39 3.38 -0.39
CA ARG A 1082 -49.13 2.63 0.84
C ARG A 1082 -47.66 2.33 1.07
N ASP A 1083 -46.89 2.07 0.02
CA ASP A 1083 -45.50 1.65 0.21
C ASP A 1083 -44.65 2.79 0.75
N PHE A 1084 -44.86 4.01 0.25
CA PHE A 1084 -44.12 5.16 0.78
C PHE A 1084 -44.37 5.35 2.27
N ALA A 1085 -45.61 5.15 2.70
CA ALA A 1085 -45.93 5.26 4.12
C ALA A 1085 -45.18 4.22 4.93
N THR A 1086 -45.11 2.98 4.43
CA THR A 1086 -44.37 1.95 5.13
C THR A 1086 -42.89 2.28 5.21
N VAL A 1087 -42.32 2.81 4.13
CA VAL A 1087 -40.90 3.18 4.15
C VAL A 1087 -40.64 4.29 5.15
N ARG A 1088 -41.54 5.29 5.20
CA ARG A 1088 -41.37 6.38 6.15
C ARG A 1088 -41.51 5.89 7.58
N LYS A 1089 -42.46 5.00 7.84
CA LYS A 1089 -42.62 4.45 9.18
C LYS A 1089 -41.39 3.64 9.59
N VAL A 1090 -40.84 2.86 8.67
CA VAL A 1090 -39.66 2.06 8.97
C VAL A 1090 -38.48 2.97 9.30
N LEU A 1091 -38.22 3.97 8.45
CA LEU A 1091 -37.15 4.92 8.73
C LEU A 1091 -37.41 5.75 9.98
N SER A 1092 -38.66 5.82 10.44
CA SER A 1092 -39.00 6.56 11.64
C SER A 1092 -39.06 5.68 12.89
N MET A 1093 -38.67 4.42 12.79
CA MET A 1093 -38.69 3.55 13.96
C MET A 1093 -37.59 3.97 14.94
N PRO A 1094 -37.87 4.02 16.24
CA PRO A 1094 -36.87 4.45 17.22
C PRO A 1094 -35.98 3.35 17.77
N GLN A 1095 -36.20 2.10 17.41
CA GLN A 1095 -35.41 0.98 17.92
C GLN A 1095 -34.71 0.30 16.76
N VAL A 1096 -33.39 0.40 16.74
CA VAL A 1096 -32.55 -0.23 15.72
C VAL A 1096 -31.44 -0.99 16.43
N ASN A 1097 -31.13 -2.18 15.93
CA ASN A 1097 -30.16 -3.07 16.57
C ASN A 1097 -28.75 -2.66 16.15
N ILE A 1098 -28.16 -1.75 16.91
CA ILE A 1098 -26.79 -1.31 16.69
C ILE A 1098 -25.90 -2.10 17.65
N VAL A 1099 -25.02 -2.91 17.10
CA VAL A 1099 -24.16 -3.80 17.88
C VAL A 1099 -22.70 -3.49 17.56
N LYS A 1100 -21.89 -3.42 18.62
CA LYS A 1100 -20.45 -3.21 18.50
C LYS A 1100 -19.74 -4.51 18.83
N LYS A 1101 -18.97 -5.03 17.87
CA LYS A 1101 -18.31 -6.32 18.04
C LYS A 1101 -17.24 -6.22 19.12
N THR A 1102 -17.38 -7.03 20.18
CA THR A 1102 -16.36 -7.10 21.20
C THR A 1102 -15.15 -7.87 20.66
N GLU A 1103 -13.97 -7.28 20.81
CA GLU A 1103 -12.76 -7.86 20.26
C GLU A 1103 -11.63 -7.78 21.28
N VAL A 1104 -10.82 -8.83 21.33
CA VAL A 1104 -9.64 -8.83 22.18
C VAL A 1104 -8.52 -8.09 21.47
N GLN A 1105 -7.90 -7.15 22.16
CA GLN A 1105 -6.85 -6.32 21.56
C GLN A 1105 -5.62 -7.17 21.27
N THR A 1106 -5.22 -7.21 20.00
CA THR A 1106 -4.05 -7.95 19.55
C THR A 1106 -3.07 -6.99 18.92
N GLY A 1107 -1.82 -7.02 19.37
CA GLY A 1107 -0.81 -6.17 18.77
C GLY A 1107 0.46 -6.14 19.60
N GLY A 1108 1.10 -4.97 19.61
CA GLY A 1108 2.32 -4.79 20.37
C GLY A 1108 2.06 -4.77 21.87
N PHE A 1109 3.16 -4.88 22.62
CA PHE A 1109 3.03 -4.93 24.07
C PHE A 1109 2.69 -3.57 24.66
N SER A 1110 3.36 -2.52 24.21
CA SER A 1110 3.21 -1.20 24.79
C SER A 1110 3.67 -0.16 23.76
N LYS A 1111 3.78 1.09 24.20
CA LYS A 1111 4.35 2.13 23.35
C LYS A 1111 5.83 1.83 23.10
N GLU A 1112 6.25 2.01 21.85
CA GLU A 1112 7.61 1.66 21.47
C GLU A 1112 8.66 2.61 22.03
N SER A 1113 8.25 3.79 22.50
CA SER A 1113 9.21 4.75 23.03
C SER A 1113 9.81 4.22 24.34
N ILE A 1114 11.11 4.47 24.52
CA ILE A 1114 11.84 4.04 25.71
C ILE A 1114 12.05 5.29 26.57
N LEU A 1115 11.21 5.44 27.58
CA LEU A 1115 11.32 6.59 28.46
C LEU A 1115 12.47 6.41 29.45
N PRO A 1116 13.08 7.51 29.91
CA PRO A 1116 14.17 7.40 30.89
C PRO A 1116 13.69 6.85 32.22
N LYS A 1117 14.63 6.63 33.14
CA LYS A 1117 14.30 6.08 34.44
C LYS A 1117 13.54 7.10 35.28
N ARG A 1118 12.67 6.60 36.15
CA ARG A 1118 11.94 7.45 37.08
C ARG A 1118 11.46 6.57 38.23
N ASN A 1119 10.99 7.24 39.30
CA ASN A 1119 10.47 6.55 40.47
C ASN A 1119 8.97 6.33 40.28
N SER A 1120 8.63 5.30 39.50
CA SER A 1120 7.25 4.96 39.24
C SER A 1120 7.16 3.50 38.81
N ASP A 1121 6.11 2.83 39.26
CA ASP A 1121 5.88 1.42 38.90
C ASP A 1121 5.31 1.27 37.50
N LYS A 1122 4.85 2.35 36.88
CA LYS A 1122 4.29 2.30 35.54
C LYS A 1122 5.35 2.01 34.47
N LEU A 1123 6.63 2.16 34.78
CA LEU A 1123 7.69 1.85 33.82
C LEU A 1123 7.85 0.35 33.71
N ILE A 1124 7.68 -0.17 32.50
CA ILE A 1124 7.84 -1.59 32.23
C ILE A 1124 9.31 -1.89 31.95
N ALA A 1125 9.83 -2.96 32.55
CA ALA A 1125 11.23 -3.30 32.38
C ALA A 1125 11.51 -3.69 30.94
N ARG A 1126 12.61 -3.15 30.38
CA ARG A 1126 12.98 -3.48 29.02
C ARG A 1126 13.58 -4.88 28.91
N LYS A 1127 14.31 -5.32 29.94
CA LYS A 1127 14.85 -6.67 30.00
C LYS A 1127 14.58 -7.24 31.38
N LYS A 1128 14.57 -8.58 31.45
CA LYS A 1128 14.27 -9.24 32.72
C LYS A 1128 15.32 -8.92 33.78
N ASP A 1129 16.55 -8.65 33.38
CA ASP A 1129 17.63 -8.32 34.30
C ASP A 1129 17.87 -6.82 34.39
N TRP A 1130 17.03 -6.00 33.79
CA TRP A 1130 17.15 -4.55 33.83
C TRP A 1130 16.08 -3.96 34.73
N ASP A 1131 16.46 -2.94 35.50
CA ASP A 1131 15.51 -2.29 36.38
C ASP A 1131 14.96 -1.03 35.74
N PRO A 1132 13.64 -0.85 35.74
CA PRO A 1132 13.06 0.34 35.10
C PRO A 1132 13.47 1.64 35.77
N LYS A 1133 13.62 1.63 37.09
CA LYS A 1133 14.03 2.85 37.80
C LYS A 1133 15.51 3.15 37.62
N LYS A 1134 16.28 2.23 37.02
CA LYS A 1134 17.70 2.43 36.79
C LYS A 1134 18.05 2.54 35.31
N TYR A 1135 17.23 2.00 34.41
CA TYR A 1135 17.52 2.02 32.98
C TYR A 1135 16.35 2.51 32.14
N GLY A 1136 15.23 2.88 32.75
CA GLY A 1136 14.06 3.26 31.99
C GLY A 1136 13.32 2.05 31.43
N GLY A 1137 12.41 2.33 30.52
CA GLY A 1137 11.64 1.27 29.88
C GLY A 1137 10.39 1.82 29.22
N PHE A 1138 9.43 0.92 29.03
CA PHE A 1138 8.18 1.26 28.39
C PHE A 1138 7.21 1.89 29.38
N ASP A 1139 6.16 2.51 28.84
CA ASP A 1139 5.25 3.31 29.65
C ASP A 1139 3.82 2.81 29.59
N SER A 1140 3.21 2.76 28.41
CA SER A 1140 1.77 2.51 28.30
C SER A 1140 1.49 1.16 27.65
N PRO A 1141 1.26 0.10 28.42
CA PRO A 1141 0.91 -1.19 27.83
C PRO A 1141 -0.51 -1.21 27.30
N THR A 1142 -0.75 -2.10 26.35
CA THR A 1142 -2.07 -2.26 25.74
C THR A 1142 -2.88 -3.24 26.56
N VAL A 1143 -4.05 -2.80 27.01
CA VAL A 1143 -4.94 -3.61 27.83
C VAL A 1143 -5.79 -4.48 26.91
N ALA A 1144 -5.87 -5.76 27.22
CA ALA A 1144 -6.69 -6.69 26.46
C ALA A 1144 -7.15 -7.81 27.40
N TYR A 1145 -8.41 -8.23 27.24
CA TYR A 1145 -8.96 -9.35 27.99
C TYR A 1145 -8.99 -9.04 29.49
N SER A 1146 -9.84 -8.07 29.83
CA SER A 1146 -10.01 -7.66 31.22
C SER A 1146 -10.69 -8.76 32.03
N VAL A 1147 -10.53 -8.70 33.34
CA VAL A 1147 -11.03 -9.74 34.24
C VAL A 1147 -11.73 -9.11 35.43
N LEU A 1148 -13.03 -9.34 35.54
CA LEU A 1148 -13.78 -8.96 36.73
C LEU A 1148 -13.58 -10.02 37.80
N VAL A 1149 -13.07 -9.61 38.96
CA VAL A 1149 -12.76 -10.52 40.06
C VAL A 1149 -13.30 -9.93 41.36
N VAL A 1150 -13.85 -10.80 42.20
CA VAL A 1150 -14.32 -10.43 43.53
C VAL A 1150 -13.46 -11.22 44.52
N ALA A 1151 -12.66 -10.52 45.31
CA ALA A 1151 -11.71 -11.18 46.19
C ALA A 1151 -11.41 -10.29 47.38
N LYS A 1152 -10.76 -10.87 48.38
CA LYS A 1152 -10.36 -10.15 49.58
C LYS A 1152 -8.92 -9.69 49.43
N VAL A 1153 -8.68 -8.41 49.72
CA VAL A 1153 -7.34 -7.83 49.66
C VAL A 1153 -7.01 -7.22 51.01
N GLU A 1154 -5.71 -7.24 51.35
CA GLU A 1154 -5.23 -6.72 52.62
C GLU A 1154 -4.87 -5.25 52.49
N LYS A 1155 -5.23 -4.47 53.50
CA LYS A 1155 -4.93 -3.04 53.52
C LYS A 1155 -4.66 -2.55 54.94
N SER A 1158 -3.38 -2.15 59.65
CA SER A 1158 -3.02 -3.32 60.44
C SER A 1158 -3.15 -4.60 59.63
N LYS A 1159 -3.05 -4.46 58.31
CA LYS A 1159 -3.15 -5.58 57.37
C LYS A 1159 -4.47 -6.32 57.54
N LYS A 1160 -5.55 -5.57 57.40
CA LYS A 1160 -6.90 -6.12 57.49
C LYS A 1160 -7.41 -6.48 56.12
N LEU A 1161 -8.15 -7.58 56.04
CA LEU A 1161 -8.66 -8.10 54.77
C LEU A 1161 -10.07 -7.59 54.52
N LYS A 1162 -10.27 -6.93 53.39
CA LYS A 1162 -11.57 -6.43 52.95
C LYS A 1162 -11.92 -7.05 51.61
N SER A 1163 -13.17 -7.50 51.48
CA SER A 1163 -13.64 -8.14 50.25
C SER A 1163 -14.14 -7.07 49.30
N VAL A 1164 -13.45 -6.91 48.16
CA VAL A 1164 -13.81 -5.93 47.15
C VAL A 1164 -13.97 -6.62 45.81
N LYS A 1165 -14.77 -6.01 44.94
CA LYS A 1165 -14.96 -6.46 43.57
C LYS A 1165 -14.44 -5.40 42.62
N GLU A 1166 -13.64 -5.80 41.64
CA GLU A 1166 -13.01 -4.86 40.73
C GLU A 1166 -12.59 -5.61 39.47
N LEU A 1167 -12.44 -4.86 38.38
CA LEU A 1167 -11.94 -5.42 37.14
C LEU A 1167 -10.49 -5.01 36.93
N LEU A 1168 -9.67 -5.98 36.53
CA LEU A 1168 -8.25 -5.80 36.30
C LEU A 1168 -7.95 -5.87 34.81
N GLY A 1169 -7.07 -4.99 34.34
CA GLY A 1169 -6.72 -4.97 32.94
C GLY A 1169 -5.48 -5.78 32.61
N ILE A 1170 -5.68 -6.96 32.03
CA ILE A 1170 -4.55 -7.77 31.59
C ILE A 1170 -3.91 -7.12 30.37
N THR A 1171 -2.58 -7.15 30.31
CA THR A 1171 -1.85 -6.62 29.17
C THR A 1171 -1.48 -7.74 28.21
N ILE A 1172 -1.18 -7.34 26.97
CA ILE A 1172 -0.80 -8.32 25.95
C ILE A 1172 0.48 -9.04 26.36
N MET A 1173 1.41 -8.33 27.00
CA MET A 1173 2.66 -8.97 27.40
C MET A 1173 2.42 -10.05 28.45
N GLU A 1174 1.46 -9.82 29.36
CA GLU A 1174 1.18 -10.78 30.43
C GLU A 1174 -0.08 -11.60 30.16
N ARG A 1175 -0.59 -11.58 28.92
CA ARG A 1175 -1.79 -12.33 28.62
C ARG A 1175 -1.53 -13.84 28.65
N SER A 1176 -0.47 -14.29 27.99
CA SER A 1176 -0.16 -15.71 27.95
C SER A 1176 0.15 -16.26 29.34
N SER A 1177 0.72 -15.43 30.21
CA SER A 1177 1.02 -15.87 31.57
C SER A 1177 -0.25 -16.01 32.39
N PHE A 1178 -1.24 -15.14 32.17
CA PHE A 1178 -2.50 -15.23 32.91
C PHE A 1178 -3.31 -16.46 32.50
N GLU A 1179 -3.14 -16.92 31.27
CA GLU A 1179 -3.86 -18.11 30.82
C GLU A 1179 -3.38 -19.35 31.57
N LYS A 1180 -4.30 -20.28 31.81
CA LYS A 1180 -4.13 -21.52 32.57
C LYS A 1180 -3.66 -21.30 34.00
N ASN A 1181 -3.54 -20.05 34.46
CA ASN A 1181 -3.14 -19.76 35.84
C ASN A 1181 -3.94 -18.58 36.36
N PRO A 1182 -5.24 -18.78 36.59
CA PRO A 1182 -6.05 -17.66 37.09
C PRO A 1182 -5.73 -17.32 38.54
N ILE A 1183 -5.85 -18.32 39.42
CA ILE A 1183 -5.60 -18.08 40.84
C ILE A 1183 -4.16 -17.64 41.07
N ASP A 1184 -3.21 -18.29 40.39
CA ASP A 1184 -1.80 -17.94 40.58
C ASP A 1184 -1.53 -16.51 40.17
N PHE A 1185 -1.94 -16.12 38.96
CA PHE A 1185 -1.67 -14.78 38.48
C PHE A 1185 -2.40 -13.72 39.31
N LEU A 1186 -3.60 -14.05 39.80
CA LEU A 1186 -4.35 -13.06 40.58
C LEU A 1186 -3.76 -12.91 41.98
N GLU A 1187 -3.29 -14.00 42.59
CA GLU A 1187 -2.65 -13.91 43.89
C GLU A 1187 -1.28 -13.26 43.79
N ALA A 1188 -0.61 -13.38 42.65
CA ALA A 1188 0.69 -12.75 42.48
C ALA A 1188 0.60 -11.23 42.49
N LYS A 1189 -0.57 -10.65 42.22
CA LYS A 1189 -0.74 -9.21 42.20
C LYS A 1189 -1.22 -8.64 43.53
N GLY A 1190 -1.66 -9.49 44.45
CA GLY A 1190 -2.13 -9.03 45.76
C GLY A 1190 -3.53 -9.48 46.12
N TYR A 1191 -4.20 -10.30 45.30
CA TYR A 1191 -5.55 -10.77 45.59
C TYR A 1191 -5.51 -12.04 46.44
N LYS A 1192 -6.55 -12.23 47.23
CA LYS A 1192 -6.67 -13.41 48.09
C LYS A 1192 -8.12 -13.82 48.18
N GLU A 1193 -8.34 -15.12 48.39
CA GLU A 1193 -9.68 -15.70 48.48
C GLU A 1193 -10.49 -15.37 47.24
N VAL A 1194 -9.84 -15.49 46.07
CA VAL A 1194 -10.49 -15.12 44.83
C VAL A 1194 -11.48 -16.22 44.43
N LYS A 1195 -12.70 -15.82 44.09
CA LYS A 1195 -13.73 -16.76 43.67
C LYS A 1195 -13.40 -17.20 42.24
N LYS A 1196 -12.75 -18.37 42.13
CA LYS A 1196 -12.27 -18.81 40.82
C LYS A 1196 -13.43 -19.05 39.86
N ASP A 1197 -14.62 -19.34 40.39
CA ASP A 1197 -15.78 -19.56 39.54
C ASP A 1197 -16.48 -18.26 39.16
N LEU A 1198 -16.18 -17.16 39.84
CA LEU A 1198 -16.80 -15.88 39.57
C LEU A 1198 -15.92 -14.95 38.73
N ILE A 1199 -14.74 -15.40 38.34
CA ILE A 1199 -13.86 -14.61 37.47
C ILE A 1199 -14.51 -14.50 36.09
N ILE A 1200 -14.74 -13.27 35.64
CA ILE A 1200 -15.42 -13.03 34.37
C ILE A 1200 -14.42 -12.41 33.38
N LYS A 1201 -14.43 -12.90 32.15
CA LYS A 1201 -13.57 -12.39 31.09
C LYS A 1201 -14.36 -11.40 30.24
N LEU A 1202 -13.84 -10.18 30.12
CA LEU A 1202 -14.53 -9.09 29.42
C LEU A 1202 -13.61 -8.52 28.36
N PRO A 1203 -13.94 -8.64 27.08
CA PRO A 1203 -13.13 -8.00 26.04
C PRO A 1203 -13.36 -6.50 25.99
N LYS A 1204 -12.97 -5.87 24.89
CA LYS A 1204 -13.22 -4.45 24.70
C LYS A 1204 -14.61 -4.24 24.10
N TYR A 1205 -15.18 -3.06 24.36
CA TYR A 1205 -16.51 -2.65 23.94
C TYR A 1205 -17.62 -3.48 24.57
N SER A 1206 -17.37 -4.07 25.75
CA SER A 1206 -18.39 -4.84 26.43
C SER A 1206 -19.51 -3.92 26.90
N LEU A 1207 -20.75 -4.34 26.71
CA LEU A 1207 -21.91 -3.49 26.93
C LEU A 1207 -22.46 -3.67 28.35
N PHE A 1208 -22.70 -2.56 29.03
CA PHE A 1208 -23.27 -2.58 30.37
C PHE A 1208 -24.41 -1.57 30.41
N GLU A 1209 -25.61 -2.03 30.78
CA GLU A 1209 -26.71 -1.13 31.06
C GLU A 1209 -26.72 -0.81 32.55
N LEU A 1210 -26.58 0.47 32.88
CA LEU A 1210 -26.47 0.90 34.27
C LEU A 1210 -27.84 1.24 34.83
N GLU A 1211 -28.30 2.46 34.56
CA GLU A 1211 -29.59 2.92 35.06
C GLU A 1211 -30.20 3.89 34.05
N ASN A 1212 -31.52 3.99 34.09
CA ASN A 1212 -32.27 4.95 33.26
C ASN A 1212 -31.99 4.73 31.77
N GLY A 1213 -31.70 3.49 31.39
CA GLY A 1213 -31.41 3.19 29.99
C GLY A 1213 -30.03 3.58 29.52
N ARG A 1214 -29.16 4.05 30.42
CA ARG A 1214 -27.79 4.38 30.03
C ARG A 1214 -26.99 3.13 29.76
N LYS A 1215 -26.23 3.15 28.66
CA LYS A 1215 -25.39 2.04 28.26
C LYS A 1215 -23.96 2.53 28.09
N ARG A 1216 -23.01 1.79 28.65
CA ARG A 1216 -21.60 2.11 28.58
C ARG A 1216 -20.83 0.93 27.99
N MET A 1217 -19.84 1.23 27.17
CA MET A 1217 -18.96 0.22 26.59
C MET A 1217 -17.60 0.27 27.28
N LEU A 1218 -17.15 -0.87 27.77
CA LEU A 1218 -15.88 -0.98 28.49
C LEU A 1218 -14.74 -0.75 27.50
N ALA A 1219 -14.18 0.46 27.48
CA ALA A 1219 -13.10 0.77 26.55
C ALA A 1219 -11.77 0.18 27.00
N SER A 1220 -11.52 0.13 28.30
CA SER A 1220 -10.28 -0.43 28.83
C SER A 1220 -10.51 -0.79 30.29
N ALA A 1221 -9.42 -0.89 31.05
CA ALA A 1221 -9.55 -1.23 32.47
C ALA A 1221 -10.13 -0.07 33.27
N GLY A 1222 -9.93 1.17 32.82
CA GLY A 1222 -10.43 2.32 33.54
C GLY A 1222 -11.00 3.39 32.64
N GLU A 1223 -11.72 2.97 31.61
CA GLU A 1223 -12.34 3.94 30.70
C GLU A 1223 -13.61 3.36 30.12
N LEU A 1224 -14.62 4.22 29.94
CA LEU A 1224 -15.89 3.83 29.37
C LEU A 1224 -16.20 4.71 28.16
N GLN A 1225 -17.08 4.20 27.31
CA GLN A 1225 -17.51 4.88 26.09
C GLN A 1225 -19.02 4.94 26.03
N LYS A 1226 -19.53 6.03 25.44
CA LYS A 1226 -20.96 6.19 25.25
C LYS A 1226 -21.52 5.05 24.40
N GLY A 1227 -22.52 4.37 24.93
CA GLY A 1227 -23.11 3.24 24.23
C GLY A 1227 -24.58 3.41 23.90
N ASN A 1228 -25.07 4.65 23.92
CA ASN A 1228 -26.47 4.94 23.64
C ASN A 1228 -26.58 5.66 22.30
N GLU A 1229 -27.63 5.32 21.55
CA GLU A 1229 -27.88 5.91 20.23
C GLU A 1229 -29.05 6.87 20.32
N LEU A 1230 -28.84 8.10 19.89
CA LEU A 1230 -29.92 9.09 19.85
C LEU A 1230 -30.81 8.84 18.64
N ALA A 1231 -32.11 8.82 18.86
CA ALA A 1231 -33.09 8.57 17.81
C ALA A 1231 -33.80 9.89 17.49
N LEU A 1232 -33.14 10.75 16.72
CA LEU A 1232 -33.74 12.02 16.35
C LEU A 1232 -34.87 11.77 15.33
N PRO A 1233 -35.99 12.48 15.46
CA PRO A 1233 -37.11 12.28 14.52
C PRO A 1233 -36.72 12.66 13.10
N SER A 1234 -37.32 11.94 12.14
CA SER A 1234 -36.95 12.13 10.74
C SER A 1234 -37.25 13.54 10.24
N LYS A 1235 -38.24 14.19 10.84
CA LYS A 1235 -38.53 15.58 10.49
C LYS A 1235 -37.31 16.46 10.72
N TYR A 1236 -36.70 16.36 11.91
CA TYR A 1236 -35.53 17.18 12.22
C TYR A 1236 -34.33 16.78 11.37
N VAL A 1237 -34.21 15.51 11.03
CA VAL A 1237 -33.11 15.06 10.16
C VAL A 1237 -33.23 15.71 8.79
N ASN A 1238 -34.42 15.63 8.20
CA ASN A 1238 -34.63 16.28 6.90
C ASN A 1238 -34.46 17.79 7.02
N PHE A 1239 -34.85 18.38 8.15
CA PHE A 1239 -34.67 19.80 8.34
C PHE A 1239 -33.19 20.17 8.34
N LEU A 1240 -32.39 19.42 9.10
CA LEU A 1240 -30.95 19.68 9.13
C LEU A 1240 -30.34 19.50 7.76
N TYR A 1241 -30.78 18.49 7.01
CA TYR A 1241 -30.24 18.29 5.68
C TYR A 1241 -30.58 19.45 4.75
N LEU A 1242 -31.83 19.92 4.80
CA LEU A 1242 -32.25 20.99 3.92
C LEU A 1242 -31.68 22.34 4.33
N ALA A 1243 -31.39 22.52 5.61
CA ALA A 1243 -30.85 23.79 6.07
C ALA A 1243 -29.34 23.85 5.92
N SER A 1244 -28.65 22.71 5.98
CA SER A 1244 -27.22 22.69 5.72
C SER A 1244 -26.94 23.05 4.27
N HIS A 1245 -27.85 22.72 3.36
CA HIS A 1245 -27.72 23.10 1.96
C HIS A 1245 -28.33 24.46 1.67
N GLY A 1246 -29.41 24.82 2.38
CA GLY A 1246 -29.96 26.16 2.35
C GLY A 1246 -31.27 26.30 1.62
N SER A 1247 -31.59 25.36 0.71
CA SER A 1247 -32.80 25.49 -0.09
C SER A 1247 -34.07 25.22 0.69
N GLY A 1248 -33.98 24.76 1.94
CA GLY A 1248 -35.18 24.38 2.66
C GLY A 1248 -35.97 25.57 3.17
N SER A 1249 -35.27 26.55 3.74
CA SER A 1249 -35.91 27.70 4.41
C SER A 1249 -36.92 27.22 5.44
N GLY A 1250 -36.56 26.18 6.17
CA GLY A 1250 -37.46 25.54 7.11
C GLY A 1250 -37.75 26.39 8.33
N SER A 1251 -38.43 25.77 9.28
CA SER A 1251 -38.86 26.47 10.48
C SER A 1251 -37.67 26.82 11.37
N GLY A 1252 -37.66 28.06 11.88
CA GLY A 1252 -36.55 28.50 12.69
C GLY A 1252 -36.47 27.78 14.03
N HIS A 1253 -37.62 27.58 14.68
CA HIS A 1253 -37.62 26.96 16.00
C HIS A 1253 -37.24 25.48 15.97
N TYR A 1254 -37.11 24.89 14.78
CA TYR A 1254 -36.60 23.52 14.69
C TYR A 1254 -35.20 23.42 15.29
N LEU A 1255 -34.39 24.47 15.14
CA LEU A 1255 -33.07 24.49 15.78
C LEU A 1255 -33.20 24.37 17.29
N ASP A 1256 -34.10 25.16 17.87
CA ASP A 1256 -34.29 25.09 19.32
C ASP A 1256 -34.81 23.72 19.74
N GLU A 1257 -35.70 23.13 18.95
CA GLU A 1257 -36.24 21.81 19.30
C GLU A 1257 -35.15 20.75 19.24
N ILE A 1258 -34.27 20.83 18.24
CA ILE A 1258 -33.16 19.88 18.16
C ILE A 1258 -32.21 20.07 19.33
N ILE A 1259 -31.94 21.33 19.71
CA ILE A 1259 -31.09 21.58 20.87
C ILE A 1259 -31.72 20.99 22.13
N GLU A 1260 -33.04 21.12 22.26
CA GLU A 1260 -33.72 20.56 23.42
C GLU A 1260 -33.63 19.04 23.43
N GLN A 1261 -33.79 18.40 22.27
CA GLN A 1261 -33.70 16.94 22.21
C GLN A 1261 -32.29 16.46 22.52
N ILE A 1262 -31.26 17.17 22.02
CA ILE A 1262 -29.89 16.83 22.34
C ILE A 1262 -29.64 16.98 23.84
N SER A 1263 -30.15 18.07 24.42
CA SER A 1263 -29.95 18.31 25.85
C SER A 1263 -30.63 17.24 26.69
N GLU A 1264 -31.85 16.82 26.29
CA GLU A 1264 -32.54 15.78 27.02
C GLU A 1264 -31.80 14.44 26.91
N PHE A 1265 -31.34 14.08 25.72
CA PHE A 1265 -30.57 12.87 25.56
C PHE A 1265 -29.29 12.91 26.39
N SER A 1266 -28.64 14.07 26.44
CA SER A 1266 -27.41 14.21 27.22
C SER A 1266 -27.70 14.04 28.71
N LYS A 1267 -28.70 14.77 29.22
CA LYS A 1267 -29.07 14.62 30.62
C LYS A 1267 -29.50 13.19 30.95
N ARG A 1268 -30.00 12.45 29.95
CA ARG A 1268 -30.44 11.09 30.24
C ARG A 1268 -29.28 10.11 30.31
N VAL A 1269 -28.40 10.12 29.29
CA VAL A 1269 -27.38 9.10 29.19
C VAL A 1269 -25.95 9.63 29.28
N ILE A 1270 -25.70 10.90 28.97
CA ILE A 1270 -24.35 11.45 29.00
C ILE A 1270 -24.09 12.03 30.38
N LEU A 1271 -23.16 11.42 31.12
CA LEU A 1271 -22.85 11.88 32.47
C LEU A 1271 -22.21 13.27 32.49
N ALA A 1272 -21.73 13.76 31.34
CA ALA A 1272 -21.07 15.05 31.28
C ALA A 1272 -22.11 16.17 31.20
N ASP A 1273 -22.02 17.11 32.14
CA ASP A 1273 -22.92 18.25 32.16
C ASP A 1273 -22.24 19.58 31.86
N ALA A 1274 -20.96 19.71 32.19
CA ALA A 1274 -20.26 20.97 31.89
C ALA A 1274 -20.16 21.19 30.39
N ASN A 1275 -19.87 20.14 29.63
CA ASN A 1275 -19.85 20.26 28.18
C ASN A 1275 -21.23 20.63 27.65
N LEU A 1276 -22.29 20.06 28.22
CA LEU A 1276 -23.64 20.38 27.79
C LEU A 1276 -23.96 21.84 28.05
N ASP A 1277 -23.58 22.34 29.23
CA ASP A 1277 -23.80 23.76 29.54
C ASP A 1277 -23.01 24.66 28.61
N LYS A 1278 -21.79 24.25 28.26
CA LYS A 1278 -21.00 25.01 27.30
C LYS A 1278 -21.68 25.04 25.94
N VAL A 1279 -22.22 23.90 25.50
CA VAL A 1279 -22.94 23.83 24.23
C VAL A 1279 -24.13 24.78 24.26
N LEU A 1280 -24.90 24.74 25.34
CA LEU A 1280 -26.09 25.59 25.45
C LEU A 1280 -25.69 27.06 25.42
N SER A 1281 -24.63 27.43 26.13
CA SER A 1281 -24.19 28.82 26.15
C SER A 1281 -23.73 29.27 24.76
N ALA A 1282 -22.98 28.42 24.06
CA ALA A 1282 -22.52 28.79 22.72
C ALA A 1282 -23.69 28.91 21.75
N TYR A 1283 -24.69 28.03 21.88
CA TYR A 1283 -25.86 28.12 21.02
C TYR A 1283 -26.64 29.39 21.28
N ASN A 1284 -26.87 29.74 22.55
CA ASN A 1284 -27.56 30.98 22.87
C ASN A 1284 -26.76 32.19 22.43
N LYS A 1285 -25.43 32.09 22.44
CA LYS A 1285 -24.61 33.21 22.00
C LYS A 1285 -24.69 33.39 20.49
N HIS A 1286 -24.72 32.30 19.74
CA HIS A 1286 -24.72 32.35 18.27
C HIS A 1286 -26.11 32.16 17.68
N ARG A 1287 -27.15 32.68 18.34
CA ARG A 1287 -28.48 32.66 17.77
C ARG A 1287 -28.64 33.65 16.62
N ASP A 1288 -27.85 34.72 16.62
CA ASP A 1288 -27.91 35.71 15.55
C ASP A 1288 -27.36 35.20 14.22
N LYS A 1289 -26.63 34.08 14.23
CA LYS A 1289 -26.10 33.53 13.01
C LYS A 1289 -27.24 33.00 12.13
N PRO A 1290 -27.04 32.96 10.81
CA PRO A 1290 -28.10 32.46 9.92
C PRO A 1290 -28.44 31.00 10.21
N ILE A 1291 -29.57 30.58 9.65
CA ILE A 1291 -30.06 29.23 9.93
C ILE A 1291 -29.17 28.18 9.28
N ARG A 1292 -28.57 28.50 8.13
CA ARG A 1292 -27.70 27.53 7.45
C ARG A 1292 -26.50 27.18 8.32
N GLU A 1293 -25.76 28.20 8.77
CA GLU A 1293 -24.58 27.96 9.60
C GLU A 1293 -24.96 27.35 10.94
N GLN A 1294 -26.08 27.79 11.53
CA GLN A 1294 -26.54 27.21 12.78
C GLN A 1294 -26.84 25.73 12.62
N ALA A 1295 -27.46 25.33 11.51
CA ALA A 1295 -27.73 23.92 11.27
C ALA A 1295 -26.44 23.15 11.02
N GLU A 1296 -25.52 23.73 10.24
CA GLU A 1296 -24.26 23.07 9.96
C GLU A 1296 -23.46 22.82 11.23
N ASN A 1297 -23.58 23.70 12.22
CA ASN A 1297 -22.90 23.49 13.50
C ASN A 1297 -23.69 22.62 14.45
N ILE A 1298 -25.02 22.64 14.38
CA ILE A 1298 -25.83 21.70 15.15
C ILE A 1298 -25.53 20.28 14.72
N ILE A 1299 -25.27 20.07 13.44
CA ILE A 1299 -24.84 18.76 12.96
C ILE A 1299 -23.57 18.32 13.69
N HIS A 1300 -22.61 19.23 13.83
CA HIS A 1300 -21.39 18.90 14.56
C HIS A 1300 -21.69 18.63 16.03
N LEU A 1301 -22.68 19.33 16.59
CA LEU A 1301 -22.99 19.18 18.01
C LEU A 1301 -23.30 17.74 18.41
N PHE A 1302 -23.73 16.90 17.47
CA PHE A 1302 -24.14 15.55 17.82
C PHE A 1302 -22.98 14.68 18.33
N THR A 1303 -21.74 15.18 18.26
CA THR A 1303 -20.61 14.39 18.73
C THR A 1303 -20.74 14.02 20.19
N LEU A 1304 -21.33 14.91 21.00
CA LEU A 1304 -21.53 14.61 22.41
C LEU A 1304 -22.52 13.48 22.63
N THR A 1305 -23.42 13.25 21.67
CA THR A 1305 -24.44 12.21 21.78
C THR A 1305 -24.16 10.99 20.91
N ASN A 1306 -23.01 10.95 20.23
CA ASN A 1306 -22.70 9.80 19.40
C ASN A 1306 -22.25 8.63 20.25
N LEU A 1307 -22.34 7.43 19.69
CA LEU A 1307 -21.89 6.23 20.36
C LEU A 1307 -20.40 6.06 20.16
N GLY A 1308 -19.72 5.60 21.21
CA GLY A 1308 -18.29 5.34 21.11
C GLY A 1308 -17.46 6.23 22.03
N ALA A 1309 -16.19 6.39 21.71
CA ALA A 1309 -15.32 7.20 22.54
C ALA A 1309 -15.68 8.67 22.42
N PRO A 1310 -15.66 9.43 23.51
CA PRO A 1310 -15.93 10.86 23.43
C PRO A 1310 -14.84 11.57 22.62
N ALA A 1311 -15.26 12.53 21.81
CA ALA A 1311 -14.36 13.28 20.95
C ALA A 1311 -14.66 14.77 21.10
N ALA A 1312 -13.86 15.59 20.43
CA ALA A 1312 -14.03 17.03 20.47
C ALA A 1312 -14.90 17.51 19.31
N PHE A 1313 -15.48 18.70 19.49
CA PHE A 1313 -16.32 19.30 18.47
C PHE A 1313 -16.29 20.82 18.65
N LYS A 1314 -16.53 21.52 17.55
CA LYS A 1314 -16.50 22.98 17.54
C LYS A 1314 -17.85 23.52 17.09
N TYR A 1315 -18.31 24.57 17.77
CA TYR A 1315 -19.55 25.25 17.43
C TYR A 1315 -19.19 26.73 17.24
N PHE A 1316 -19.00 27.15 16.00
CA PHE A 1316 -18.62 28.51 15.66
C PHE A 1316 -17.33 28.91 16.38
N ASP A 1317 -16.26 28.19 16.06
CA ASP A 1317 -14.92 28.46 16.58
C ASP A 1317 -14.84 28.38 18.10
N THR A 1318 -15.82 27.74 18.74
CA THR A 1318 -15.81 27.53 20.19
C THR A 1318 -15.63 26.03 20.43
N THR A 1319 -14.38 25.59 20.40
CA THR A 1319 -14.08 24.17 20.57
C THR A 1319 -14.38 23.72 22.00
N ILE A 1320 -14.93 22.53 22.12
CA ILE A 1320 -15.30 21.94 23.42
C ILE A 1320 -14.58 20.61 23.55
N ASP A 1321 -13.80 20.47 24.62
CA ASP A 1321 -13.00 19.27 24.80
C ASP A 1321 -13.89 18.09 25.20
N ARG A 1322 -13.41 16.89 24.92
CA ARG A 1322 -14.11 15.67 25.25
C ARG A 1322 -14.16 15.46 26.77
N LYS A 1323 -15.18 14.74 27.21
CA LYS A 1323 -15.35 14.38 28.63
C LYS A 1323 -15.18 12.87 28.76
N ARG A 1324 -13.99 12.44 29.15
CA ARG A 1324 -13.69 11.02 29.22
C ARG A 1324 -14.15 10.42 30.54
N TYR A 1325 -14.80 9.26 30.45
CA TYR A 1325 -15.23 8.50 31.63
C TYR A 1325 -14.03 7.72 32.17
N THR A 1326 -13.35 8.30 33.15
CA THR A 1326 -12.09 7.75 33.67
C THR A 1326 -12.29 6.81 34.86
N SER A 1327 -13.35 6.00 34.85
CA SER A 1327 -13.58 5.05 35.93
C SER A 1327 -14.48 3.93 35.43
N THR A 1328 -14.46 2.81 36.16
CA THR A 1328 -15.30 1.66 35.85
C THR A 1328 -15.96 1.10 37.11
N LYS A 1329 -16.11 1.92 38.15
CA LYS A 1329 -16.67 1.41 39.40
C LYS A 1329 -18.15 1.10 39.27
N GLU A 1330 -18.88 1.88 38.47
CA GLU A 1330 -20.31 1.62 38.30
C GLU A 1330 -20.55 0.34 37.51
N VAL A 1331 -19.72 0.08 36.50
CA VAL A 1331 -19.85 -1.12 35.68
C VAL A 1331 -19.78 -2.37 36.55
N LEU A 1332 -19.06 -2.31 37.66
CA LEU A 1332 -18.92 -3.46 38.55
C LEU A 1332 -20.27 -3.94 39.09
N ASP A 1333 -21.30 -3.08 39.08
CA ASP A 1333 -22.63 -3.47 39.51
C ASP A 1333 -23.66 -3.32 38.40
N ALA A 1334 -23.23 -3.15 37.16
CA ALA A 1334 -24.15 -2.90 36.06
C ALA A 1334 -24.81 -4.20 35.60
N THR A 1335 -25.61 -4.09 34.55
CA THR A 1335 -26.19 -5.26 33.89
C THR A 1335 -25.38 -5.50 32.62
N LEU A 1336 -24.51 -6.52 32.67
CA LEU A 1336 -23.70 -6.86 31.51
C LEU A 1336 -24.55 -7.53 30.45
N ILE A 1337 -24.44 -7.07 29.21
CA ILE A 1337 -25.27 -7.54 28.11
C ILE A 1337 -24.35 -8.17 27.07
N HIS A 1338 -24.46 -9.49 26.90
CA HIS A 1338 -23.79 -10.18 25.80
C HIS A 1338 -24.76 -10.27 24.63
N GLN A 1339 -24.49 -9.50 23.57
CA GLN A 1339 -25.35 -9.43 22.40
C GLN A 1339 -24.79 -10.28 21.27
N SER A 1340 -25.68 -10.95 20.54
CA SER A 1340 -25.27 -11.76 19.42
C SER A 1340 -24.72 -10.88 18.29
N ILE A 1341 -24.36 -11.53 17.18
CA ILE A 1341 -23.81 -10.79 16.04
C ILE A 1341 -24.80 -9.75 15.54
N THR A 1342 -26.08 -10.08 15.54
CA THR A 1342 -27.12 -9.14 15.12
C THR A 1342 -27.75 -8.40 16.30
N GLY A 1343 -27.47 -8.80 17.53
CA GLY A 1343 -28.09 -8.18 18.68
C GLY A 1343 -29.49 -8.65 18.99
N LEU A 1344 -30.00 -9.65 18.28
CA LEU A 1344 -31.35 -10.15 18.55
C LEU A 1344 -31.35 -11.11 19.74
N TYR A 1345 -30.33 -11.95 19.86
CA TYR A 1345 -30.21 -12.89 20.97
C TYR A 1345 -29.28 -12.28 22.02
N GLU A 1346 -29.86 -11.79 23.11
CA GLU A 1346 -29.11 -11.16 24.18
C GLU A 1346 -29.10 -12.06 25.41
N THR A 1347 -28.08 -11.87 26.25
CA THR A 1347 -28.02 -12.50 27.56
C THR A 1347 -27.57 -11.47 28.57
N ARG A 1348 -28.41 -11.21 29.58
CA ARG A 1348 -28.15 -10.20 30.59
C ARG A 1348 -27.68 -10.85 31.89
N ILE A 1349 -26.72 -10.22 32.55
CA ILE A 1349 -26.17 -10.70 33.80
C ILE A 1349 -26.13 -9.53 34.79
N ASP A 1350 -26.81 -9.69 35.92
CA ASP A 1350 -26.79 -8.67 36.97
C ASP A 1350 -25.51 -8.84 37.77
N LEU A 1351 -24.60 -7.86 37.66
CA LEU A 1351 -23.35 -7.92 38.39
C LEU A 1351 -23.47 -7.45 39.83
N SER A 1352 -24.63 -6.91 40.22
CA SER A 1352 -24.82 -6.49 41.60
C SER A 1352 -24.89 -7.66 42.56
N GLN A 1353 -25.29 -8.85 42.08
CA GLN A 1353 -25.40 -10.04 42.90
C GLN A 1353 -24.11 -10.85 42.94
N LEU A 1354 -22.96 -10.18 42.98
CA LEU A 1354 -21.67 -10.86 43.02
C LEU A 1354 -20.78 -10.45 44.19
N GLY A 1355 -20.96 -9.27 44.76
CA GLY A 1355 -20.13 -8.81 45.86
C GLY A 1355 -20.38 -9.55 47.16
#